data_1KDU
# 
_entry.id   1KDU 
# 
_audit_conform.dict_name       mmcif_pdbx.dic 
_audit_conform.dict_version    5.397 
_audit_conform.dict_location   http://mmcif.pdb.org/dictionaries/ascii/mmcif_pdbx.dic 
# 
loop_
_database_2.database_id 
_database_2.database_code 
_database_2.pdbx_database_accession 
_database_2.pdbx_DOI 
PDB   1KDU         pdb_00001kdu 10.2210/pdb1kdu/pdb 
WWPDB D_1000174416 ?            ?                   
# 
loop_
_pdbx_audit_revision_history.ordinal 
_pdbx_audit_revision_history.data_content_type 
_pdbx_audit_revision_history.major_revision 
_pdbx_audit_revision_history.minor_revision 
_pdbx_audit_revision_history.revision_date 
1 'Structure model' 1 0 1993-10-31 
2 'Structure model' 1 1 2008-03-03 
3 'Structure model' 1 2 2011-07-13 
4 'Structure model' 1 3 2012-08-01 
5 'Structure model' 1 4 2024-06-05 
6 'Structure model' 1 5 2024-10-16 
# 
_pdbx_audit_revision_details.ordinal             1 
_pdbx_audit_revision_details.revision_ordinal    1 
_pdbx_audit_revision_details.data_content_type   'Structure model' 
_pdbx_audit_revision_details.provider            repository 
_pdbx_audit_revision_details.type                'Initial release' 
_pdbx_audit_revision_details.description         ? 
_pdbx_audit_revision_details.details             ? 
# 
loop_
_pdbx_audit_revision_group.ordinal 
_pdbx_audit_revision_group.revision_ordinal 
_pdbx_audit_revision_group.data_content_type 
_pdbx_audit_revision_group.group 
1 2 'Structure model' 'Version format compliance' 
2 3 'Structure model' 'Version format compliance' 
3 4 'Structure model' 'Database references'       
4 5 'Structure model' 'Data collection'           
5 5 'Structure model' 'Database references'       
6 5 'Structure model' Other                       
7 6 'Structure model' 'Structure summary'         
# 
loop_
_pdbx_audit_revision_category.ordinal 
_pdbx_audit_revision_category.revision_ordinal 
_pdbx_audit_revision_category.data_content_type 
_pdbx_audit_revision_category.category 
1 5 'Structure model' chem_comp_atom            
2 5 'Structure model' chem_comp_bond            
3 5 'Structure model' database_2                
4 5 'Structure model' pdbx_database_status      
5 6 'Structure model' pdbx_entry_details        
6 6 'Structure model' pdbx_modification_feature 
# 
loop_
_pdbx_audit_revision_item.ordinal 
_pdbx_audit_revision_item.revision_ordinal 
_pdbx_audit_revision_item.data_content_type 
_pdbx_audit_revision_item.item 
1 5 'Structure model' '_database_2.pdbx_DOI'                
2 5 'Structure model' '_database_2.pdbx_database_accession' 
3 5 'Structure model' '_pdbx_database_status.process_site'  
# 
_pdbx_database_status.status_code                     REL 
_pdbx_database_status.entry_id                        1KDU 
_pdbx_database_status.recvd_initial_deposition_date   1993-07-15 
_pdbx_database_status.deposit_site                    ? 
_pdbx_database_status.process_site                    BNL 
_pdbx_database_status.SG_entry                        . 
_pdbx_database_status.status_code_sf                  ? 
_pdbx_database_status.status_code_mr                  ? 
_pdbx_database_status.status_code_cs                  ? 
_pdbx_database_status.pdb_format_compatible           Y 
_pdbx_database_status.status_code_nmr_data            ? 
_pdbx_database_status.methods_development_category    ? 
# 
loop_
_audit_author.name 
_audit_author.pdbx_ordinal 
'Li, X.'        1 
'Bokman, A.M.'  2 
'Llinas, M.'    3 
'Smith, R.A.G.' 4 
'Dobson, C.M.'  5 
# 
loop_
_citation.id 
_citation.title 
_citation.journal_abbrev 
_citation.journal_volume 
_citation.page_first 
_citation.page_last 
_citation.year 
_citation.journal_id_ASTM 
_citation.country 
_citation.journal_id_ISSN 
_citation.journal_id_CSD 
_citation.book_publisher 
_citation.pdbx_database_id_PubMed 
_citation.pdbx_database_id_DOI 
primary 'Solution structure of the kringle domain from urokinase-type plasminogen activator.'    J.Mol.Biol.       235 1548 1559 
1994 JMOBAK UK 0022-2836 0070 ? 8107091 10.1006/jmbi.1994.1106 
1       'Solution Structure of the Kringle Domain from the Urokinase-Type Plasminogen Activator' 'To be Published' ?   ?    ?    ? 
?      ?  ?         0353 ? ?       ?                      
# 
loop_
_citation_author.citation_id 
_citation_author.name 
_citation_author.ordinal 
_citation_author.identifier_ORCID 
primary 'Li, X.'        1  ? 
primary 'Bokman, A.M.'  2  ? 
primary 'Llinas, M.'    3  ? 
primary 'Smith, R.A.'   4  ? 
primary 'Dobson, C.M.'  5  ? 
1       'Li, X.'        6  ? 
1       'Bokman, A.M.'  7  ? 
1       'Llinas, M.'    8  ? 
1       'Smith, R.A.G.' 9  ? 
1       'Dobson, C.M.'  10 ? 
# 
_entity.id                         1 
_entity.type                       polymer 
_entity.src_method                 man 
_entity.pdbx_description           'PLASMINOGEN ACTIVATOR' 
_entity.formula_weight             9753.018 
_entity.pdbx_number_of_molecules   1 
_entity.pdbx_ec                    ? 
_entity.pdbx_mutation              ? 
_entity.pdbx_fragment              ? 
_entity.details                    ? 
# 
_entity_poly.entity_id                      1 
_entity_poly.type                           'polypeptide(L)' 
_entity_poly.nstd_linkage                   no 
_entity_poly.nstd_monomer                   no 
_entity_poly.pdbx_seq_one_letter_code       
;TCYEGNGHFYRGKASTDTMGRPCLPWNSATVLQQTYHAHRSDALQLGLGKHNYCRNPDNRRRPWCYVQVGLKPLVQECMV
HDCAD
;
_entity_poly.pdbx_seq_one_letter_code_can   
;TCYEGNGHFYRGKASTDTMGRPCLPWNSATVLQQTYHAHRSDALQLGLGKHNYCRNPDNRRRPWCYVQVGLKPLVQECMV
HDCAD
;
_entity_poly.pdbx_strand_id                 A 
_entity_poly.pdbx_target_identifier         ? 
# 
loop_
_entity_poly_seq.entity_id 
_entity_poly_seq.num 
_entity_poly_seq.mon_id 
_entity_poly_seq.hetero 
1 1  THR n 
1 2  CYS n 
1 3  TYR n 
1 4  GLU n 
1 5  GLY n 
1 6  ASN n 
1 7  GLY n 
1 8  HIS n 
1 9  PHE n 
1 10 TYR n 
1 11 ARG n 
1 12 GLY n 
1 13 LYS n 
1 14 ALA n 
1 15 SER n 
1 16 THR n 
1 17 ASP n 
1 18 THR n 
1 19 MET n 
1 20 GLY n 
1 21 ARG n 
1 22 PRO n 
1 23 CYS n 
1 24 LEU n 
1 25 PRO n 
1 26 TRP n 
1 27 ASN n 
1 28 SER n 
1 29 ALA n 
1 30 THR n 
1 31 VAL n 
1 32 LEU n 
1 33 GLN n 
1 34 GLN n 
1 35 THR n 
1 36 TYR n 
1 37 HIS n 
1 38 ALA n 
1 39 HIS n 
1 40 ARG n 
1 41 SER n 
1 42 ASP n 
1 43 ALA n 
1 44 LEU n 
1 45 GLN n 
1 46 LEU n 
1 47 GLY n 
1 48 LEU n 
1 49 GLY n 
1 50 LYS n 
1 51 HIS n 
1 52 ASN n 
1 53 TYR n 
1 54 CYS n 
1 55 ARG n 
1 56 ASN n 
1 57 PRO n 
1 58 ASP n 
1 59 ASN n 
1 60 ARG n 
1 61 ARG n 
1 62 ARG n 
1 63 PRO n 
1 64 TRP n 
1 65 CYS n 
1 66 TYR n 
1 67 VAL n 
1 68 GLN n 
1 69 VAL n 
1 70 GLY n 
1 71 LEU n 
1 72 LYS n 
1 73 PRO n 
1 74 LEU n 
1 75 VAL n 
1 76 GLN n 
1 77 GLU n 
1 78 CYS n 
1 79 MET n 
1 80 VAL n 
1 81 HIS n 
1 82 ASP n 
1 83 CYS n 
1 84 ALA n 
1 85 ASP n 
# 
_entity_src_gen.entity_id                          1 
_entity_src_gen.pdbx_src_id                        1 
_entity_src_gen.pdbx_alt_source_flag               sample 
_entity_src_gen.pdbx_seq_type                      ? 
_entity_src_gen.pdbx_beg_seq_num                   ? 
_entity_src_gen.pdbx_end_seq_num                   ? 
_entity_src_gen.gene_src_common_name               human 
_entity_src_gen.gene_src_genus                     Homo 
_entity_src_gen.pdbx_gene_src_gene                 ? 
_entity_src_gen.gene_src_species                   ? 
_entity_src_gen.gene_src_strain                    ? 
_entity_src_gen.gene_src_tissue                    ? 
_entity_src_gen.gene_src_tissue_fraction           ? 
_entity_src_gen.gene_src_details                   ? 
_entity_src_gen.pdbx_gene_src_fragment             ? 
_entity_src_gen.pdbx_gene_src_scientific_name      'Homo sapiens' 
_entity_src_gen.pdbx_gene_src_ncbi_taxonomy_id     9606 
_entity_src_gen.pdbx_gene_src_variant              ? 
_entity_src_gen.pdbx_gene_src_cell_line            ? 
_entity_src_gen.pdbx_gene_src_atcc                 ? 
_entity_src_gen.pdbx_gene_src_organ                ? 
_entity_src_gen.pdbx_gene_src_organelle            ? 
_entity_src_gen.pdbx_gene_src_cell                 ? 
_entity_src_gen.pdbx_gene_src_cellular_location    ? 
_entity_src_gen.host_org_common_name               ? 
_entity_src_gen.pdbx_host_org_scientific_name      ? 
_entity_src_gen.pdbx_host_org_ncbi_taxonomy_id     ? 
_entity_src_gen.host_org_genus                     ? 
_entity_src_gen.pdbx_host_org_gene                 ? 
_entity_src_gen.pdbx_host_org_organ                ? 
_entity_src_gen.host_org_species                   ? 
_entity_src_gen.pdbx_host_org_tissue               ? 
_entity_src_gen.pdbx_host_org_tissue_fraction      ? 
_entity_src_gen.pdbx_host_org_strain               ? 
_entity_src_gen.pdbx_host_org_variant              ? 
_entity_src_gen.pdbx_host_org_cell_line            ? 
_entity_src_gen.pdbx_host_org_atcc                 ? 
_entity_src_gen.pdbx_host_org_culture_collection   ? 
_entity_src_gen.pdbx_host_org_cell                 ? 
_entity_src_gen.pdbx_host_org_organelle            ? 
_entity_src_gen.pdbx_host_org_cellular_location    ? 
_entity_src_gen.pdbx_host_org_vector_type          ? 
_entity_src_gen.pdbx_host_org_vector               ? 
_entity_src_gen.host_org_details                   ? 
_entity_src_gen.expression_system_id               ? 
_entity_src_gen.plasmid_name                       ? 
_entity_src_gen.plasmid_details                    ? 
_entity_src_gen.pdbx_description                   ? 
# 
loop_
_chem_comp.id 
_chem_comp.type 
_chem_comp.mon_nstd_flag 
_chem_comp.name 
_chem_comp.pdbx_synonyms 
_chem_comp.formula 
_chem_comp.formula_weight 
ALA 'L-peptide linking' y ALANINE         ? 'C3 H7 N O2'     89.093  
ARG 'L-peptide linking' y ARGININE        ? 'C6 H15 N4 O2 1' 175.209 
ASN 'L-peptide linking' y ASPARAGINE      ? 'C4 H8 N2 O3'    132.118 
ASP 'L-peptide linking' y 'ASPARTIC ACID' ? 'C4 H7 N O4'     133.103 
CYS 'L-peptide linking' y CYSTEINE        ? 'C3 H7 N O2 S'   121.158 
GLN 'L-peptide linking' y GLUTAMINE       ? 'C5 H10 N2 O3'   146.144 
GLU 'L-peptide linking' y 'GLUTAMIC ACID' ? 'C5 H9 N O4'     147.129 
GLY 'peptide linking'   y GLYCINE         ? 'C2 H5 N O2'     75.067  
HIS 'L-peptide linking' y HISTIDINE       ? 'C6 H10 N3 O2 1' 156.162 
LEU 'L-peptide linking' y LEUCINE         ? 'C6 H13 N O2'    131.173 
LYS 'L-peptide linking' y LYSINE          ? 'C6 H15 N2 O2 1' 147.195 
MET 'L-peptide linking' y METHIONINE      ? 'C5 H11 N O2 S'  149.211 
PHE 'L-peptide linking' y PHENYLALANINE   ? 'C9 H11 N O2'    165.189 
PRO 'L-peptide linking' y PROLINE         ? 'C5 H9 N O2'     115.130 
SER 'L-peptide linking' y SERINE          ? 'C3 H7 N O3'     105.093 
THR 'L-peptide linking' y THREONINE       ? 'C4 H9 N O3'     119.119 
TRP 'L-peptide linking' y TRYPTOPHAN      ? 'C11 H12 N2 O2'  204.225 
TYR 'L-peptide linking' y TYROSINE        ? 'C9 H11 N O3'    181.189 
VAL 'L-peptide linking' y VALINE          ? 'C5 H11 N O2'    117.146 
# 
loop_
_pdbx_poly_seq_scheme.asym_id 
_pdbx_poly_seq_scheme.entity_id 
_pdbx_poly_seq_scheme.seq_id 
_pdbx_poly_seq_scheme.mon_id 
_pdbx_poly_seq_scheme.ndb_seq_num 
_pdbx_poly_seq_scheme.pdb_seq_num 
_pdbx_poly_seq_scheme.auth_seq_num 
_pdbx_poly_seq_scheme.pdb_mon_id 
_pdbx_poly_seq_scheme.auth_mon_id 
_pdbx_poly_seq_scheme.pdb_strand_id 
_pdbx_poly_seq_scheme.pdb_ins_code 
_pdbx_poly_seq_scheme.hetero 
A 1 1  THR 1  -1 -1 THR THR A . n 
A 1 2  CYS 2  1  1  CYS CYS A . n 
A 1 3  TYR 3  2  2  TYR TYR A . n 
A 1 4  GLU 4  3  3  GLU GLU A . n 
A 1 5  GLY 5  4  4  GLY GLY A . n 
A 1 6  ASN 6  5  5  ASN ASN A . n 
A 1 7  GLY 7  6  6  GLY GLY A . n 
A 1 8  HIS 8  7  7  HIS HIS A . n 
A 1 9  PHE 9  8  8  PHE PHE A . n 
A 1 10 TYR 10 9  9  TYR TYR A . n 
A 1 11 ARG 11 10 10 ARG ARG A . n 
A 1 12 GLY 12 11 11 GLY GLY A . n 
A 1 13 LYS 13 12 12 LYS LYS A . n 
A 1 14 ALA 14 13 13 ALA ALA A . n 
A 1 15 SER 15 14 14 SER SER A . n 
A 1 16 THR 16 15 15 THR THR A . n 
A 1 17 ASP 17 16 16 ASP ASP A . n 
A 1 18 THR 18 17 17 THR THR A . n 
A 1 19 MET 19 18 18 MET MET A . n 
A 1 20 GLY 20 19 19 GLY GLY A . n 
A 1 21 ARG 21 20 20 ARG ARG A . n 
A 1 22 PRO 22 21 21 PRO PRO A . n 
A 1 23 CYS 23 22 22 CYS CYS A . n 
A 1 24 LEU 24 23 23 LEU LEU A . n 
A 1 25 PRO 25 24 24 PRO PRO A . n 
A 1 26 TRP 26 25 25 TRP TRP A . n 
A 1 27 ASN 27 26 26 ASN ASN A . n 
A 1 28 SER 28 27 27 SER SER A . n 
A 1 29 ALA 29 28 28 ALA ALA A . n 
A 1 30 THR 30 30 30 THR THR A . n 
A 1 31 VAL 31 31 31 VAL VAL A . n 
A 1 32 LEU 32 32 32 LEU LEU A . n 
A 1 33 GLN 33 33 33 GLN GLN A . n 
A 1 34 GLN 34 34 34 GLN GLN A . n 
A 1 35 THR 35 35 35 THR THR A . n 
A 1 36 TYR 36 36 36 TYR TYR A . n 
A 1 37 HIS 37 37 37 HIS HIS A . n 
A 1 38 ALA 38 39 39 ALA ALA A . n 
A 1 39 HIS 39 40 40 HIS HIS A . n 
A 1 40 ARG 40 41 41 ARG ARG A . n 
A 1 41 SER 41 42 42 SER SER A . n 
A 1 42 ASP 42 43 43 ASP ASP A . n 
A 1 43 ALA 43 44 44 ALA ALA A . n 
A 1 44 LEU 44 44 44 LEU LEU A A n 
A 1 45 GLN 45 44 44 GLN GLN A B n 
A 1 46 LEU 46 44 44 LEU LEU A C n 
A 1 47 GLY 47 45 45 GLY GLY A . n 
A 1 48 LEU 48 46 46 LEU LEU A . n 
A 1 49 GLY 49 47 47 GLY GLY A . n 
A 1 50 LYS 50 48 48 LYS LYS A . n 
A 1 51 HIS 51 48 48 HIS HIS A A n 
A 1 52 ASN 52 49 49 ASN ASN A . n 
A 1 53 TYR 53 50 50 TYR TYR A . n 
A 1 54 CYS 54 51 51 CYS CYS A . n 
A 1 55 ARG 55 52 52 ARG ARG A . n 
A 1 56 ASN 56 53 53 ASN ASN A . n 
A 1 57 PRO 57 54 54 PRO PRO A . n 
A 1 58 ASP 58 55 55 ASP ASP A . n 
A 1 59 ASN 59 56 56 ASN ASN A . n 
A 1 60 ARG 60 57 57 ARG ARG A . n 
A 1 61 ARG 61 58 58 ARG ARG A . n 
A 1 62 ARG 62 60 60 ARG ARG A . n 
A 1 63 PRO 63 61 61 PRO PRO A . n 
A 1 64 TRP 64 62 62 TRP TRP A . n 
A 1 65 CYS 65 63 63 CYS CYS A . n 
A 1 66 TYR 66 64 64 TYR TYR A . n 
A 1 67 VAL 67 65 65 VAL VAL A . n 
A 1 68 GLN 68 66 66 GLN GLN A . n 
A 1 69 VAL 69 66 66 VAL VAL A A n 
A 1 70 GLY 70 67 67 GLY GLY A . n 
A 1 71 LEU 71 68 68 LEU LEU A . n 
A 1 72 LYS 72 69 69 LYS LYS A . n 
A 1 73 PRO 73 70 70 PRO PRO A . n 
A 1 74 LEU 74 71 71 LEU LEU A . n 
A 1 75 VAL 75 72 72 VAL VAL A . n 
A 1 76 GLN 76 73 73 GLN GLN A . n 
A 1 77 GLU 77 74 74 GLU GLU A . n 
A 1 78 CYS 78 75 75 CYS CYS A . n 
A 1 79 MET 79 76 76 MET MET A . n 
A 1 80 VAL 80 77 77 VAL VAL A . n 
A 1 81 HIS 81 78 78 HIS HIS A . n 
A 1 82 ASP 82 79 79 ASP ASP A . n 
A 1 83 CYS 83 80 80 CYS CYS A . n 
A 1 84 ALA 84 81 81 ALA ALA A . n 
A 1 85 ASP 85 82 82 ASP ASP A . n 
# 
loop_
_software.name 
_software.classification 
_software.version 
_software.citation_id 
_software.pdbx_ordinal 
X-PLOR 'model building' . ? 1 
X-PLOR refinement       . ? 2 
X-PLOR phasing          . ? 3 
# 
_cell.entry_id           1KDU 
_cell.length_a           1.000 
_cell.length_b           1.000 
_cell.length_c           1.000 
_cell.angle_alpha        90.00 
_cell.angle_beta         90.00 
_cell.angle_gamma        90.00 
_cell.Z_PDB              1 
_cell.pdbx_unique_axis   ? 
# 
_symmetry.entry_id                         1KDU 
_symmetry.space_group_name_H-M             'P 1' 
_symmetry.pdbx_full_space_group_name_H-M   ? 
_symmetry.cell_setting                     ? 
_symmetry.Int_Tables_number                1 
# 
_exptl.entry_id          1KDU 
_exptl.method            'SOLUTION NMR' 
_exptl.crystals_number   ? 
# 
_struct.entry_id                  1KDU 
_struct.title                     'SEQUENTIAL 1H NMR ASSIGNMENTS AND SECONDARY STRUCTURE OF THE KRINGLE DOMAIN FROM UROKINASE' 
_struct.pdbx_model_details        ? 
_struct.pdbx_CASP_flag            ? 
_struct.pdbx_model_type_details   ? 
# 
_struct_keywords.entry_id        1KDU 
_struct_keywords.pdbx_keywords   'PLASMINOGEN ACTIVATION' 
_struct_keywords.text            'PLASMINOGEN ACTIVATION' 
# 
_struct_asym.id                            A 
_struct_asym.pdbx_blank_PDB_chainid_flag   Y 
_struct_asym.pdbx_modified                 N 
_struct_asym.entity_id                     1 
_struct_asym.details                       ? 
# 
_struct_ref.id                         1 
_struct_ref.db_name                    UNP 
_struct_ref.db_code                    UROK_HUMAN 
_struct_ref.entity_id                  1 
_struct_ref.pdbx_db_accession          P00749 
_struct_ref.pdbx_align_begin           1 
_struct_ref.pdbx_seq_one_letter_code   
;MRALLARLLLCVLVVSDSKGSNELHQVPSNCDCLNGGTCVSNKYFSNIHWCNCPKKFGGQHCEIDKSKTCYEGNGHFYRG
KASTDTMGRPCLPWNSATVLQQTYHAHRSDALQLGLGKHNYCRNPDNRRRPWCYVQVGLKPLVQECMVHDCADGKKPSSP
PEELKFQCGQKTLRPRFKIIGGEFTTIENQPWFAAIYRRHRGGSVTYVCGGSLMSPCWVISATHCFIDYPKKEDYIVYLG
RSRLNSNTQGEMKFEVENLILHKDYSADTLAHHNDIALLKIRSKEGRCAQPSRTIQTICLPSMYNDPQFGTSCEITGFGK
ENSTDYLYPEQLKMTVVKLISHRECQQPHYYGSEVTTKMLCAADPQWKTDSCQGDSGGPLVCSLQGRMTLTGIVSWGRGC
ALKDKPGVYTRVSHFLPWIRSHTKEENGLAL
;
_struct_ref.pdbx_db_isoform            ? 
# 
_struct_ref_seq.align_id                      1 
_struct_ref_seq.ref_id                        1 
_struct_ref_seq.pdbx_PDB_id_code              1KDU 
_struct_ref_seq.pdbx_strand_id                A 
_struct_ref_seq.seq_align_beg                 1 
_struct_ref_seq.pdbx_seq_align_beg_ins_code   ? 
_struct_ref_seq.seq_align_end                 85 
_struct_ref_seq.pdbx_seq_align_end_ins_code   ? 
_struct_ref_seq.pdbx_db_accession             P00749 
_struct_ref_seq.db_align_beg                  69 
_struct_ref_seq.pdbx_db_align_beg_ins_code    ? 
_struct_ref_seq.db_align_end                  153 
_struct_ref_seq.pdbx_db_align_end_ins_code    ? 
_struct_ref_seq.pdbx_auth_seq_align_beg       -1 
_struct_ref_seq.pdbx_auth_seq_align_end       82 
# 
_pdbx_struct_assembly.id                   1 
_pdbx_struct_assembly.details              author_defined_assembly 
_pdbx_struct_assembly.method_details       ? 
_pdbx_struct_assembly.oligomeric_details   monomeric 
_pdbx_struct_assembly.oligomeric_count     1 
# 
_pdbx_struct_assembly_gen.assembly_id       1 
_pdbx_struct_assembly_gen.oper_expression   1 
_pdbx_struct_assembly_gen.asym_id_list      A 
# 
_pdbx_struct_oper_list.id                   1 
_pdbx_struct_oper_list.type                 'identity operation' 
_pdbx_struct_oper_list.name                 1_555 
_pdbx_struct_oper_list.symmetry_operation   x,y,z 
_pdbx_struct_oper_list.matrix[1][1]         1.0000000000 
_pdbx_struct_oper_list.matrix[1][2]         0.0000000000 
_pdbx_struct_oper_list.matrix[1][3]         0.0000000000 
_pdbx_struct_oper_list.vector[1]            0.0000000000 
_pdbx_struct_oper_list.matrix[2][1]         0.0000000000 
_pdbx_struct_oper_list.matrix[2][2]         1.0000000000 
_pdbx_struct_oper_list.matrix[2][3]         0.0000000000 
_pdbx_struct_oper_list.vector[2]            0.0000000000 
_pdbx_struct_oper_list.matrix[3][1]         0.0000000000 
_pdbx_struct_oper_list.matrix[3][2]         0.0000000000 
_pdbx_struct_oper_list.matrix[3][3]         1.0000000000 
_pdbx_struct_oper_list.vector[3]            0.0000000000 
# 
_struct_biol.id   1 
# 
loop_
_struct_conf.conf_type_id 
_struct_conf.id 
_struct_conf.pdbx_PDB_helix_id 
_struct_conf.beg_label_comp_id 
_struct_conf.beg_label_asym_id 
_struct_conf.beg_label_seq_id 
_struct_conf.pdbx_beg_PDB_ins_code 
_struct_conf.end_label_comp_id 
_struct_conf.end_label_asym_id 
_struct_conf.end_label_seq_id 
_struct_conf.pdbx_end_PDB_ins_code 
_struct_conf.beg_auth_comp_id 
_struct_conf.beg_auth_asym_id 
_struct_conf.beg_auth_seq_id 
_struct_conf.end_auth_comp_id 
_struct_conf.end_auth_asym_id 
_struct_conf.end_auth_seq_id 
_struct_conf.pdbx_PDB_helix_class 
_struct_conf.details 
_struct_conf.pdbx_PDB_helix_length 
HELX_P HELX_P1 H1 ALA A 29 ? GLN A 33 ? ALA A 28 GLN A 33 1 '1/5, DISORDERED' 5 
HELX_P HELX_P2 H2 SER A 41 ? LEU A 46 C SER A 42 LEU A 44 1 DISORDERED        6 
# 
_struct_conf_type.id          HELX_P 
_struct_conf_type.criteria    ? 
_struct_conf_type.reference   ? 
# 
loop_
_struct_conn.id 
_struct_conn.conn_type_id 
_struct_conn.pdbx_leaving_atom_flag 
_struct_conn.pdbx_PDB_id 
_struct_conn.ptnr1_label_asym_id 
_struct_conn.ptnr1_label_comp_id 
_struct_conn.ptnr1_label_seq_id 
_struct_conn.ptnr1_label_atom_id 
_struct_conn.pdbx_ptnr1_label_alt_id 
_struct_conn.pdbx_ptnr1_PDB_ins_code 
_struct_conn.pdbx_ptnr1_standard_comp_id 
_struct_conn.ptnr1_symmetry 
_struct_conn.ptnr2_label_asym_id 
_struct_conn.ptnr2_label_comp_id 
_struct_conn.ptnr2_label_seq_id 
_struct_conn.ptnr2_label_atom_id 
_struct_conn.pdbx_ptnr2_label_alt_id 
_struct_conn.pdbx_ptnr2_PDB_ins_code 
_struct_conn.ptnr1_auth_asym_id 
_struct_conn.ptnr1_auth_comp_id 
_struct_conn.ptnr1_auth_seq_id 
_struct_conn.ptnr2_auth_asym_id 
_struct_conn.ptnr2_auth_comp_id 
_struct_conn.ptnr2_auth_seq_id 
_struct_conn.ptnr2_symmetry 
_struct_conn.pdbx_ptnr3_label_atom_id 
_struct_conn.pdbx_ptnr3_label_seq_id 
_struct_conn.pdbx_ptnr3_label_comp_id 
_struct_conn.pdbx_ptnr3_label_asym_id 
_struct_conn.pdbx_ptnr3_label_alt_id 
_struct_conn.pdbx_ptnr3_PDB_ins_code 
_struct_conn.details 
_struct_conn.pdbx_dist_value 
_struct_conn.pdbx_value_order 
_struct_conn.pdbx_role 
disulf1 disulf ? ? A CYS 2  SG ? ? ? 1_555 A CYS 83 SG ? ? A CYS 1  A CYS 80 1_555 ? ? ? ? ? ? ? 2.020 ? ? 
disulf2 disulf ? ? A CYS 23 SG ? ? ? 1_555 A CYS 65 SG ? ? A CYS 22 A CYS 63 1_555 ? ? ? ? ? ? ? 2.020 ? ? 
disulf3 disulf ? ? A CYS 54 SG ? ? ? 1_555 A CYS 78 SG ? ? A CYS 51 A CYS 75 1_555 ? ? ? ? ? ? ? 2.020 ? ? 
# 
_struct_conn_type.id          disulf 
_struct_conn_type.criteria    ? 
_struct_conn_type.reference   ? 
# 
loop_
_pdbx_modification_feature.ordinal 
_pdbx_modification_feature.label_comp_id 
_pdbx_modification_feature.label_asym_id 
_pdbx_modification_feature.label_seq_id 
_pdbx_modification_feature.label_alt_id 
_pdbx_modification_feature.modified_residue_label_comp_id 
_pdbx_modification_feature.modified_residue_label_asym_id 
_pdbx_modification_feature.modified_residue_label_seq_id 
_pdbx_modification_feature.modified_residue_label_alt_id 
_pdbx_modification_feature.auth_comp_id 
_pdbx_modification_feature.auth_asym_id 
_pdbx_modification_feature.auth_seq_id 
_pdbx_modification_feature.PDB_ins_code 
_pdbx_modification_feature.symmetry 
_pdbx_modification_feature.modified_residue_auth_comp_id 
_pdbx_modification_feature.modified_residue_auth_asym_id 
_pdbx_modification_feature.modified_residue_auth_seq_id 
_pdbx_modification_feature.modified_residue_PDB_ins_code 
_pdbx_modification_feature.modified_residue_symmetry 
_pdbx_modification_feature.comp_id_linking_atom 
_pdbx_modification_feature.modified_residue_id_linking_atom 
_pdbx_modification_feature.modified_residue_id 
_pdbx_modification_feature.ref_pcm_id 
_pdbx_modification_feature.ref_comp_id 
_pdbx_modification_feature.type 
_pdbx_modification_feature.category 
1 CYS A 2  ? CYS A 83 ? CYS A 1  ? 1_555 CYS A 80 ? 1_555 SG SG . . . None 'Disulfide bridge' 
2 CYS A 23 ? CYS A 65 ? CYS A 22 ? 1_555 CYS A 63 ? 1_555 SG SG . . . None 'Disulfide bridge' 
3 CYS A 54 ? CYS A 78 ? CYS A 51 ? 1_555 CYS A 75 ? 1_555 SG SG . . . None 'Disulfide bridge' 
# 
loop_
_struct_sheet.id 
_struct_sheet.type 
_struct_sheet.number_strands 
_struct_sheet.details 
B1 ? 2 ? 
B2 ? 2 ? 
B3 ? 2 ? 
# 
loop_
_struct_sheet_order.sheet_id 
_struct_sheet_order.range_id_1 
_struct_sheet_order.range_id_2 
_struct_sheet_order.offset 
_struct_sheet_order.sense 
B1 1 2 ? anti-parallel 
B2 1 2 ? anti-parallel 
B3 1 2 ? anti-parallel 
# 
loop_
_struct_sheet_range.sheet_id 
_struct_sheet_range.id 
_struct_sheet_range.beg_label_comp_id 
_struct_sheet_range.beg_label_asym_id 
_struct_sheet_range.beg_label_seq_id 
_struct_sheet_range.pdbx_beg_PDB_ins_code 
_struct_sheet_range.end_label_comp_id 
_struct_sheet_range.end_label_asym_id 
_struct_sheet_range.end_label_seq_id 
_struct_sheet_range.pdbx_end_PDB_ins_code 
_struct_sheet_range.beg_auth_comp_id 
_struct_sheet_range.beg_auth_asym_id 
_struct_sheet_range.beg_auth_seq_id 
_struct_sheet_range.end_auth_comp_id 
_struct_sheet_range.end_auth_asym_id 
_struct_sheet_range.end_auth_seq_id 
B1 1 THR A 16 ? ASP A 17 ? THR A 15 ASP A 16 
B1 2 ARG A 21 ? CYS A 23 ? ARG A 20 CYS A 22 
B2 1 PRO A 25 ? TRP A 26 ? PRO A 24 TRP A 25 
B2 2 HIS A 51 A ASN A 52 ? HIS A 48 ASN A 49 
B3 1 TRP A 64 ? GLN A 68 ? TRP A 62 GLN A 66 
B3 2 PRO A 73 ? GLU A 77 ? PRO A 70 GLU A 74 
# 
loop_
_pdbx_struct_sheet_hbond.sheet_id 
_pdbx_struct_sheet_hbond.range_id_1 
_pdbx_struct_sheet_hbond.range_id_2 
_pdbx_struct_sheet_hbond.range_1_label_atom_id 
_pdbx_struct_sheet_hbond.range_1_label_comp_id 
_pdbx_struct_sheet_hbond.range_1_label_asym_id 
_pdbx_struct_sheet_hbond.range_1_label_seq_id 
_pdbx_struct_sheet_hbond.range_1_PDB_ins_code 
_pdbx_struct_sheet_hbond.range_1_auth_atom_id 
_pdbx_struct_sheet_hbond.range_1_auth_comp_id 
_pdbx_struct_sheet_hbond.range_1_auth_asym_id 
_pdbx_struct_sheet_hbond.range_1_auth_seq_id 
_pdbx_struct_sheet_hbond.range_2_label_atom_id 
_pdbx_struct_sheet_hbond.range_2_label_comp_id 
_pdbx_struct_sheet_hbond.range_2_label_asym_id 
_pdbx_struct_sheet_hbond.range_2_label_seq_id 
_pdbx_struct_sheet_hbond.range_2_PDB_ins_code 
_pdbx_struct_sheet_hbond.range_2_auth_atom_id 
_pdbx_struct_sheet_hbond.range_2_auth_comp_id 
_pdbx_struct_sheet_hbond.range_2_auth_asym_id 
_pdbx_struct_sheet_hbond.range_2_auth_seq_id 
B1 1 2 N ASP A 17 ? N ASP A 16 O ARG A 21 ? O ARG A 20 
B2 1 2 N TRP A 26 ? N TRP A 25 O HIS A 51 A O HIS A 48 
B3 1 2 N CYS A 65 ? N CYS A 63 O GLN A 76 ? O GLN A 73 
# 
loop_
_struct_site.id 
_struct_site.pdbx_evidence_code 
_struct_site.pdbx_auth_asym_id 
_struct_site.pdbx_auth_comp_id 
_struct_site.pdbx_auth_seq_id 
_struct_site.pdbx_auth_ins_code 
_struct_site.pdbx_num_residues 
_struct_site.details 
BD1 Unknown ? ? ? ? 3 ? 
BD2 Unknown ? ? ? ? 2 ? 
# 
loop_
_struct_site_gen.id 
_struct_site_gen.site_id 
_struct_site_gen.pdbx_num_res 
_struct_site_gen.label_comp_id 
_struct_site_gen.label_asym_id 
_struct_site_gen.label_seq_id 
_struct_site_gen.pdbx_auth_ins_code 
_struct_site_gen.auth_comp_id 
_struct_site_gen.auth_asym_id 
_struct_site_gen.auth_seq_id 
_struct_site_gen.label_atom_id 
_struct_site_gen.label_alt_id 
_struct_site_gen.symmetry 
_struct_site_gen.details 
1 BD1 3 ARG A 60 ? ARG A 57 . ? 1_555 ? 
2 BD1 3 ARG A 61 ? ARG A 58 . ? 1_555 ? 
3 BD1 3 ARG A 62 ? ARG A 60 . ? 1_555 ? 
4 BD2 2 HIS A 37 ? HIS A 37 . ? 1_555 ? 
5 BD2 2 HIS A 39 ? HIS A 40 . ? 1_555 ? 
# 
_pdbx_entry_details.entry_id                   1KDU 
_pdbx_entry_details.compound_details           ? 
_pdbx_entry_details.source_details             ? 
_pdbx_entry_details.nonpolymer_details         ? 
_pdbx_entry_details.sequence_details           ? 
_pdbx_entry_details.has_ligand_of_interest     ? 
_pdbx_entry_details.has_protein_modification   Y 
# 
loop_
_pdbx_validate_rmsd_bond.id 
_pdbx_validate_rmsd_bond.PDB_model_num 
_pdbx_validate_rmsd_bond.auth_atom_id_1 
_pdbx_validate_rmsd_bond.auth_asym_id_1 
_pdbx_validate_rmsd_bond.auth_comp_id_1 
_pdbx_validate_rmsd_bond.auth_seq_id_1 
_pdbx_validate_rmsd_bond.PDB_ins_code_1 
_pdbx_validate_rmsd_bond.label_alt_id_1 
_pdbx_validate_rmsd_bond.auth_atom_id_2 
_pdbx_validate_rmsd_bond.auth_asym_id_2 
_pdbx_validate_rmsd_bond.auth_comp_id_2 
_pdbx_validate_rmsd_bond.auth_seq_id_2 
_pdbx_validate_rmsd_bond.PDB_ins_code_2 
_pdbx_validate_rmsd_bond.label_alt_id_2 
_pdbx_validate_rmsd_bond.bond_value 
_pdbx_validate_rmsd_bond.bond_target_value 
_pdbx_validate_rmsd_bond.bond_deviation 
_pdbx_validate_rmsd_bond.bond_standard_deviation 
_pdbx_validate_rmsd_bond.linker_flag 
1 1 CG  A TRP 25 ? ? CD2 A TRP 25 ? ? 1.317 1.432 -0.115 0.017 N 
2 1 CG  A HIS 40 ? ? ND1 A HIS 40 ? ? 1.258 1.369 -0.111 0.015 N 
3 1 NE2 A HIS 48 A ? CD2 A HIS 48 A ? 1.300 1.373 -0.073 0.011 N 
# 
loop_
_pdbx_validate_rmsd_angle.id 
_pdbx_validate_rmsd_angle.PDB_model_num 
_pdbx_validate_rmsd_angle.auth_atom_id_1 
_pdbx_validate_rmsd_angle.auth_asym_id_1 
_pdbx_validate_rmsd_angle.auth_comp_id_1 
_pdbx_validate_rmsd_angle.auth_seq_id_1 
_pdbx_validate_rmsd_angle.PDB_ins_code_1 
_pdbx_validate_rmsd_angle.label_alt_id_1 
_pdbx_validate_rmsd_angle.auth_atom_id_2 
_pdbx_validate_rmsd_angle.auth_asym_id_2 
_pdbx_validate_rmsd_angle.auth_comp_id_2 
_pdbx_validate_rmsd_angle.auth_seq_id_2 
_pdbx_validate_rmsd_angle.PDB_ins_code_2 
_pdbx_validate_rmsd_angle.label_alt_id_2 
_pdbx_validate_rmsd_angle.auth_atom_id_3 
_pdbx_validate_rmsd_angle.auth_asym_id_3 
_pdbx_validate_rmsd_angle.auth_comp_id_3 
_pdbx_validate_rmsd_angle.auth_seq_id_3 
_pdbx_validate_rmsd_angle.PDB_ins_code_3 
_pdbx_validate_rmsd_angle.label_alt_id_3 
_pdbx_validate_rmsd_angle.angle_value 
_pdbx_validate_rmsd_angle.angle_target_value 
_pdbx_validate_rmsd_angle.angle_deviation 
_pdbx_validate_rmsd_angle.angle_standard_deviation 
_pdbx_validate_rmsd_angle.linker_flag 
1  1 CA  A TRP 25 ? ? CB  A TRP 25 ? ? CG  A TRP 25 ? ? 99.69  113.70 -14.01 1.90 N 
2  1 CD1 A TRP 25 ? ? NE1 A TRP 25 ? ? CE2 A TRP 25 ? ? 116.44 109.00 7.44   0.90 N 
3  1 NE1 A TRP 25 ? ? CE2 A TRP 25 ? ? CZ2 A TRP 25 ? ? 141.39 130.40 10.99  1.10 N 
4  1 NE1 A TRP 25 ? ? CE2 A TRP 25 ? ? CD2 A TRP 25 ? ? 99.32  107.30 -7.98  1.00 N 
5  1 CG  A TRP 25 ? ? CD2 A TRP 25 ? ? CE3 A TRP 25 ? ? 125.68 133.90 -8.22  0.90 N 
6  1 N   A HIS 40 ? ? CA  A HIS 40 ? ? CB  A HIS 40 ? ? 98.07  110.60 -12.53 1.80 N 
7  1 CD1 A TRP 62 ? ? CG  A TRP 62 ? ? CD2 A TRP 62 ? ? 111.24 106.30 4.94   0.80 N 
8  1 CG  A TRP 62 ? ? CD1 A TRP 62 ? ? NE1 A TRP 62 ? ? 103.10 110.10 -7.00  1.00 N 
9  1 CD1 A TRP 62 ? ? NE1 A TRP 62 ? ? CE2 A TRP 62 ? ? 115.85 109.00 6.85   0.90 N 
10 1 NE1 A TRP 62 ? ? CE2 A TRP 62 ? ? CZ2 A TRP 62 ? ? 137.88 130.40 7.48   1.10 N 
# 
loop_
_pdbx_validate_torsion.id 
_pdbx_validate_torsion.PDB_model_num 
_pdbx_validate_torsion.auth_comp_id 
_pdbx_validate_torsion.auth_asym_id 
_pdbx_validate_torsion.auth_seq_id 
_pdbx_validate_torsion.PDB_ins_code 
_pdbx_validate_torsion.label_alt_id 
_pdbx_validate_torsion.phi 
_pdbx_validate_torsion.psi 
1  1 CYS A 1  ? ? -120.45 -55.14  
2  1 HIS A 7  ? ? -78.25  -80.43  
3  1 ARG A 10 ? ? 24.01   86.59   
4  1 LYS A 12 ? ? -106.37 69.60   
5  1 GLN A 34 ? ? -61.58  -148.73 
6  1 LYS A 48 ? ? 47.71   27.66   
7  1 HIS A 48 A ? -79.72  -167.76 
8  1 ARG A 52 ? ? -133.70 -157.70 
9  1 ASN A 53 ? ? -104.02 47.02   
10 1 PRO A 54 ? ? -55.62  -7.27   
11 1 ASP A 55 ? ? -128.09 -75.12  
12 1 ASN A 56 ? ? 151.08  47.91   
13 1 MET A 76 ? ? -78.12  34.75   
14 1 VAL A 77 ? ? -79.43  -158.11 
15 1 CYS A 80 ? ? 62.55   75.46   
# 
loop_
_pdbx_validate_planes.id 
_pdbx_validate_planes.PDB_model_num 
_pdbx_validate_planes.auth_comp_id 
_pdbx_validate_planes.auth_asym_id 
_pdbx_validate_planes.auth_seq_id 
_pdbx_validate_planes.PDB_ins_code 
_pdbx_validate_planes.label_alt_id 
_pdbx_validate_planes.rmsd 
_pdbx_validate_planes.type 
1 1 ARG A 10 ? ? 0.128 'SIDE CHAIN' 
2 1 ARG A 20 ? ? 0.311 'SIDE CHAIN' 
3 1 ARG A 41 ? ? 0.309 'SIDE CHAIN' 
4 1 ARG A 52 ? ? 0.161 'SIDE CHAIN' 
5 1 ARG A 57 ? ? 0.184 'SIDE CHAIN' 
6 1 ARG A 58 ? ? 0.195 'SIDE CHAIN' 
7 1 ARG A 60 ? ? 0.292 'SIDE CHAIN' 
# 
_pdbx_nmr_ensemble.entry_id                             1KDU 
_pdbx_nmr_ensemble.conformers_calculated_total_number   ? 
_pdbx_nmr_ensemble.conformers_submitted_total_number    1 
_pdbx_nmr_ensemble.conformer_selection_criteria         ? 
# 
_pdbx_nmr_software.classification   refinement 
_pdbx_nmr_software.name             X-PLOR 
_pdbx_nmr_software.version          ? 
_pdbx_nmr_software.authors          BRUNGER 
_pdbx_nmr_software.ordinal          1 
# 
loop_
_chem_comp_atom.comp_id 
_chem_comp_atom.atom_id 
_chem_comp_atom.type_symbol 
_chem_comp_atom.pdbx_aromatic_flag 
_chem_comp_atom.pdbx_stereo_config 
_chem_comp_atom.pdbx_ordinal 
ALA N    N N N 1   
ALA CA   C N S 2   
ALA C    C N N 3   
ALA O    O N N 4   
ALA CB   C N N 5   
ALA OXT  O N N 6   
ALA H    H N N 7   
ALA H2   H N N 8   
ALA HA   H N N 9   
ALA HB1  H N N 10  
ALA HB2  H N N 11  
ALA HB3  H N N 12  
ALA HXT  H N N 13  
ARG N    N N N 14  
ARG CA   C N S 15  
ARG C    C N N 16  
ARG O    O N N 17  
ARG CB   C N N 18  
ARG CG   C N N 19  
ARG CD   C N N 20  
ARG NE   N N N 21  
ARG CZ   C N N 22  
ARG NH1  N N N 23  
ARG NH2  N N N 24  
ARG OXT  O N N 25  
ARG H    H N N 26  
ARG H2   H N N 27  
ARG HA   H N N 28  
ARG HB2  H N N 29  
ARG HB3  H N N 30  
ARG HG2  H N N 31  
ARG HG3  H N N 32  
ARG HD2  H N N 33  
ARG HD3  H N N 34  
ARG HE   H N N 35  
ARG HH11 H N N 36  
ARG HH12 H N N 37  
ARG HH21 H N N 38  
ARG HH22 H N N 39  
ARG HXT  H N N 40  
ASN N    N N N 41  
ASN CA   C N S 42  
ASN C    C N N 43  
ASN O    O N N 44  
ASN CB   C N N 45  
ASN CG   C N N 46  
ASN OD1  O N N 47  
ASN ND2  N N N 48  
ASN OXT  O N N 49  
ASN H    H N N 50  
ASN H2   H N N 51  
ASN HA   H N N 52  
ASN HB2  H N N 53  
ASN HB3  H N N 54  
ASN HD21 H N N 55  
ASN HD22 H N N 56  
ASN HXT  H N N 57  
ASP N    N N N 58  
ASP CA   C N S 59  
ASP C    C N N 60  
ASP O    O N N 61  
ASP CB   C N N 62  
ASP CG   C N N 63  
ASP OD1  O N N 64  
ASP OD2  O N N 65  
ASP OXT  O N N 66  
ASP H    H N N 67  
ASP H2   H N N 68  
ASP HA   H N N 69  
ASP HB2  H N N 70  
ASP HB3  H N N 71  
ASP HD2  H N N 72  
ASP HXT  H N N 73  
CYS N    N N N 74  
CYS CA   C N R 75  
CYS C    C N N 76  
CYS O    O N N 77  
CYS CB   C N N 78  
CYS SG   S N N 79  
CYS OXT  O N N 80  
CYS H    H N N 81  
CYS H2   H N N 82  
CYS HA   H N N 83  
CYS HB2  H N N 84  
CYS HB3  H N N 85  
CYS HG   H N N 86  
CYS HXT  H N N 87  
GLN N    N N N 88  
GLN CA   C N S 89  
GLN C    C N N 90  
GLN O    O N N 91  
GLN CB   C N N 92  
GLN CG   C N N 93  
GLN CD   C N N 94  
GLN OE1  O N N 95  
GLN NE2  N N N 96  
GLN OXT  O N N 97  
GLN H    H N N 98  
GLN H2   H N N 99  
GLN HA   H N N 100 
GLN HB2  H N N 101 
GLN HB3  H N N 102 
GLN HG2  H N N 103 
GLN HG3  H N N 104 
GLN HE21 H N N 105 
GLN HE22 H N N 106 
GLN HXT  H N N 107 
GLU N    N N N 108 
GLU CA   C N S 109 
GLU C    C N N 110 
GLU O    O N N 111 
GLU CB   C N N 112 
GLU CG   C N N 113 
GLU CD   C N N 114 
GLU OE1  O N N 115 
GLU OE2  O N N 116 
GLU OXT  O N N 117 
GLU H    H N N 118 
GLU H2   H N N 119 
GLU HA   H N N 120 
GLU HB2  H N N 121 
GLU HB3  H N N 122 
GLU HG2  H N N 123 
GLU HG3  H N N 124 
GLU HE2  H N N 125 
GLU HXT  H N N 126 
GLY N    N N N 127 
GLY CA   C N N 128 
GLY C    C N N 129 
GLY O    O N N 130 
GLY OXT  O N N 131 
GLY H    H N N 132 
GLY H2   H N N 133 
GLY HA2  H N N 134 
GLY HA3  H N N 135 
GLY HXT  H N N 136 
HIS N    N N N 137 
HIS CA   C N S 138 
HIS C    C N N 139 
HIS O    O N N 140 
HIS CB   C N N 141 
HIS CG   C Y N 142 
HIS ND1  N Y N 143 
HIS CD2  C Y N 144 
HIS CE1  C Y N 145 
HIS NE2  N Y N 146 
HIS OXT  O N N 147 
HIS H    H N N 148 
HIS H2   H N N 149 
HIS HA   H N N 150 
HIS HB2  H N N 151 
HIS HB3  H N N 152 
HIS HD1  H N N 153 
HIS HD2  H N N 154 
HIS HE1  H N N 155 
HIS HE2  H N N 156 
HIS HXT  H N N 157 
LEU N    N N N 158 
LEU CA   C N S 159 
LEU C    C N N 160 
LEU O    O N N 161 
LEU CB   C N N 162 
LEU CG   C N N 163 
LEU CD1  C N N 164 
LEU CD2  C N N 165 
LEU OXT  O N N 166 
LEU H    H N N 167 
LEU H2   H N N 168 
LEU HA   H N N 169 
LEU HB2  H N N 170 
LEU HB3  H N N 171 
LEU HG   H N N 172 
LEU HD11 H N N 173 
LEU HD12 H N N 174 
LEU HD13 H N N 175 
LEU HD21 H N N 176 
LEU HD22 H N N 177 
LEU HD23 H N N 178 
LEU HXT  H N N 179 
LYS N    N N N 180 
LYS CA   C N S 181 
LYS C    C N N 182 
LYS O    O N N 183 
LYS CB   C N N 184 
LYS CG   C N N 185 
LYS CD   C N N 186 
LYS CE   C N N 187 
LYS NZ   N N N 188 
LYS OXT  O N N 189 
LYS H    H N N 190 
LYS H2   H N N 191 
LYS HA   H N N 192 
LYS HB2  H N N 193 
LYS HB3  H N N 194 
LYS HG2  H N N 195 
LYS HG3  H N N 196 
LYS HD2  H N N 197 
LYS HD3  H N N 198 
LYS HE2  H N N 199 
LYS HE3  H N N 200 
LYS HZ1  H N N 201 
LYS HZ2  H N N 202 
LYS HZ3  H N N 203 
LYS HXT  H N N 204 
MET N    N N N 205 
MET CA   C N S 206 
MET C    C N N 207 
MET O    O N N 208 
MET CB   C N N 209 
MET CG   C N N 210 
MET SD   S N N 211 
MET CE   C N N 212 
MET OXT  O N N 213 
MET H    H N N 214 
MET H2   H N N 215 
MET HA   H N N 216 
MET HB2  H N N 217 
MET HB3  H N N 218 
MET HG2  H N N 219 
MET HG3  H N N 220 
MET HE1  H N N 221 
MET HE2  H N N 222 
MET HE3  H N N 223 
MET HXT  H N N 224 
PHE N    N N N 225 
PHE CA   C N S 226 
PHE C    C N N 227 
PHE O    O N N 228 
PHE CB   C N N 229 
PHE CG   C Y N 230 
PHE CD1  C Y N 231 
PHE CD2  C Y N 232 
PHE CE1  C Y N 233 
PHE CE2  C Y N 234 
PHE CZ   C Y N 235 
PHE OXT  O N N 236 
PHE H    H N N 237 
PHE H2   H N N 238 
PHE HA   H N N 239 
PHE HB2  H N N 240 
PHE HB3  H N N 241 
PHE HD1  H N N 242 
PHE HD2  H N N 243 
PHE HE1  H N N 244 
PHE HE2  H N N 245 
PHE HZ   H N N 246 
PHE HXT  H N N 247 
PRO N    N N N 248 
PRO CA   C N S 249 
PRO C    C N N 250 
PRO O    O N N 251 
PRO CB   C N N 252 
PRO CG   C N N 253 
PRO CD   C N N 254 
PRO OXT  O N N 255 
PRO H    H N N 256 
PRO HA   H N N 257 
PRO HB2  H N N 258 
PRO HB3  H N N 259 
PRO HG2  H N N 260 
PRO HG3  H N N 261 
PRO HD2  H N N 262 
PRO HD3  H N N 263 
PRO HXT  H N N 264 
SER N    N N N 265 
SER CA   C N S 266 
SER C    C N N 267 
SER O    O N N 268 
SER CB   C N N 269 
SER OG   O N N 270 
SER OXT  O N N 271 
SER H    H N N 272 
SER H2   H N N 273 
SER HA   H N N 274 
SER HB2  H N N 275 
SER HB3  H N N 276 
SER HG   H N N 277 
SER HXT  H N N 278 
THR N    N N N 279 
THR CA   C N S 280 
THR C    C N N 281 
THR O    O N N 282 
THR CB   C N R 283 
THR OG1  O N N 284 
THR CG2  C N N 285 
THR OXT  O N N 286 
THR H    H N N 287 
THR H2   H N N 288 
THR HA   H N N 289 
THR HB   H N N 290 
THR HG1  H N N 291 
THR HG21 H N N 292 
THR HG22 H N N 293 
THR HG23 H N N 294 
THR HXT  H N N 295 
TRP N    N N N 296 
TRP CA   C N S 297 
TRP C    C N N 298 
TRP O    O N N 299 
TRP CB   C N N 300 
TRP CG   C Y N 301 
TRP CD1  C Y N 302 
TRP CD2  C Y N 303 
TRP NE1  N Y N 304 
TRP CE2  C Y N 305 
TRP CE3  C Y N 306 
TRP CZ2  C Y N 307 
TRP CZ3  C Y N 308 
TRP CH2  C Y N 309 
TRP OXT  O N N 310 
TRP H    H N N 311 
TRP H2   H N N 312 
TRP HA   H N N 313 
TRP HB2  H N N 314 
TRP HB3  H N N 315 
TRP HD1  H N N 316 
TRP HE1  H N N 317 
TRP HE3  H N N 318 
TRP HZ2  H N N 319 
TRP HZ3  H N N 320 
TRP HH2  H N N 321 
TRP HXT  H N N 322 
TYR N    N N N 323 
TYR CA   C N S 324 
TYR C    C N N 325 
TYR O    O N N 326 
TYR CB   C N N 327 
TYR CG   C Y N 328 
TYR CD1  C Y N 329 
TYR CD2  C Y N 330 
TYR CE1  C Y N 331 
TYR CE2  C Y N 332 
TYR CZ   C Y N 333 
TYR OH   O N N 334 
TYR OXT  O N N 335 
TYR H    H N N 336 
TYR H2   H N N 337 
TYR HA   H N N 338 
TYR HB2  H N N 339 
TYR HB3  H N N 340 
TYR HD1  H N N 341 
TYR HD2  H N N 342 
TYR HE1  H N N 343 
TYR HE2  H N N 344 
TYR HH   H N N 345 
TYR HXT  H N N 346 
VAL N    N N N 347 
VAL CA   C N S 348 
VAL C    C N N 349 
VAL O    O N N 350 
VAL CB   C N N 351 
VAL CG1  C N N 352 
VAL CG2  C N N 353 
VAL OXT  O N N 354 
VAL H    H N N 355 
VAL H2   H N N 356 
VAL HA   H N N 357 
VAL HB   H N N 358 
VAL HG11 H N N 359 
VAL HG12 H N N 360 
VAL HG13 H N N 361 
VAL HG21 H N N 362 
VAL HG22 H N N 363 
VAL HG23 H N N 364 
VAL HXT  H N N 365 
# 
loop_
_chem_comp_bond.comp_id 
_chem_comp_bond.atom_id_1 
_chem_comp_bond.atom_id_2 
_chem_comp_bond.value_order 
_chem_comp_bond.pdbx_aromatic_flag 
_chem_comp_bond.pdbx_stereo_config 
_chem_comp_bond.pdbx_ordinal 
ALA N   CA   sing N N 1   
ALA N   H    sing N N 2   
ALA N   H2   sing N N 3   
ALA CA  C    sing N N 4   
ALA CA  CB   sing N N 5   
ALA CA  HA   sing N N 6   
ALA C   O    doub N N 7   
ALA C   OXT  sing N N 8   
ALA CB  HB1  sing N N 9   
ALA CB  HB2  sing N N 10  
ALA CB  HB3  sing N N 11  
ALA OXT HXT  sing N N 12  
ARG N   CA   sing N N 13  
ARG N   H    sing N N 14  
ARG N   H2   sing N N 15  
ARG CA  C    sing N N 16  
ARG CA  CB   sing N N 17  
ARG CA  HA   sing N N 18  
ARG C   O    doub N N 19  
ARG C   OXT  sing N N 20  
ARG CB  CG   sing N N 21  
ARG CB  HB2  sing N N 22  
ARG CB  HB3  sing N N 23  
ARG CG  CD   sing N N 24  
ARG CG  HG2  sing N N 25  
ARG CG  HG3  sing N N 26  
ARG CD  NE   sing N N 27  
ARG CD  HD2  sing N N 28  
ARG CD  HD3  sing N N 29  
ARG NE  CZ   sing N N 30  
ARG NE  HE   sing N N 31  
ARG CZ  NH1  sing N N 32  
ARG CZ  NH2  doub N N 33  
ARG NH1 HH11 sing N N 34  
ARG NH1 HH12 sing N N 35  
ARG NH2 HH21 sing N N 36  
ARG NH2 HH22 sing N N 37  
ARG OXT HXT  sing N N 38  
ASN N   CA   sing N N 39  
ASN N   H    sing N N 40  
ASN N   H2   sing N N 41  
ASN CA  C    sing N N 42  
ASN CA  CB   sing N N 43  
ASN CA  HA   sing N N 44  
ASN C   O    doub N N 45  
ASN C   OXT  sing N N 46  
ASN CB  CG   sing N N 47  
ASN CB  HB2  sing N N 48  
ASN CB  HB3  sing N N 49  
ASN CG  OD1  doub N N 50  
ASN CG  ND2  sing N N 51  
ASN ND2 HD21 sing N N 52  
ASN ND2 HD22 sing N N 53  
ASN OXT HXT  sing N N 54  
ASP N   CA   sing N N 55  
ASP N   H    sing N N 56  
ASP N   H2   sing N N 57  
ASP CA  C    sing N N 58  
ASP CA  CB   sing N N 59  
ASP CA  HA   sing N N 60  
ASP C   O    doub N N 61  
ASP C   OXT  sing N N 62  
ASP CB  CG   sing N N 63  
ASP CB  HB2  sing N N 64  
ASP CB  HB3  sing N N 65  
ASP CG  OD1  doub N N 66  
ASP CG  OD2  sing N N 67  
ASP OD2 HD2  sing N N 68  
ASP OXT HXT  sing N N 69  
CYS N   CA   sing N N 70  
CYS N   H    sing N N 71  
CYS N   H2   sing N N 72  
CYS CA  C    sing N N 73  
CYS CA  CB   sing N N 74  
CYS CA  HA   sing N N 75  
CYS C   O    doub N N 76  
CYS C   OXT  sing N N 77  
CYS CB  SG   sing N N 78  
CYS CB  HB2  sing N N 79  
CYS CB  HB3  sing N N 80  
CYS SG  HG   sing N N 81  
CYS OXT HXT  sing N N 82  
GLN N   CA   sing N N 83  
GLN N   H    sing N N 84  
GLN N   H2   sing N N 85  
GLN CA  C    sing N N 86  
GLN CA  CB   sing N N 87  
GLN CA  HA   sing N N 88  
GLN C   O    doub N N 89  
GLN C   OXT  sing N N 90  
GLN CB  CG   sing N N 91  
GLN CB  HB2  sing N N 92  
GLN CB  HB3  sing N N 93  
GLN CG  CD   sing N N 94  
GLN CG  HG2  sing N N 95  
GLN CG  HG3  sing N N 96  
GLN CD  OE1  doub N N 97  
GLN CD  NE2  sing N N 98  
GLN NE2 HE21 sing N N 99  
GLN NE2 HE22 sing N N 100 
GLN OXT HXT  sing N N 101 
GLU N   CA   sing N N 102 
GLU N   H    sing N N 103 
GLU N   H2   sing N N 104 
GLU CA  C    sing N N 105 
GLU CA  CB   sing N N 106 
GLU CA  HA   sing N N 107 
GLU C   O    doub N N 108 
GLU C   OXT  sing N N 109 
GLU CB  CG   sing N N 110 
GLU CB  HB2  sing N N 111 
GLU CB  HB3  sing N N 112 
GLU CG  CD   sing N N 113 
GLU CG  HG2  sing N N 114 
GLU CG  HG3  sing N N 115 
GLU CD  OE1  doub N N 116 
GLU CD  OE2  sing N N 117 
GLU OE2 HE2  sing N N 118 
GLU OXT HXT  sing N N 119 
GLY N   CA   sing N N 120 
GLY N   H    sing N N 121 
GLY N   H2   sing N N 122 
GLY CA  C    sing N N 123 
GLY CA  HA2  sing N N 124 
GLY CA  HA3  sing N N 125 
GLY C   O    doub N N 126 
GLY C   OXT  sing N N 127 
GLY OXT HXT  sing N N 128 
HIS N   CA   sing N N 129 
HIS N   H    sing N N 130 
HIS N   H2   sing N N 131 
HIS CA  C    sing N N 132 
HIS CA  CB   sing N N 133 
HIS CA  HA   sing N N 134 
HIS C   O    doub N N 135 
HIS C   OXT  sing N N 136 
HIS CB  CG   sing N N 137 
HIS CB  HB2  sing N N 138 
HIS CB  HB3  sing N N 139 
HIS CG  ND1  sing Y N 140 
HIS CG  CD2  doub Y N 141 
HIS ND1 CE1  doub Y N 142 
HIS ND1 HD1  sing N N 143 
HIS CD2 NE2  sing Y N 144 
HIS CD2 HD2  sing N N 145 
HIS CE1 NE2  sing Y N 146 
HIS CE1 HE1  sing N N 147 
HIS NE2 HE2  sing N N 148 
HIS OXT HXT  sing N N 149 
LEU N   CA   sing N N 150 
LEU N   H    sing N N 151 
LEU N   H2   sing N N 152 
LEU CA  C    sing N N 153 
LEU CA  CB   sing N N 154 
LEU CA  HA   sing N N 155 
LEU C   O    doub N N 156 
LEU C   OXT  sing N N 157 
LEU CB  CG   sing N N 158 
LEU CB  HB2  sing N N 159 
LEU CB  HB3  sing N N 160 
LEU CG  CD1  sing N N 161 
LEU CG  CD2  sing N N 162 
LEU CG  HG   sing N N 163 
LEU CD1 HD11 sing N N 164 
LEU CD1 HD12 sing N N 165 
LEU CD1 HD13 sing N N 166 
LEU CD2 HD21 sing N N 167 
LEU CD2 HD22 sing N N 168 
LEU CD2 HD23 sing N N 169 
LEU OXT HXT  sing N N 170 
LYS N   CA   sing N N 171 
LYS N   H    sing N N 172 
LYS N   H2   sing N N 173 
LYS CA  C    sing N N 174 
LYS CA  CB   sing N N 175 
LYS CA  HA   sing N N 176 
LYS C   O    doub N N 177 
LYS C   OXT  sing N N 178 
LYS CB  CG   sing N N 179 
LYS CB  HB2  sing N N 180 
LYS CB  HB3  sing N N 181 
LYS CG  CD   sing N N 182 
LYS CG  HG2  sing N N 183 
LYS CG  HG3  sing N N 184 
LYS CD  CE   sing N N 185 
LYS CD  HD2  sing N N 186 
LYS CD  HD3  sing N N 187 
LYS CE  NZ   sing N N 188 
LYS CE  HE2  sing N N 189 
LYS CE  HE3  sing N N 190 
LYS NZ  HZ1  sing N N 191 
LYS NZ  HZ2  sing N N 192 
LYS NZ  HZ3  sing N N 193 
LYS OXT HXT  sing N N 194 
MET N   CA   sing N N 195 
MET N   H    sing N N 196 
MET N   H2   sing N N 197 
MET CA  C    sing N N 198 
MET CA  CB   sing N N 199 
MET CA  HA   sing N N 200 
MET C   O    doub N N 201 
MET C   OXT  sing N N 202 
MET CB  CG   sing N N 203 
MET CB  HB2  sing N N 204 
MET CB  HB3  sing N N 205 
MET CG  SD   sing N N 206 
MET CG  HG2  sing N N 207 
MET CG  HG3  sing N N 208 
MET SD  CE   sing N N 209 
MET CE  HE1  sing N N 210 
MET CE  HE2  sing N N 211 
MET CE  HE3  sing N N 212 
MET OXT HXT  sing N N 213 
PHE N   CA   sing N N 214 
PHE N   H    sing N N 215 
PHE N   H2   sing N N 216 
PHE CA  C    sing N N 217 
PHE CA  CB   sing N N 218 
PHE CA  HA   sing N N 219 
PHE C   O    doub N N 220 
PHE C   OXT  sing N N 221 
PHE CB  CG   sing N N 222 
PHE CB  HB2  sing N N 223 
PHE CB  HB3  sing N N 224 
PHE CG  CD1  doub Y N 225 
PHE CG  CD2  sing Y N 226 
PHE CD1 CE1  sing Y N 227 
PHE CD1 HD1  sing N N 228 
PHE CD2 CE2  doub Y N 229 
PHE CD2 HD2  sing N N 230 
PHE CE1 CZ   doub Y N 231 
PHE CE1 HE1  sing N N 232 
PHE CE2 CZ   sing Y N 233 
PHE CE2 HE2  sing N N 234 
PHE CZ  HZ   sing N N 235 
PHE OXT HXT  sing N N 236 
PRO N   CA   sing N N 237 
PRO N   CD   sing N N 238 
PRO N   H    sing N N 239 
PRO CA  C    sing N N 240 
PRO CA  CB   sing N N 241 
PRO CA  HA   sing N N 242 
PRO C   O    doub N N 243 
PRO C   OXT  sing N N 244 
PRO CB  CG   sing N N 245 
PRO CB  HB2  sing N N 246 
PRO CB  HB3  sing N N 247 
PRO CG  CD   sing N N 248 
PRO CG  HG2  sing N N 249 
PRO CG  HG3  sing N N 250 
PRO CD  HD2  sing N N 251 
PRO CD  HD3  sing N N 252 
PRO OXT HXT  sing N N 253 
SER N   CA   sing N N 254 
SER N   H    sing N N 255 
SER N   H2   sing N N 256 
SER CA  C    sing N N 257 
SER CA  CB   sing N N 258 
SER CA  HA   sing N N 259 
SER C   O    doub N N 260 
SER C   OXT  sing N N 261 
SER CB  OG   sing N N 262 
SER CB  HB2  sing N N 263 
SER CB  HB3  sing N N 264 
SER OG  HG   sing N N 265 
SER OXT HXT  sing N N 266 
THR N   CA   sing N N 267 
THR N   H    sing N N 268 
THR N   H2   sing N N 269 
THR CA  C    sing N N 270 
THR CA  CB   sing N N 271 
THR CA  HA   sing N N 272 
THR C   O    doub N N 273 
THR C   OXT  sing N N 274 
THR CB  OG1  sing N N 275 
THR CB  CG2  sing N N 276 
THR CB  HB   sing N N 277 
THR OG1 HG1  sing N N 278 
THR CG2 HG21 sing N N 279 
THR CG2 HG22 sing N N 280 
THR CG2 HG23 sing N N 281 
THR OXT HXT  sing N N 282 
TRP N   CA   sing N N 283 
TRP N   H    sing N N 284 
TRP N   H2   sing N N 285 
TRP CA  C    sing N N 286 
TRP CA  CB   sing N N 287 
TRP CA  HA   sing N N 288 
TRP C   O    doub N N 289 
TRP C   OXT  sing N N 290 
TRP CB  CG   sing N N 291 
TRP CB  HB2  sing N N 292 
TRP CB  HB3  sing N N 293 
TRP CG  CD1  doub Y N 294 
TRP CG  CD2  sing Y N 295 
TRP CD1 NE1  sing Y N 296 
TRP CD1 HD1  sing N N 297 
TRP CD2 CE2  doub Y N 298 
TRP CD2 CE3  sing Y N 299 
TRP NE1 CE2  sing Y N 300 
TRP NE1 HE1  sing N N 301 
TRP CE2 CZ2  sing Y N 302 
TRP CE3 CZ3  doub Y N 303 
TRP CE3 HE3  sing N N 304 
TRP CZ2 CH2  doub Y N 305 
TRP CZ2 HZ2  sing N N 306 
TRP CZ3 CH2  sing Y N 307 
TRP CZ3 HZ3  sing N N 308 
TRP CH2 HH2  sing N N 309 
TRP OXT HXT  sing N N 310 
TYR N   CA   sing N N 311 
TYR N   H    sing N N 312 
TYR N   H2   sing N N 313 
TYR CA  C    sing N N 314 
TYR CA  CB   sing N N 315 
TYR CA  HA   sing N N 316 
TYR C   O    doub N N 317 
TYR C   OXT  sing N N 318 
TYR CB  CG   sing N N 319 
TYR CB  HB2  sing N N 320 
TYR CB  HB3  sing N N 321 
TYR CG  CD1  doub Y N 322 
TYR CG  CD2  sing Y N 323 
TYR CD1 CE1  sing Y N 324 
TYR CD1 HD1  sing N N 325 
TYR CD2 CE2  doub Y N 326 
TYR CD2 HD2  sing N N 327 
TYR CE1 CZ   doub Y N 328 
TYR CE1 HE1  sing N N 329 
TYR CE2 CZ   sing Y N 330 
TYR CE2 HE2  sing N N 331 
TYR CZ  OH   sing N N 332 
TYR OH  HH   sing N N 333 
TYR OXT HXT  sing N N 334 
VAL N   CA   sing N N 335 
VAL N   H    sing N N 336 
VAL N   H2   sing N N 337 
VAL CA  C    sing N N 338 
VAL CA  CB   sing N N 339 
VAL CA  HA   sing N N 340 
VAL C   O    doub N N 341 
VAL C   OXT  sing N N 342 
VAL CB  CG1  sing N N 343 
VAL CB  CG2  sing N N 344 
VAL CB  HB   sing N N 345 
VAL CG1 HG11 sing N N 346 
VAL CG1 HG12 sing N N 347 
VAL CG1 HG13 sing N N 348 
VAL CG2 HG21 sing N N 349 
VAL CG2 HG22 sing N N 350 
VAL CG2 HG23 sing N N 351 
VAL OXT HXT  sing N N 352 
# 
_atom_sites.entry_id                    1KDU 
_atom_sites.fract_transf_matrix[1][1]   1.000000 
_atom_sites.fract_transf_matrix[1][2]   0.000000 
_atom_sites.fract_transf_matrix[1][3]   0.000000 
_atom_sites.fract_transf_matrix[2][1]   0.000000 
_atom_sites.fract_transf_matrix[2][2]   1.000000 
_atom_sites.fract_transf_matrix[2][3]   0.000000 
_atom_sites.fract_transf_matrix[3][1]   0.000000 
_atom_sites.fract_transf_matrix[3][2]   0.000000 
_atom_sites.fract_transf_matrix[3][3]   1.000000 
_atom_sites.fract_transf_vector[1]      0.00000 
_atom_sites.fract_transf_vector[2]      0.00000 
_atom_sites.fract_transf_vector[3]      0.00000 
# 
loop_
_atom_type.symbol 
C 
H 
N 
O 
S 
# 
loop_
_atom_site.group_PDB 
_atom_site.id 
_atom_site.type_symbol 
_atom_site.label_atom_id 
_atom_site.label_alt_id 
_atom_site.label_comp_id 
_atom_site.label_asym_id 
_atom_site.label_entity_id 
_atom_site.label_seq_id 
_atom_site.pdbx_PDB_ins_code 
_atom_site.Cartn_x 
_atom_site.Cartn_y 
_atom_site.Cartn_z 
_atom_site.occupancy 
_atom_site.B_iso_or_equiv 
_atom_site.pdbx_formal_charge 
_atom_site.auth_seq_id 
_atom_site.auth_comp_id 
_atom_site.auth_asym_id 
_atom_site.auth_atom_id 
_atom_site.pdbx_PDB_model_num 
ATOM 1    N N    . THR A 1 1  ? 14.479  7.943   -12.669 1.00 0.00 ? -1 THR A N    1 
ATOM 2    C CA   . THR A 1 1  ? 13.170  8.373   -12.093 1.00 0.00 ? -1 THR A CA   1 
ATOM 3    C C    . THR A 1 1  ? 12.049  7.519   -12.706 1.00 0.00 ? -1 THR A C    1 
ATOM 4    O O    . THR A 1 1  ? 11.840  7.543   -13.904 1.00 0.00 ? -1 THR A O    1 
ATOM 5    C CB   . THR A 1 1  ? 12.902  9.873   -12.407 1.00 0.00 ? -1 THR A CB   1 
ATOM 6    O OG1  . THR A 1 1  ? 13.185  10.024  -13.792 1.00 0.00 ? -1 THR A OG1  1 
ATOM 7    C CG2  . THR A 1 1  ? 13.928  10.790  -11.716 1.00 0.00 ? -1 THR A CG2  1 
ATOM 8    H H1   . THR A 1 1  ? 14.319  7.240   -13.418 1.00 0.00 ? -1 THR A H1   1 
ATOM 9    H H2   . THR A 1 1  ? 14.969  8.768   -13.071 1.00 0.00 ? -1 THR A H2   1 
ATOM 10   H H3   . THR A 1 1  ? 15.066  7.523   -11.919 1.00 0.00 ? -1 THR A H3   1 
ATOM 11   H HA   . THR A 1 1  ? 13.194  8.211   -11.025 1.00 0.00 ? -1 THR A HA   1 
ATOM 12   H HB   . THR A 1 1  ? 11.884  10.171  -12.205 1.00 0.00 ? -1 THR A HB   1 
ATOM 13   H HG1  . THR A 1 1  ? 12.416  9.726   -14.285 1.00 0.00 ? -1 THR A HG1  1 
ATOM 14   H HG21 . THR A 1 1  ? 14.937  10.467  -11.925 1.00 0.00 ? -1 THR A HG21 1 
ATOM 15   H HG22 . THR A 1 1  ? 13.811  11.805  -12.070 1.00 0.00 ? -1 THR A HG22 1 
ATOM 16   H HG23 . THR A 1 1  ? 13.773  10.780  -10.647 1.00 0.00 ? -1 THR A HG23 1 
ATOM 17   N N    . CYS A 1 2  ? 11.368  6.793   -11.856 1.00 0.00 ? 1  CYS A N    1 
ATOM 18   C CA   . CYS A 1 2  ? 10.246  5.911   -12.303 1.00 0.00 ? 1  CYS A CA   1 
ATOM 19   C C    . CYS A 1 2  ? 8.957   6.348   -11.598 1.00 0.00 ? 1  CYS A C    1 
ATOM 20   O O    . CYS A 1 2  ? 7.978   6.627   -12.263 1.00 0.00 ? 1  CYS A O    1 
ATOM 21   C CB   . CYS A 1 2  ? 10.617  4.462   -11.955 1.00 0.00 ? 1  CYS A CB   1 
ATOM 22   S SG   . CYS A 1 2  ? 12.150  3.818   -12.672 1.00 0.00 ? 1  CYS A SG   1 
ATOM 23   H H    . CYS A 1 2  ? 11.598  6.827   -10.904 1.00 0.00 ? 1  CYS A H    1 
ATOM 24   H HA   . CYS A 1 2  ? 10.106  6.006   -13.371 1.00 0.00 ? 1  CYS A HA   1 
ATOM 25   H HB2  . CYS A 1 2  ? 10.700  4.376   -10.884 1.00 0.00 ? 1  CYS A HB2  1 
ATOM 26   H HB3  . CYS A 1 2  ? 9.815   3.815   -12.278 1.00 0.00 ? 1  CYS A HB3  1 
ATOM 27   N N    . TYR A 1 3  ? 8.982   6.394   -10.285 1.00 0.00 ? 2  TYR A N    1 
ATOM 28   C CA   . TYR A 1 3  ? 7.764   6.819   -9.523  1.00 0.00 ? 2  TYR A CA   1 
ATOM 29   C C    . TYR A 1 3  ? 7.983   8.286   -9.141  1.00 0.00 ? 2  TYR A C    1 
ATOM 30   O O    . TYR A 1 3  ? 8.666   8.589   -8.181  1.00 0.00 ? 2  TYR A O    1 
ATOM 31   C CB   . TYR A 1 3  ? 7.574   5.939   -8.223  1.00 0.00 ? 2  TYR A CB   1 
ATOM 32   C CG   . TYR A 1 3  ? 6.215   5.216   -8.335  1.00 0.00 ? 2  TYR A CG   1 
ATOM 33   C CD1  . TYR A 1 3  ? 5.077   5.987   -8.413  1.00 0.00 ? 2  TYR A CD1  1 
ATOM 34   C CD2  . TYR A 1 3  ? 6.072   3.839   -8.392  1.00 0.00 ? 2  TYR A CD2  1 
ATOM 35   C CE1  . TYR A 1 3  ? 3.834   5.427   -8.551  1.00 0.00 ? 2  TYR A CE1  1 
ATOM 36   C CE2  . TYR A 1 3  ? 4.824   3.280   -8.532  1.00 0.00 ? 2  TYR A CE2  1 
ATOM 37   C CZ   . TYR A 1 3  ? 3.692   4.064   -8.613  1.00 0.00 ? 2  TYR A CZ   1 
ATOM 38   O OH   . TYR A 1 3  ? 2.441   3.502   -8.763  1.00 0.00 ? 2  TYR A OH   1 
ATOM 39   H H    . TYR A 1 3  ? 9.799   6.151   -9.803  1.00 0.00 ? 2  TYR A H    1 
ATOM 40   H HA   . TYR A 1 3  ? 6.895   6.753   -10.165 1.00 0.00 ? 2  TYR A HA   1 
ATOM 41   H HB2  . TYR A 1 3  ? 8.364   5.219   -8.120  1.00 0.00 ? 2  TYR A HB2  1 
ATOM 42   H HB3  . TYR A 1 3  ? 7.553   6.555   -7.337  1.00 0.00 ? 2  TYR A HB3  1 
ATOM 43   H HD1  . TYR A 1 3  ? 5.162   7.054   -8.361  1.00 0.00 ? 2  TYR A HD1  1 
ATOM 44   H HD2  . TYR A 1 3  ? 6.916   3.169   -8.314  1.00 0.00 ? 2  TYR A HD2  1 
ATOM 45   H HE1  . TYR A 1 3  ? 2.974   6.070   -8.601  1.00 0.00 ? 2  TYR A HE1  1 
ATOM 46   H HE2  . TYR A 1 3  ? 4.742   2.210   -8.571  1.00 0.00 ? 2  TYR A HE2  1 
ATOM 47   H HH   . TYR A 1 3  ? 2.507   2.562   -8.579  1.00 0.00 ? 2  TYR A HH   1 
ATOM 48   N N    . GLU A 1 4  ? 7.388   9.149   -9.927  1.00 0.00 ? 3  GLU A N    1 
ATOM 49   C CA   . GLU A 1 4  ? 7.502   10.620  -9.689  1.00 0.00 ? 3  GLU A CA   1 
ATOM 50   C C    . GLU A 1 4  ? 6.616   10.945  -8.479  1.00 0.00 ? 3  GLU A C    1 
ATOM 51   O O    . GLU A 1 4  ? 5.453   11.275  -8.607  1.00 0.00 ? 3  GLU A O    1 
ATOM 52   C CB   . GLU A 1 4  ? 7.024   11.364  -10.957 1.00 0.00 ? 3  GLU A CB   1 
ATOM 53   C CG   . GLU A 1 4  ? 7.894   10.944  -12.174 1.00 0.00 ? 3  GLU A CG   1 
ATOM 54   C CD   . GLU A 1 4  ? 7.035   10.149  -13.175 1.00 0.00 ? 3  GLU A CD   1 
ATOM 55   O OE1  . GLU A 1 4  ? 6.687   9.032   -12.828 1.00 0.00 ? 3  GLU A OE1  1 
ATOM 56   O OE2  . GLU A 1 4  ? 6.772   10.704  -14.230 1.00 0.00 ? 3  GLU A OE2  1 
ATOM 57   H H    . GLU A 1 4  ? 6.858   8.823   -10.682 1.00 0.00 ? 3  GLU A H    1 
ATOM 58   H HA   . GLU A 1 4  ? 8.530   10.873  -9.462  1.00 0.00 ? 3  GLU A HA   1 
ATOM 59   H HB2  . GLU A 1 4  ? 5.983   11.137  -11.140 1.00 0.00 ? 3  GLU A HB2  1 
ATOM 60   H HB3  . GLU A 1 4  ? 7.117   12.429  -10.802 1.00 0.00 ? 3  GLU A HB3  1 
ATOM 61   H HG2  . GLU A 1 4  ? 8.289   11.825  -12.661 1.00 0.00 ? 3  GLU A HG2  1 
ATOM 62   H HG3  . GLU A 1 4  ? 8.727   10.325  -11.871 1.00 0.00 ? 3  GLU A HG3  1 
ATOM 63   N N    . GLY A 1 5  ? 7.230   10.829  -7.331  1.00 0.00 ? 4  GLY A N    1 
ATOM 64   C CA   . GLY A 1 5  ? 6.534   11.095  -6.041  1.00 0.00 ? 4  GLY A CA   1 
ATOM 65   C C    . GLY A 1 5  ? 6.162   9.742   -5.427  1.00 0.00 ? 4  GLY A C    1 
ATOM 66   O O    . GLY A 1 5  ? 6.992   8.859   -5.334  1.00 0.00 ? 4  GLY A O    1 
ATOM 67   H H    . GLY A 1 5  ? 8.171   10.557  -7.319  1.00 0.00 ? 4  GLY A H    1 
ATOM 68   H HA2  . GLY A 1 5  ? 7.204   11.617  -5.374  1.00 0.00 ? 4  GLY A HA2  1 
ATOM 69   H HA3  . GLY A 1 5  ? 5.645   11.688  -6.206  1.00 0.00 ? 4  GLY A HA3  1 
ATOM 70   N N    . ASN A 1 6  ? 4.921   9.629   -5.030  1.00 0.00 ? 5  ASN A N    1 
ATOM 71   C CA   . ASN A 1 6  ? 4.389   8.387   -4.411  1.00 0.00 ? 5  ASN A CA   1 
ATOM 72   C C    . ASN A 1 6  ? 3.280   7.769   -5.278  1.00 0.00 ? 5  ASN A C    1 
ATOM 73   O O    . ASN A 1 6  ? 3.140   6.562   -5.323  1.00 0.00 ? 5  ASN A O    1 
ATOM 74   C CB   . ASN A 1 6  ? 3.869   8.779   -3.015  1.00 0.00 ? 5  ASN A CB   1 
ATOM 75   C CG   . ASN A 1 6  ? 4.663   9.951   -2.411  1.00 0.00 ? 5  ASN A CG   1 
ATOM 76   O OD1  . ASN A 1 6  ? 5.853   9.861   -2.182  1.00 0.00 ? 5  ASN A OD1  1 
ATOM 77   N ND2  . ASN A 1 6  ? 4.040   11.064  -2.141  1.00 0.00 ? 5  ASN A ND2  1 
ATOM 78   H H    . ASN A 1 6  ? 4.296   10.371  -5.119  1.00 0.00 ? 5  ASN A H    1 
ATOM 79   H HA   . ASN A 1 6  ? 5.173   7.642   -4.351  1.00 0.00 ? 5  ASN A HA   1 
ATOM 80   H HB2  . ASN A 1 6  ? 2.830   9.058   -3.053  1.00 0.00 ? 5  ASN A HB2  1 
ATOM 81   H HB3  . ASN A 1 6  ? 3.977   7.948   -2.358  1.00 0.00 ? 5  ASN A HB3  1 
ATOM 82   H HD21 . ASN A 1 6  ? 3.125   11.208  -2.464  1.00 0.00 ? 5  ASN A HD21 1 
ATOM 83   H HD22 . ASN A 1 6  ? 4.487   11.758  -1.613  1.00 0.00 ? 5  ASN A HD22 1 
ATOM 84   N N    . GLY A 1 7  ? 2.529   8.615   -5.937  1.00 0.00 ? 6  GLY A N    1 
ATOM 85   C CA   . GLY A 1 7  ? 1.420   8.132   -6.815  1.00 0.00 ? 6  GLY A CA   1 
ATOM 86   C C    . GLY A 1 7  ? 0.198   7.705   -5.996  1.00 0.00 ? 6  GLY A C    1 
ATOM 87   O O    . GLY A 1 7  ? 0.211   6.690   -5.327  1.00 0.00 ? 6  GLY A O    1 
ATOM 88   H H    . GLY A 1 7  ? 2.697   9.576   -5.852  1.00 0.00 ? 6  GLY A H    1 
ATOM 89   H HA2  . GLY A 1 7  ? 1.137   8.931   -7.485  1.00 0.00 ? 6  GLY A HA2  1 
ATOM 90   H HA3  . GLY A 1 7  ? 1.762   7.292   -7.399  1.00 0.00 ? 6  GLY A HA3  1 
ATOM 91   N N    . HIS A 1 8  ? -0.821  8.518   -6.087  1.00 0.00 ? 7  HIS A N    1 
ATOM 92   C CA   . HIS A 1 8  ? -2.105  8.266   -5.359  1.00 0.00 ? 7  HIS A CA   1 
ATOM 93   C C    . HIS A 1 8  ? -2.899  7.194   -6.127  1.00 0.00 ? 7  HIS A C    1 
ATOM 94   O O    . HIS A 1 8  ? -2.884  6.034   -5.762  1.00 0.00 ? 7  HIS A O    1 
ATOM 95   C CB   . HIS A 1 8  ? -2.938  9.606   -5.261  1.00 0.00 ? 7  HIS A CB   1 
ATOM 96   C CG   . HIS A 1 8  ? -2.299  10.750  -6.067  1.00 0.00 ? 7  HIS A CG   1 
ATOM 97   N ND1  . HIS A 1 8  ? -1.820  11.837  -5.557  1.00 0.00 ? 7  HIS A ND1  1 
ATOM 98   C CD2  . HIS A 1 8  ? -2.086  10.893  -7.430  1.00 0.00 ? 7  HIS A CD2  1 
ATOM 99   C CE1  . HIS A 1 8  ? -1.352  12.593  -6.499  1.00 0.00 ? 7  HIS A CE1  1 
ATOM 100  N NE2  . HIS A 1 8  ? -1.496  12.044  -7.680  1.00 0.00 ? 7  HIS A NE2  1 
ATOM 101  H H    . HIS A 1 8  ? -0.730  9.309   -6.654  1.00 0.00 ? 7  HIS A H    1 
ATOM 102  H HA   . HIS A 1 8  ? -1.884  7.898   -4.366  1.00 0.00 ? 7  HIS A HA   1 
ATOM 103  H HB2  . HIS A 1 8  ? -3.949  9.468   -5.616  1.00 0.00 ? 7  HIS A HB2  1 
ATOM 104  H HB3  . HIS A 1 8  ? -2.991  9.918   -4.230  1.00 0.00 ? 7  HIS A HB3  1 
ATOM 105  H HD1  . HIS A 1 8  ? -1.812  12.056  -4.602  1.00 0.00 ? 7  HIS A HD1  1 
ATOM 106  H HD2  . HIS A 1 8  ? -2.359  10.165  -8.179  1.00 0.00 ? 7  HIS A HD2  1 
ATOM 107  H HE1  . HIS A 1 8  ? -0.897  13.559  -6.334  1.00 0.00 ? 7  HIS A HE1  1 
ATOM 108  N N    . PHE A 1 9  ? -3.566  7.622   -7.169  1.00 0.00 ? 8  PHE A N    1 
ATOM 109  C CA   . PHE A 1 9  ? -4.388  6.716   -8.027  1.00 0.00 ? 8  PHE A CA   1 
ATOM 110  C C    . PHE A 1 9  ? -3.578  6.077   -9.172  1.00 0.00 ? 8  PHE A C    1 
ATOM 111  O O    . PHE A 1 9  ? -4.144  5.437   -10.038 1.00 0.00 ? 8  PHE A O    1 
ATOM 112  C CB   . PHE A 1 9  ? -5.552  7.559   -8.577  1.00 0.00 ? 8  PHE A CB   1 
ATOM 113  C CG   . PHE A 1 9  ? -5.028  8.842   -9.260  1.00 0.00 ? 8  PHE A CG   1 
ATOM 114  C CD1  . PHE A 1 9  ? -4.437  8.804   -10.511 1.00 0.00 ? 8  PHE A CD1  1 
ATOM 115  C CD2  . PHE A 1 9  ? -5.144  10.062  -8.616  1.00 0.00 ? 8  PHE A CD2  1 
ATOM 116  C CE1  . PHE A 1 9  ? -3.972  9.959   -11.102 1.00 0.00 ? 8  PHE A CE1  1 
ATOM 117  C CE2  . PHE A 1 9  ? -4.678  11.216  -9.208  1.00 0.00 ? 8  PHE A CE2  1 
ATOM 118  C CZ   . PHE A 1 9  ? -4.091  11.167  -10.451 1.00 0.00 ? 8  PHE A CZ   1 
ATOM 119  H H    . PHE A 1 9  ? -3.538  8.572   -7.405  1.00 0.00 ? 8  PHE A H    1 
ATOM 120  H HA   . PHE A 1 9  ? -4.792  5.927   -7.411  1.00 0.00 ? 8  PHE A HA   1 
ATOM 121  H HB2  . PHE A 1 9  ? -6.154  6.997   -9.275  1.00 0.00 ? 8  PHE A HB2  1 
ATOM 122  H HB3  . PHE A 1 9  ? -6.158  7.852   -7.736  1.00 0.00 ? 8  PHE A HB3  1 
ATOM 123  H HD1  . PHE A 1 9  ? -4.338  7.865   -11.036 1.00 0.00 ? 8  PHE A HD1  1 
ATOM 124  H HD2  . PHE A 1 9  ? -5.601  10.113  -7.639  1.00 0.00 ? 8  PHE A HD2  1 
ATOM 125  H HE1  . PHE A 1 9  ? -3.512  9.918   -12.078 1.00 0.00 ? 8  PHE A HE1  1 
ATOM 126  H HE2  . PHE A 1 9  ? -4.774  12.161  -8.696  1.00 0.00 ? 8  PHE A HE2  1 
ATOM 127  H HZ   . PHE A 1 9  ? -3.724  12.071  -10.912 1.00 0.00 ? 8  PHE A HZ   1 
ATOM 128  N N    . TYR A 1 10 ? -2.282  6.263   -9.144  1.00 0.00 ? 9  TYR A N    1 
ATOM 129  C CA   . TYR A 1 10 ? -1.394  5.694   -10.206 1.00 0.00 ? 9  TYR A CA   1 
ATOM 130  C C    . TYR A 1 10 ? -1.203  4.160   -10.115 1.00 0.00 ? 9  TYR A C    1 
ATOM 131  O O    . TYR A 1 10 ? -0.228  3.675   -9.576  1.00 0.00 ? 9  TYR A O    1 
ATOM 132  C CB   . TYR A 1 10 ? -0.033  6.433   -10.106 1.00 0.00 ? 9  TYR A CB   1 
ATOM 133  C CG   . TYR A 1 10 ? 0.588   6.561   -11.508 1.00 0.00 ? 9  TYR A CG   1 
ATOM 134  C CD1  . TYR A 1 10 ? 1.221   5.487   -12.102 1.00 0.00 ? 9  TYR A CD1  1 
ATOM 135  C CD2  . TYR A 1 10 ? 0.520   7.758   -12.198 1.00 0.00 ? 9  TYR A CD2  1 
ATOM 136  C CE1  . TYR A 1 10 ? 1.775   5.607   -13.358 1.00 0.00 ? 9  TYR A CE1  1 
ATOM 137  C CE2  . TYR A 1 10 ? 1.075   7.875   -13.455 1.00 0.00 ? 9  TYR A CE2  1 
ATOM 138  C CZ   . TYR A 1 10 ? 1.707   6.800   -14.044 1.00 0.00 ? 9  TYR A CZ   1 
ATOM 139  O OH   . TYR A 1 10 ? 2.261   6.919   -15.302 1.00 0.00 ? 9  TYR A OH   1 
ATOM 140  H H    . TYR A 1 10 ? -1.886  6.786   -8.416  1.00 0.00 ? 9  TYR A H    1 
ATOM 141  H HA   . TYR A 1 10 ? -1.842  5.917   -11.165 1.00 0.00 ? 9  TYR A HA   1 
ATOM 142  H HB2  . TYR A 1 10 ? -0.187  7.425   -9.705  1.00 0.00 ? 9  TYR A HB2  1 
ATOM 143  H HB3  . TYR A 1 10 ? 0.659   5.913   -9.460  1.00 0.00 ? 9  TYR A HB3  1 
ATOM 144  H HD1  . TYR A 1 10 ? 1.285   4.543   -11.582 1.00 0.00 ? 9  TYR A HD1  1 
ATOM 145  H HD2  . TYR A 1 10 ? 0.030   8.611   -11.753 1.00 0.00 ? 9  TYR A HD2  1 
ATOM 146  H HE1  . TYR A 1 10 ? 2.266   4.758   -13.810 1.00 0.00 ? 9  TYR A HE1  1 
ATOM 147  H HE2  . TYR A 1 10 ? 1.015   8.815   -13.981 1.00 0.00 ? 9  TYR A HE2  1 
ATOM 148  H HH   . TYR A 1 10 ? 1.877   6.239   -15.860 1.00 0.00 ? 9  TYR A HH   1 
ATOM 149  N N    . ARG A 1 11 ? -2.175  3.463   -10.658 1.00 0.00 ? 10 ARG A N    1 
ATOM 150  C CA   . ARG A 1 11 ? -2.234  1.963   -10.711 1.00 0.00 ? 10 ARG A CA   1 
ATOM 151  C C    . ARG A 1 11 ? -1.428  1.208   -9.640  1.00 0.00 ? 10 ARG A C    1 
ATOM 152  O O    . ARG A 1 11 ? -0.288  0.829   -9.835  1.00 0.00 ? 10 ARG A O    1 
ATOM 153  C CB   . ARG A 1 11 ? -1.770  1.520   -12.129 1.00 0.00 ? 10 ARG A CB   1 
ATOM 154  C CG   . ARG A 1 11 ? -2.910  1.758   -13.155 1.00 0.00 ? 10 ARG A CG   1 
ATOM 155  C CD   . ARG A 1 11 ? -3.995  0.652   -13.020 1.00 0.00 ? 10 ARG A CD   1 
ATOM 156  N NE   . ARG A 1 11 ? -4.094  -0.113  -14.305 1.00 0.00 ? 10 ARG A NE   1 
ATOM 157  C CZ   . ARG A 1 11 ? -4.676  0.385   -15.368 1.00 0.00 ? 10 ARG A CZ   1 
ATOM 158  N NH1  . ARG A 1 11 ? -5.595  1.305   -15.253 1.00 0.00 ? 10 ARG A NH1  1 
ATOM 159  N NH2  . ARG A 1 11 ? -4.307  -0.067  -16.534 1.00 0.00 ? 10 ARG A NH2  1 
ATOM 160  H H    . ARG A 1 11 ? -2.922  3.951   -11.056 1.00 0.00 ? 10 ARG A H    1 
ATOM 161  H HA   . ARG A 1 11 ? -3.268  1.679   -10.588 1.00 0.00 ? 10 ARG A HA   1 
ATOM 162  H HB2  . ARG A 1 11 ? -0.898  2.087   -12.420 1.00 0.00 ? 10 ARG A HB2  1 
ATOM 163  H HB3  . ARG A 1 11 ? -1.506  0.471   -12.125 1.00 0.00 ? 10 ARG A HB3  1 
ATOM 164  H HG2  . ARG A 1 11 ? -3.360  2.725   -12.981 1.00 0.00 ? 10 ARG A HG2  1 
ATOM 165  H HG3  . ARG A 1 11 ? -2.495  1.755   -14.152 1.00 0.00 ? 10 ARG A HG3  1 
ATOM 166  H HD2  . ARG A 1 11 ? -3.742  -0.046  -12.235 1.00 0.00 ? 10 ARG A HD2  1 
ATOM 167  H HD3  . ARG A 1 11 ? -4.956  1.089   -12.788 1.00 0.00 ? 10 ARG A HD3  1 
ATOM 168  H HE   . ARG A 1 11 ? -3.712  -1.014  -14.354 1.00 0.00 ? 10 ARG A HE   1 
ATOM 169  H HH11 . ARG A 1 11 ? -5.879  1.622   -14.348 1.00 0.00 ? 10 ARG A HH11 1 
ATOM 170  H HH12 . ARG A 1 11 ? -6.016  1.692   -16.072 1.00 0.00 ? 10 ARG A HH12 1 
ATOM 171  H HH21 . ARG A 1 11 ? -3.869  -0.963  -16.603 1.00 0.00 ? 10 ARG A HH21 1 
ATOM 172  H HH22 . ARG A 1 11 ? -4.464  0.480   -17.355 1.00 0.00 ? 10 ARG A HH22 1 
ATOM 173  N N    . GLY A 1 12 ? -2.090  1.029   -8.529  1.00 0.00 ? 11 GLY A N    1 
ATOM 174  C CA   . GLY A 1 12 ? -1.500  0.315   -7.355  1.00 0.00 ? 11 GLY A CA   1 
ATOM 175  C C    . GLY A 1 12 ? -2.358  -0.918  -7.064  1.00 0.00 ? 11 GLY A C    1 
ATOM 176  O O    . GLY A 1 12 ? -2.875  -1.070  -5.974  1.00 0.00 ? 11 GLY A O    1 
ATOM 177  H H    . GLY A 1 12 ? -3.003  1.385   -8.481  1.00 0.00 ? 11 GLY A H    1 
ATOM 178  H HA2  . GLY A 1 12 ? -0.489  -0.001  -7.571  1.00 0.00 ? 11 GLY A HA2  1 
ATOM 179  H HA3  . GLY A 1 12 ? -1.502  0.970   -6.497  1.00 0.00 ? 11 GLY A HA3  1 
ATOM 180  N N    . LYS A 1 13 ? -2.473  -1.750  -8.070  1.00 0.00 ? 12 LYS A N    1 
ATOM 181  C CA   . LYS A 1 13 ? -3.275  -3.013  -7.978  1.00 0.00 ? 12 LYS A CA   1 
ATOM 182  C C    . LYS A 1 13 ? -2.313  -4.214  -7.896  1.00 0.00 ? 12 LYS A C    1 
ATOM 183  O O    . LYS A 1 13 ? -2.198  -5.005  -8.814  1.00 0.00 ? 12 LYS A O    1 
ATOM 184  C CB   . LYS A 1 13 ? -4.191  -3.077  -9.240  1.00 0.00 ? 12 LYS A CB   1 
ATOM 185  C CG   . LYS A 1 13 ? -5.574  -3.695  -8.897  1.00 0.00 ? 12 LYS A CG   1 
ATOM 186  C CD   . LYS A 1 13 ? -5.520  -5.244  -8.923  1.00 0.00 ? 12 LYS A CD   1 
ATOM 187  C CE   . LYS A 1 13 ? -5.595  -5.765  -10.372 1.00 0.00 ? 12 LYS A CE   1 
ATOM 188  N NZ   . LYS A 1 13 ? -7.020  -5.904  -10.786 1.00 0.00 ? 12 LYS A NZ   1 
ATOM 189  H H    . LYS A 1 13 ? -2.017  -1.539  -8.911  1.00 0.00 ? 12 LYS A H    1 
ATOM 190  H HA   . LYS A 1 13 ? -3.873  -2.989  -7.080  1.00 0.00 ? 12 LYS A HA   1 
ATOM 191  H HB2  . LYS A 1 13 ? -4.356  -2.073  -9.603  1.00 0.00 ? 12 LYS A HB2  1 
ATOM 192  H HB3  . LYS A 1 13 ? -3.716  -3.633  -10.034 1.00 0.00 ? 12 LYS A HB3  1 
ATOM 193  H HG2  . LYS A 1 13 ? -5.894  -3.363  -7.921  1.00 0.00 ? 12 LYS A HG2  1 
ATOM 194  H HG3  . LYS A 1 13 ? -6.301  -3.350  -9.619  1.00 0.00 ? 12 LYS A HG3  1 
ATOM 195  H HD2  . LYS A 1 13 ? -4.619  -5.603  -8.448  1.00 0.00 ? 12 LYS A HD2  1 
ATOM 196  H HD3  . LYS A 1 13 ? -6.364  -5.633  -8.374  1.00 0.00 ? 12 LYS A HD3  1 
ATOM 197  H HE2  . LYS A 1 13 ? -5.102  -5.091  -11.056 1.00 0.00 ? 12 LYS A HE2  1 
ATOM 198  H HE3  . LYS A 1 13 ? -5.124  -6.735  -10.440 1.00 0.00 ? 12 LYS A HE3  1 
ATOM 199  H HZ1  . LYS A 1 13 ? -7.603  -5.215  -10.268 1.00 0.00 ? 12 LYS A HZ1  1 
ATOM 200  H HZ2  . LYS A 1 13 ? -7.105  -5.731  -11.808 1.00 0.00 ? 12 LYS A HZ2  1 
ATOM 201  H HZ3  . LYS A 1 13 ? -7.350  -6.867  -10.569 1.00 0.00 ? 12 LYS A HZ3  1 
ATOM 202  N N    . ALA A 1 14 ? -1.645  -4.301  -6.774  1.00 0.00 ? 13 ALA A N    1 
ATOM 203  C CA   . ALA A 1 14 ? -0.666  -5.408  -6.526  1.00 0.00 ? 13 ALA A CA   1 
ATOM 204  C C    . ALA A 1 14 ? -0.796  -5.916  -5.103  1.00 0.00 ? 13 ALA A C    1 
ATOM 205  O O    . ALA A 1 14 ? -0.583  -5.179  -4.160  1.00 0.00 ? 13 ALA A O    1 
ATOM 206  C CB   . ALA A 1 14 ? 0.742   -4.909  -6.708  1.00 0.00 ? 13 ALA A CB   1 
ATOM 207  H H    . ALA A 1 14 ? -1.789  -3.624  -6.081  1.00 0.00 ? 13 ALA A H    1 
ATOM 208  H HA   . ALA A 1 14 ? -0.857  -6.224  -7.208  1.00 0.00 ? 13 ALA A HA   1 
ATOM 209  H HB1  . ALA A 1 14 ? 0.751   -3.840  -6.573  1.00 0.00 ? 13 ALA A HB1  1 
ATOM 210  H HB2  . ALA A 1 14 ? 1.391   -5.362  -5.969  1.00 0.00 ? 13 ALA A HB2  1 
ATOM 211  H HB3  . ALA A 1 14 ? 1.090   -5.162  -7.693  1.00 0.00 ? 13 ALA A HB3  1 
ATOM 212  N N    . SER A 1 15 ? -1.146  -7.169  -4.992  1.00 0.00 ? 14 SER A N    1 
ATOM 213  C CA   . SER A 1 15 ? -1.306  -7.786  -3.650  1.00 0.00 ? 14 SER A CA   1 
ATOM 214  C C    . SER A 1 15 ? -0.026  -8.601  -3.441  1.00 0.00 ? 14 SER A C    1 
ATOM 215  O O    . SER A 1 15 ? -0.057  -9.692  -2.909  1.00 0.00 ? 14 SER A O    1 
ATOM 216  C CB   . SER A 1 15 ? -2.565  -8.697  -3.644  1.00 0.00 ? 14 SER A CB   1 
ATOM 217  O OG   . SER A 1 15 ? -2.530  -9.400  -4.878  1.00 0.00 ? 14 SER A OG   1 
ATOM 218  H H    . SER A 1 15 ? -1.300  -7.715  -5.785  1.00 0.00 ? 14 SER A H    1 
ATOM 219  H HA   . SER A 1 15 ? -1.385  -6.995  -2.912  1.00 0.00 ? 14 SER A HA   1 
ATOM 220  H HB2  . SER A 1 15 ? -2.553  -9.409  -2.837  1.00 0.00 ? 14 SER A HB2  1 
ATOM 221  H HB3  . SER A 1 15 ? -3.470  -8.114  -3.578  1.00 0.00 ? 14 SER A HB3  1 
ATOM 222  H HG   . SER A 1 15 ? -1.664  -9.806  -4.967  1.00 0.00 ? 14 SER A HG   1 
ATOM 223  N N    . THR A 1 16 ? 1.053   -8.011  -3.899  1.00 0.00 ? 15 THR A N    1 
ATOM 224  C CA   . THR A 1 16 ? 2.428   -8.604  -3.808  1.00 0.00 ? 15 THR A CA   1 
ATOM 225  C C    . THR A 1 16 ? 3.461   -7.461  -3.723  1.00 0.00 ? 15 THR A C    1 
ATOM 226  O O    . THR A 1 16 ? 3.566   -6.658  -4.630  1.00 0.00 ? 15 THR A O    1 
ATOM 227  C CB   . THR A 1 16 ? 2.713   -9.467  -5.063  1.00 0.00 ? 15 THR A CB   1 
ATOM 228  O OG1  . THR A 1 16 ? 2.198   -8.731  -6.165  1.00 0.00 ? 15 THR A OG1  1 
ATOM 229  C CG2  . THR A 1 16 ? 1.897   -10.772 -5.057  1.00 0.00 ? 15 THR A CG2  1 
ATOM 230  H H    . THR A 1 16 ? 0.944   -7.137  -4.327  1.00 0.00 ? 15 THR A H    1 
ATOM 231  H HA   . THR A 1 16 ? 2.505   -9.206  -2.917  1.00 0.00 ? 15 THR A HA   1 
ATOM 232  H HB   . THR A 1 16 ? 3.770   -9.644  -5.196  1.00 0.00 ? 15 THR A HB   1 
ATOM 233  H HG1  . THR A 1 16 ? 2.552   -7.840  -6.122  1.00 0.00 ? 15 THR A HG1  1 
ATOM 234  H HG21 . THR A 1 16 ? 2.052   -11.305 -4.130  1.00 0.00 ? 15 THR A HG21 1 
ATOM 235  H HG22 . THR A 1 16 ? 0.842   -10.570 -5.171  1.00 0.00 ? 15 THR A HG22 1 
ATOM 236  H HG23 . THR A 1 16 ? 2.214   -11.405 -5.873  1.00 0.00 ? 15 THR A HG23 1 
ATOM 237  N N    . ASP A 1 17 ? 4.188   -7.427  -2.635  1.00 0.00 ? 16 ASP A N    1 
ATOM 238  C CA   . ASP A 1 17 ? 5.229   -6.390  -2.393  1.00 0.00 ? 16 ASP A CA   1 
ATOM 239  C C    . ASP A 1 17 ? 6.627   -6.923  -2.732  1.00 0.00 ? 16 ASP A C    1 
ATOM 240  O O    . ASP A 1 17 ? 6.804   -8.095  -3.006  1.00 0.00 ? 16 ASP A O    1 
ATOM 241  C CB   . ASP A 1 17 ? 5.090   -5.961  -0.892  1.00 0.00 ? 16 ASP A CB   1 
ATOM 242  C CG   . ASP A 1 17 ? 5.739   -6.953  0.121   1.00 0.00 ? 16 ASP A CG   1 
ATOM 243  O OD1  . ASP A 1 17 ? 6.804   -7.503  -0.118  1.00 0.00 ? 16 ASP A OD1  1 
ATOM 244  O OD2  . ASP A 1 17 ? 5.109   -7.117  1.144   1.00 0.00 ? 16 ASP A OD2  1 
ATOM 245  H H    . ASP A 1 17 ? 4.059   -8.096  -1.944  1.00 0.00 ? 16 ASP A H    1 
ATOM 246  H HA   . ASP A 1 17 ? 5.020   -5.544  -3.025  1.00 0.00 ? 16 ASP A HA   1 
ATOM 247  H HB2  . ASP A 1 17 ? 5.372   -4.943  -0.639  1.00 0.00 ? 16 ASP A HB2  1 
ATOM 248  H HB3  . ASP A 1 17 ? 4.028   -5.976  -0.759  1.00 0.00 ? 16 ASP A HB3  1 
ATOM 249  N N    . THR A 1 18 ? 7.543   -5.995  -2.663  1.00 0.00 ? 17 THR A N    1 
ATOM 250  C CA   . THR A 1 18 ? 9.011   -6.208  -2.945  1.00 0.00 ? 17 THR A CA   1 
ATOM 251  C C    . THR A 1 18 ? 9.627   -7.536  -2.480  1.00 0.00 ? 17 THR A C    1 
ATOM 252  O O    . THR A 1 18 ? 10.218  -8.246  -3.270  1.00 0.00 ? 17 THR A O    1 
ATOM 253  C CB   . THR A 1 18 ? 9.858   -5.078  -2.294  1.00 0.00 ? 17 THR A CB   1 
ATOM 254  O OG1  . THR A 1 18 ? 9.322   -4.914  -0.987  1.00 0.00 ? 17 THR A OG1  1 
ATOM 255  C CG2  . THR A 1 18 ? 9.688   -3.730  -3.019  1.00 0.00 ? 17 THR A CG2  1 
ATOM 256  H H    . THR A 1 18 ? 7.208   -5.115  -2.399  1.00 0.00 ? 17 THR A H    1 
ATOM 257  H HA   . THR A 1 18 ? 9.143   -6.149  -4.016  1.00 0.00 ? 17 THR A HA   1 
ATOM 258  H HB   . THR A 1 18 ? 10.903  -5.347  -2.218  1.00 0.00 ? 17 THR A HB   1 
ATOM 259  H HG1  . THR A 1 18 ? 9.128   -3.983  -0.845  1.00 0.00 ? 17 THR A HG1  1 
ATOM 260  H HG21 . THR A 1 18 ? 8.694   -3.654  -3.426  1.00 0.00 ? 17 THR A HG21 1 
ATOM 261  H HG22 . THR A 1 18 ? 9.851   -2.906  -2.339  1.00 0.00 ? 17 THR A HG22 1 
ATOM 262  H HG23 . THR A 1 18 ? 10.398  -3.656  -3.828  1.00 0.00 ? 17 THR A HG23 1 
ATOM 263  N N    . MET A 1 19 ? 9.469   -7.835  -1.214  1.00 0.00 ? 18 MET A N    1 
ATOM 264  C CA   . MET A 1 19 ? 10.027  -9.100  -0.630  1.00 0.00 ? 18 MET A CA   1 
ATOM 265  C C    . MET A 1 19 ? 9.187   -10.324 -1.036  1.00 0.00 ? 18 MET A C    1 
ATOM 266  O O    . MET A 1 19 ? 9.321   -11.399 -0.483  1.00 0.00 ? 18 MET A O    1 
ATOM 267  C CB   . MET A 1 19 ? 10.058  -8.928  0.907   1.00 0.00 ? 18 MET A CB   1 
ATOM 268  C CG   . MET A 1 19 ? 10.939  -10.012 1.572   1.00 0.00 ? 18 MET A CG   1 
ATOM 269  S SD   . MET A 1 19 ? 11.845  -9.517  3.061   1.00 0.00 ? 18 MET A SD   1 
ATOM 270  C CE   . MET A 1 19 ? 13.541  -9.751  2.471   1.00 0.00 ? 18 MET A CE   1 
ATOM 271  H H    . MET A 1 19 ? 8.969   -7.219  -0.641  1.00 0.00 ? 18 MET A H    1 
ATOM 272  H HA   . MET A 1 19 ? 11.033  -9.235  -1.002  1.00 0.00 ? 18 MET A HA   1 
ATOM 273  H HB2  . MET A 1 19 ? 10.465  -7.958  1.145   1.00 0.00 ? 18 MET A HB2  1 
ATOM 274  H HB3  . MET A 1 19 ? 9.053   -8.977  1.297   1.00 0.00 ? 18 MET A HB3  1 
ATOM 275  H HG2  . MET A 1 19 ? 10.298  -10.836 1.851   1.00 0.00 ? 18 MET A HG2  1 
ATOM 276  H HG3  . MET A 1 19 ? 11.652  -10.390 0.854   1.00 0.00 ? 18 MET A HG3  1 
ATOM 277  H HE1  . MET A 1 19 ? 13.685  -9.206  1.549   1.00 0.00 ? 18 MET A HE1  1 
ATOM 278  H HE2  . MET A 1 19 ? 14.231  -9.382  3.215   1.00 0.00 ? 18 MET A HE2  1 
ATOM 279  H HE3  . MET A 1 19 ? 13.723  -10.802 2.303   1.00 0.00 ? 18 MET A HE3  1 
ATOM 280  N N    . GLY A 1 20 ? 8.342   -10.101 -2.007  1.00 0.00 ? 19 GLY A N    1 
ATOM 281  C CA   . GLY A 1 20 ? 7.444   -11.170 -2.533  1.00 0.00 ? 19 GLY A CA   1 
ATOM 282  C C    . GLY A 1 20 ? 6.399   -11.526 -1.474  1.00 0.00 ? 19 GLY A C    1 
ATOM 283  O O    . GLY A 1 20 ? 5.915   -12.642 -1.441  1.00 0.00 ? 19 GLY A O    1 
ATOM 284  H H    . GLY A 1 20 ? 8.304   -9.205  -2.394  1.00 0.00 ? 19 GLY A H    1 
ATOM 285  H HA2  . GLY A 1 20 ? 6.947   -10.808 -3.419  1.00 0.00 ? 19 GLY A HA2  1 
ATOM 286  H HA3  . GLY A 1 20 ? 8.029   -12.046 -2.774  1.00 0.00 ? 19 GLY A HA3  1 
ATOM 287  N N    . ARG A 1 21 ? 6.089   -10.559 -0.644  1.00 0.00 ? 20 ARG A N    1 
ATOM 288  C CA   . ARG A 1 21 ? 5.076   -10.794 0.439   1.00 0.00 ? 20 ARG A CA   1 
ATOM 289  C C    . ARG A 1 21 ? 3.725   -10.214 -0.023  1.00 0.00 ? 20 ARG A C    1 
ATOM 290  O O    . ARG A 1 21 ? 3.672   -9.062  -0.395  1.00 0.00 ? 20 ARG A O    1 
ATOM 291  C CB   . ARG A 1 21 ? 5.581   -10.108 1.725   1.00 0.00 ? 20 ARG A CB   1 
ATOM 292  C CG   . ARG A 1 21 ? 5.827   -11.198 2.793   1.00 0.00 ? 20 ARG A CG   1 
ATOM 293  C CD   . ARG A 1 21 ? 6.610   -10.606 3.963   1.00 0.00 ? 20 ARG A CD   1 
ATOM 294  N NE   . ARG A 1 21 ? 7.960   -10.229 3.453   1.00 0.00 ? 20 ARG A NE   1 
ATOM 295  C CZ   . ARG A 1 21 ? 8.922   -9.996  4.303   1.00 0.00 ? 20 ARG A CZ   1 
ATOM 296  N NH1  . ARG A 1 21 ? 9.524   -11.001 4.874   1.00 0.00 ? 20 ARG A NH1  1 
ATOM 297  N NH2  . ARG A 1 21 ? 9.246   -8.759  4.552   1.00 0.00 ? 20 ARG A NH2  1 
ATOM 298  H H    . ARG A 1 21 ? 6.524   -9.678  -0.745  1.00 0.00 ? 20 ARG A H    1 
ATOM 299  H HA   . ARG A 1 21 ? 4.992   -11.857 0.602   1.00 0.00 ? 20 ARG A HA   1 
ATOM 300  H HB2  . ARG A 1 21 ? 6.497   -9.575  1.522   1.00 0.00 ? 20 ARG A HB2  1 
ATOM 301  H HB3  . ARG A 1 21 ? 4.858   -9.402  2.097   1.00 0.00 ? 20 ARG A HB3  1 
ATOM 302  H HG2  . ARG A 1 21 ? 4.882   -11.588 3.143   1.00 0.00 ? 20 ARG A HG2  1 
ATOM 303  H HG3  . ARG A 1 21 ? 6.397   -12.012 2.366   1.00 0.00 ? 20 ARG A HG3  1 
ATOM 304  H HD2  . ARG A 1 21 ? 6.120   -9.728  4.356   1.00 0.00 ? 20 ARG A HD2  1 
ATOM 305  H HD3  . ARG A 1 21 ? 6.717   -11.341 4.747   1.00 0.00 ? 20 ARG A HD3  1 
ATOM 306  H HE   . ARG A 1 21 ? 8.113   -10.159 2.484   1.00 0.00 ? 20 ARG A HE   1 
ATOM 307  H HH11 . ARG A 1 21 ? 9.111   -11.911 4.846   1.00 0.00 ? 20 ARG A HH11 1 
ATOM 308  H HH12 . ARG A 1 21 ? 10.398  -10.862 5.340   1.00 0.00 ? 20 ARG A HH12 1 
ATOM 309  H HH21 . ARG A 1 21 ? 8.616   -8.027  4.299   1.00 0.00 ? 20 ARG A HH21 1 
ATOM 310  H HH22 . ARG A 1 21 ? 10.117  -8.546  4.992   1.00 0.00 ? 20 ARG A HH22 1 
ATOM 311  N N    . PRO A 1 22 ? 2.666   -10.996 0.009   1.00 0.00 ? 21 PRO A N    1 
ATOM 312  C CA   . PRO A 1 22 ? 1.328   -10.522 -0.433  1.00 0.00 ? 21 PRO A CA   1 
ATOM 313  C C    . PRO A 1 22 ? 0.631   -9.356  0.303   1.00 0.00 ? 21 PRO A C    1 
ATOM 314  O O    . PRO A 1 22 ? 0.383   -9.427  1.488   1.00 0.00 ? 21 PRO A O    1 
ATOM 315  C CB   . PRO A 1 22 ? 0.428   -11.771 -0.423  1.00 0.00 ? 21 PRO A CB   1 
ATOM 316  C CG   . PRO A 1 22 ? 1.231   -12.914 0.254   1.00 0.00 ? 21 PRO A CG   1 
ATOM 317  C CD   . PRO A 1 22 ? 2.669   -12.411 0.473   1.00 0.00 ? 21 PRO A CD   1 
ATOM 318  H HA   . PRO A 1 22 ? 1.461   -10.224 -1.453  1.00 0.00 ? 21 PRO A HA   1 
ATOM 319  H HB2  . PRO A 1 22 ? -0.487  -11.593 0.122   1.00 0.00 ? 21 PRO A HB2  1 
ATOM 320  H HB3  . PRO A 1 22 ? 0.181   -12.053 -1.437  1.00 0.00 ? 21 PRO A HB3  1 
ATOM 321  H HG2  . PRO A 1 22 ? 0.779   -13.173 1.200   1.00 0.00 ? 21 PRO A HG2  1 
ATOM 322  H HG3  . PRO A 1 22 ? 1.240   -13.788 -0.381  1.00 0.00 ? 21 PRO A HG3  1 
ATOM 323  H HD2  . PRO A 1 22 ? 2.940   -12.449 1.518   1.00 0.00 ? 21 PRO A HD2  1 
ATOM 324  H HD3  . PRO A 1 22 ? 3.366   -12.988 -0.116  1.00 0.00 ? 21 PRO A HD3  1 
ATOM 325  N N    . CYS A 1 23 ? 0.339   -8.313  -0.442  1.00 0.00 ? 22 CYS A N    1 
ATOM 326  C CA   . CYS A 1 23 ? -0.350  -7.106  0.118   1.00 0.00 ? 22 CYS A CA   1 
ATOM 327  C C    . CYS A 1 23 ? -1.852  -7.395  0.143   1.00 0.00 ? 22 CYS A C    1 
ATOM 328  O O    . CYS A 1 23 ? -2.373  -8.113  -0.689  1.00 0.00 ? 22 CYS A O    1 
ATOM 329  C CB   . CYS A 1 23 ? -0.084  -5.892  -0.755  1.00 0.00 ? 22 CYS A CB   1 
ATOM 330  S SG   . CYS A 1 23 ? -1.375  -4.624  -0.729  1.00 0.00 ? 22 CYS A SG   1 
ATOM 331  H H    . CYS A 1 23 ? 0.578   -8.322  -1.388  1.00 0.00 ? 22 CYS A H    1 
ATOM 332  H HA   . CYS A 1 23 ? -0.025  -6.908  1.126   1.00 0.00 ? 22 CYS A HA   1 
ATOM 333  H HB2  . CYS A 1 23 ? 0.835   -5.447  -0.419  1.00 0.00 ? 22 CYS A HB2  1 
ATOM 334  H HB3  . CYS A 1 23 ? 0.076   -6.195  -1.776  1.00 0.00 ? 22 CYS A HB3  1 
ATOM 335  N N    . LEU A 1 24 ? -2.486  -6.810  1.120   1.00 0.00 ? 23 LEU A N    1 
ATOM 336  C CA   . LEU A 1 24 ? -3.969  -6.978  1.326   1.00 0.00 ? 23 LEU A CA   1 
ATOM 337  C C    . LEU A 1 24 ? -4.957  -5.729  1.345   1.00 0.00 ? 23 LEU A C    1 
ATOM 338  O O    . LEU A 1 24 ? -4.597  -4.596  1.014   1.00 0.00 ? 23 LEU A O    1 
ATOM 339  C CB   . LEU A 1 24 ? -4.087  -7.793  2.687   1.00 0.00 ? 23 LEU A CB   1 
ATOM 340  C CG   . LEU A 1 24 ? -2.781  -7.927  3.526   1.00 0.00 ? 23 LEU A CG   1 
ATOM 341  C CD1  . LEU A 1 24 ? -3.134  -7.876  5.032   1.00 0.00 ? 23 LEU A CD1  1 
ATOM 342  C CD2  . LEU A 1 24 ? -2.097  -9.280  3.198   1.00 0.00 ? 23 LEU A CD2  1 
ATOM 343  H H    . LEU A 1 24 ? -1.950  -6.261  1.735   1.00 0.00 ? 23 LEU A H    1 
ATOM 344  H HA   . LEU A 1 24 ? -4.332  -7.633  0.547   1.00 0.00 ? 23 LEU A HA   1 
ATOM 345  H HB2  . LEU A 1 24 ? -4.758  -7.253  3.340   1.00 0.00 ? 23 LEU A HB2  1 
ATOM 346  H HB3  . LEU A 1 24 ? -4.492  -8.777  2.493   1.00 0.00 ? 23 LEU A HB3  1 
ATOM 347  H HG   . LEU A 1 24 ? -2.139  -7.088  3.321   1.00 0.00 ? 23 LEU A HG   1 
ATOM 348  H HD11 . LEU A 1 24 ? -3.674  -6.967  5.257   1.00 0.00 ? 23 LEU A HD11 1 
ATOM 349  H HD12 . LEU A 1 24 ? -3.750  -8.721  5.304   1.00 0.00 ? 23 LEU A HD12 1 
ATOM 350  H HD13 . LEU A 1 24 ? -2.241  -7.884  5.637   1.00 0.00 ? 23 LEU A HD13 1 
ATOM 351  H HD21 . LEU A 1 24 ? -2.035  -9.422  2.129   1.00 0.00 ? 23 LEU A HD21 1 
ATOM 352  H HD22 . LEU A 1 24 ? -1.098  -9.314  3.604   1.00 0.00 ? 23 LEU A HD22 1 
ATOM 353  H HD23 . LEU A 1 24 ? -2.662  -10.102 3.617   1.00 0.00 ? 23 LEU A HD23 1 
ATOM 354  N N    . PRO A 1 25 ? -6.228  -6.054  1.654   1.00 0.00 ? 24 PRO A N    1 
ATOM 355  C CA   . PRO A 1 25 ? -7.347  -5.071  1.798   1.00 0.00 ? 24 PRO A CA   1 
ATOM 356  C C    . PRO A 1 25 ? -6.951  -3.981  2.798   1.00 0.00 ? 24 PRO A C    1 
ATOM 357  O O    . PRO A 1 25 ? -6.315  -4.267  3.792   1.00 0.00 ? 24 PRO A O    1 
ATOM 358  C CB   . PRO A 1 25 ? -8.580  -5.850  2.264   1.00 0.00 ? 24 PRO A CB   1 
ATOM 359  C CG   . PRO A 1 25 ? -8.266  -7.337  2.035   1.00 0.00 ? 24 PRO A CG   1 
ATOM 360  C CD   . PRO A 1 25 ? -6.752  -7.449  1.800   1.00 0.00 ? 24 PRO A CD   1 
ATOM 361  H HA   . PRO A 1 25 ? -7.635  -4.652  0.880   1.00 0.00 ? 24 PRO A HA   1 
ATOM 362  H HB2  . PRO A 1 25 ? -8.803  -5.650  3.297   1.00 0.00 ? 24 PRO A HB2  1 
ATOM 363  H HB3  . PRO A 1 25 ? -9.441  -5.565  1.680   1.00 0.00 ? 24 PRO A HB3  1 
ATOM 364  H HG2  . PRO A 1 25 ? -8.549  -7.917  2.899   1.00 0.00 ? 24 PRO A HG2  1 
ATOM 365  H HG3  . PRO A 1 25 ? -8.806  -7.708  1.177   1.00 0.00 ? 24 PRO A HG3  1 
ATOM 366  H HD2  . PRO A 1 25 ? -6.339  -7.970  2.629   1.00 0.00 ? 24 PRO A HD2  1 
ATOM 367  H HD3  . PRO A 1 25 ? -6.529  -7.977  0.877   1.00 0.00 ? 24 PRO A HD3  1 
ATOM 368  N N    . TRP A 1 26 ? -7.326  -2.763  2.512   1.00 0.00 ? 25 TRP A N    1 
ATOM 369  C CA   . TRP A 1 26 ? -7.015  -1.610  3.379   1.00 0.00 ? 25 TRP A CA   1 
ATOM 370  C C    . TRP A 1 26 ? -8.000  -1.533  4.510   1.00 0.00 ? 25 TRP A C    1 
ATOM 371  O O    . TRP A 1 26 ? -7.713  -1.323  5.671   1.00 0.00 ? 25 TRP A O    1 
ATOM 372  C CB   . TRP A 1 26 ? -7.069  -0.467  2.432   1.00 0.00 ? 25 TRP A CB   1 
ATOM 373  C CG   . TRP A 1 26 ? -5.749  -0.659  1.729   1.00 0.00 ? 25 TRP A CG   1 
ATOM 374  C CD1  . TRP A 1 26 ? -5.689  -1.304  0.585   1.00 0.00 ? 25 TRP A CD1  1 
ATOM 375  C CD2  . TRP A 1 26 ? -4.522  -0.366  2.109   1.00 0.00 ? 25 TRP A CD2  1 
ATOM 376  N NE1  . TRP A 1 26 ? -4.410  -1.387  0.322   1.00 0.00 ? 25 TRP A NE1  1 
ATOM 377  C CE2  . TRP A 1 26 ? -3.592  -0.836  1.202   1.00 0.00 ? 25 TRP A CE2  1 
ATOM 378  C CE3  . TRP A 1 26 ? -4.182  0.302   3.243   1.00 0.00 ? 25 TRP A CE3  1 
ATOM 379  C CZ2  . TRP A 1 26 ? -2.243  -0.629  1.446   1.00 0.00 ? 25 TRP A CZ2  1 
ATOM 380  C CZ3  . TRP A 1 26 ? -2.827  0.515   3.497   1.00 0.00 ? 25 TRP A CZ3  1 
ATOM 381  C CH2  . TRP A 1 26 ? -1.854  0.044   2.597   1.00 0.00 ? 25 TRP A CH2  1 
ATOM 382  H H    . TRP A 1 26 ? -7.828  -2.507  1.715   1.00 0.00 ? 25 TRP A H    1 
ATOM 383  H HA   . TRP A 1 26 ? -6.016  -1.747  3.745   1.00 0.00 ? 25 TRP A HA   1 
ATOM 384  H HB2  . TRP A 1 26 ? -7.816  -0.628  1.705   1.00 0.00 ? 25 TRP A HB2  1 
ATOM 385  H HB3  . TRP A 1 26 ? -7.325  0.465   2.835   1.00 0.00 ? 25 TRP A HB3  1 
ATOM 386  H HD1  . TRP A 1 26 ? -6.539  -1.633  0.055   1.00 0.00 ? 25 TRP A HD1  1 
ATOM 387  H HE1  . TRP A 1 26 ? -4.100  -1.843  -0.483  1.00 0.00 ? 25 TRP A HE1  1 
ATOM 388  H HE3  . TRP A 1 26 ? -5.008  0.633   3.873   1.00 0.00 ? 25 TRP A HE3  1 
ATOM 389  H HZ2  . TRP A 1 26 ? -1.503  -0.990  0.746   1.00 0.00 ? 25 TRP A HZ2  1 
ATOM 390  H HZ3  . TRP A 1 26 ? -2.523  1.052   4.377   1.00 0.00 ? 25 TRP A HZ3  1 
ATOM 391  H HH2  . TRP A 1 26 ? -0.799  0.194   2.783   1.00 0.00 ? 25 TRP A HH2  1 
ATOM 392  N N    . ASN A 1 27 ? -9.183  -1.722  4.031   1.00 0.00 ? 26 ASN A N    1 
ATOM 393  C CA   . ASN A 1 27 ? -10.403 -1.719  4.841   1.00 0.00 ? 26 ASN A CA   1 
ATOM 394  C C    . ASN A 1 27 ? -10.570 -3.093  5.544   1.00 0.00 ? 26 ASN A C    1 
ATOM 395  O O    . ASN A 1 27 ? -11.632 -3.414  6.042   1.00 0.00 ? 26 ASN A O    1 
ATOM 396  C CB   . ASN A 1 27 ? -11.435 -1.310  3.787   1.00 0.00 ? 26 ASN A CB   1 
ATOM 397  C CG   . ASN A 1 27 ? -11.853 -2.493  2.894   1.00 0.00 ? 26 ASN A CG   1 
ATOM 398  O OD1  . ASN A 1 27 ? -13.022 -2.785  2.744   1.00 0.00 ? 26 ASN A OD1  1 
ATOM 399  N ND2  . ASN A 1 27 ? -10.936 -3.199  2.284   1.00 0.00 ? 26 ASN A ND2  1 
ATOM 400  H H    . ASN A 1 27 ? -9.269  -1.880  3.068   1.00 0.00 ? 26 ASN A H    1 
ATOM 401  H HA   . ASN A 1 27 ? -10.324 -0.949  5.595   1.00 0.00 ? 26 ASN A HA   1 
ATOM 402  H HB2  . ASN A 1 27 ? -12.308 -0.855  4.230   1.00 0.00 ? 26 ASN A HB2  1 
ATOM 403  H HB3  . ASN A 1 27 ? -10.904 -0.575  3.170   1.00 0.00 ? 26 ASN A HB3  1 
ATOM 404  H HD21 . ASN A 1 27 ? -9.987  -3.049  2.471   1.00 0.00 ? 26 ASN A HD21 1 
ATOM 405  H HD22 . ASN A 1 27 ? -11.203 -3.882  1.633   1.00 0.00 ? 26 ASN A HD22 1 
ATOM 406  N N    . SER A 1 28 ? -9.495  -3.856  5.552   1.00 0.00 ? 27 SER A N    1 
ATOM 407  C CA   . SER A 1 28 ? -9.470  -5.211  6.192   1.00 0.00 ? 27 SER A CA   1 
ATOM 408  C C    . SER A 1 28 ? -9.623  -5.058  7.690   1.00 0.00 ? 27 SER A C    1 
ATOM 409  O O    . SER A 1 28 ? -9.226  -4.071  8.268   1.00 0.00 ? 27 SER A O    1 
ATOM 410  C CB   . SER A 1 28 ? -8.130  -5.941  5.937   1.00 0.00 ? 27 SER A CB   1 
ATOM 411  O OG   . SER A 1 28 ? -7.141  -4.951  6.156   1.00 0.00 ? 27 SER A OG   1 
ATOM 412  H H    . SER A 1 28 ? -8.676  -3.539  5.126   1.00 0.00 ? 27 SER A H    1 
ATOM 413  H HA   . SER A 1 28 ? -10.282 -5.812  5.832   1.00 0.00 ? 27 SER A HA   1 
ATOM 414  H HB2  . SER A 1 28 ? -7.983  -6.744  6.644   1.00 0.00 ? 27 SER A HB2  1 
ATOM 415  H HB3  . SER A 1 28 ? -8.033  -6.331  4.939   1.00 0.00 ? 27 SER A HB3  1 
ATOM 416  H HG   . SER A 1 28 ? -6.343  -5.213  5.692   1.00 0.00 ? 27 SER A HG   1 
ATOM 417  N N    . ALA A 1 29 ? -10.189 -6.070  8.275   1.00 0.00 ? 28 ALA A N    1 
ATOM 418  C CA   . ALA A 1 29 ? -10.417 -6.084  9.754   1.00 0.00 ? 28 ALA A CA   1 
ATOM 419  C C    . ALA A 1 29 ? -9.064  -5.935  10.465  1.00 0.00 ? 28 ALA A C    1 
ATOM 420  O O    . ALA A 1 29 ? -9.005  -5.677  11.652  1.00 0.00 ? 28 ALA A O    1 
ATOM 421  C CB   . ALA A 1 29 ? -11.078 -7.414  10.146  1.00 0.00 ? 28 ALA A CB   1 
ATOM 422  H H    . ALA A 1 29 ? -10.449 -6.819  7.713   1.00 0.00 ? 28 ALA A H    1 
ATOM 423  H HA   . ALA A 1 29 ? -11.054 -5.252  10.020  1.00 0.00 ? 28 ALA A HA   1 
ATOM 424  H HB1  . ALA A 1 29 ? -12.019 -7.525  9.627   1.00 0.00 ? 28 ALA A HB1  1 
ATOM 425  H HB2  . ALA A 1 29 ? -10.438 -8.247  9.888   1.00 0.00 ? 28 ALA A HB2  1 
ATOM 426  H HB3  . ALA A 1 29 ? -11.262 -7.435  11.210  1.00 0.00 ? 28 ALA A HB3  1 
ATOM 427  N N    . THR A 1 30 ? -8.021  -6.108  9.687   1.00 0.00 ? 30 THR A N    1 
ATOM 428  C CA   . THR A 1 30 ? -6.637  -6.006  10.183  1.00 0.00 ? 30 THR A CA   1 
ATOM 429  C C    . THR A 1 30 ? -5.973  -4.644  9.902   1.00 0.00 ? 30 THR A C    1 
ATOM 430  O O    . THR A 1 30 ? -5.410  -4.075  10.818  1.00 0.00 ? 30 THR A O    1 
ATOM 431  C CB   . THR A 1 30 ? -5.874  -7.132  9.523   1.00 0.00 ? 30 THR A CB   1 
ATOM 432  O OG1  . THR A 1 30 ? -6.316  -8.312  10.181  1.00 0.00 ? 30 THR A OG1  1 
ATOM 433  C CG2  . THR A 1 30 ? -4.421  -7.021  9.874   1.00 0.00 ? 30 THR A CG2  1 
ATOM 434  H H    . THR A 1 30 ? -8.127  -6.317  8.735   1.00 0.00 ? 30 THR A H    1 
ATOM 435  H HA   . THR A 1 30 ? -6.638  -6.166  11.253  1.00 0.00 ? 30 THR A HA   1 
ATOM 436  H HB   . THR A 1 30 ? -6.055  -7.206  8.461   1.00 0.00 ? 30 THR A HB   1 
ATOM 437  H HG1  . THR A 1 30 ? -5.972  -9.067  9.698   1.00 0.00 ? 30 THR A HG1  1 
ATOM 438  H HG21 . THR A 1 30 ? -4.312  -6.790  10.923  1.00 0.00 ? 30 THR A HG21 1 
ATOM 439  H HG22 . THR A 1 30 ? -3.949  -7.957  9.653   1.00 0.00 ? 30 THR A HG22 1 
ATOM 440  H HG23 . THR A 1 30 ? -3.977  -6.234  9.283   1.00 0.00 ? 30 THR A HG23 1 
ATOM 441  N N    . VAL A 1 31 ? -6.033  -4.134  8.689   1.00 0.00 ? 31 VAL A N    1 
ATOM 442  C CA   . VAL A 1 31 ? -5.379  -2.825  8.445   1.00 0.00 ? 31 VAL A CA   1 
ATOM 443  C C    . VAL A 1 31 ? -6.271  -1.771  9.009   1.00 0.00 ? 31 VAL A C    1 
ATOM 444  O O    . VAL A 1 31 ? -5.750  -0.883  9.637   1.00 0.00 ? 31 VAL A O    1 
ATOM 445  C CB   . VAL A 1 31 ? -5.195  -2.560  6.962   1.00 0.00 ? 31 VAL A CB   1 
ATOM 446  C CG1  . VAL A 1 31 ? -4.771  -1.126  6.779   1.00 0.00 ? 31 VAL A CG1  1 
ATOM 447  C CG2  . VAL A 1 31 ? -4.021  -3.349  6.499   1.00 0.00 ? 31 VAL A CG2  1 
ATOM 448  H H    . VAL A 1 31 ? -6.491  -4.554  7.937   1.00 0.00 ? 31 VAL A H    1 
ATOM 449  H HA   . VAL A 1 31 ? -4.427  -2.801  8.957   1.00 0.00 ? 31 VAL A HA   1 
ATOM 450  H HB   . VAL A 1 31 ? -6.088  -2.771  6.396   1.00 0.00 ? 31 VAL A HB   1 
ATOM 451  H HG11 . VAL A 1 31 ? -3.939  -0.920  7.440   1.00 0.00 ? 31 VAL A HG11 1 
ATOM 452  H HG12 . VAL A 1 31 ? -4.476  -0.981  5.754   1.00 0.00 ? 31 VAL A HG12 1 
ATOM 453  H HG13 . VAL A 1 31 ? -5.591  -0.476  7.025   1.00 0.00 ? 31 VAL A HG13 1 
ATOM 454  H HG21 . VAL A 1 31 ? -3.163  -3.038  7.082   1.00 0.00 ? 31 VAL A HG21 1 
ATOM 455  H HG22 . VAL A 1 31 ? -4.222  -4.393  6.646   1.00 0.00 ? 31 VAL A HG22 1 
ATOM 456  H HG23 . VAL A 1 31 ? -3.858  -3.118  5.459   1.00 0.00 ? 31 VAL A HG23 1 
ATOM 457  N N    . LEU A 1 32 ? -7.552  -1.909  8.766   1.00 0.00 ? 32 LEU A N    1 
ATOM 458  C CA   . LEU A 1 32 ? -8.572  -0.938  9.270   1.00 0.00 ? 32 LEU A CA   1 
ATOM 459  C C    . LEU A 1 32 ? -8.326  -0.712  10.781  1.00 0.00 ? 32 LEU A C    1 
ATOM 460  O O    . LEU A 1 32 ? -8.676  0.311   11.338  1.00 0.00 ? 32 LEU A O    1 
ATOM 461  C CB   . LEU A 1 32 ? -9.931  -1.526  9.039   1.00 0.00 ? 32 LEU A CB   1 
ATOM 462  C CG   . LEU A 1 32 ? -11.139 -0.570  9.251   1.00 0.00 ? 32 LEU A CG   1 
ATOM 463  C CD1  . LEU A 1 32 ? -11.528 -0.429  10.748  1.00 0.00 ? 32 LEU A CD1  1 
ATOM 464  C CD2  . LEU A 1 32 ? -10.848 0.797   8.637   1.00 0.00 ? 32 LEU A CD2  1 
ATOM 465  H H    . LEU A 1 32 ? -7.840  -2.675  8.231   1.00 0.00 ? 32 LEU A H    1 
ATOM 466  H HA   . LEU A 1 32 ? -8.567  -0.048  8.692   1.00 0.00 ? 32 LEU A HA   1 
ATOM 467  H HB2  . LEU A 1 32 ? -9.988  -1.943  8.047   1.00 0.00 ? 32 LEU A HB2  1 
ATOM 468  H HB3  . LEU A 1 32 ? -9.921  -2.298  9.761   1.00 0.00 ? 32 LEU A HB3  1 
ATOM 469  H HG   . LEU A 1 32 ? -11.989 -0.989  8.730   1.00 0.00 ? 32 LEU A HG   1 
ATOM 470  H HD11 . LEU A 1 32 ? -11.134 -1.248  11.331  1.00 0.00 ? 32 LEU A HD11 1 
ATOM 471  H HD12 . LEU A 1 32 ? -11.160 0.499   11.160  1.00 0.00 ? 32 LEU A HD12 1 
ATOM 472  H HD13 . LEU A 1 32 ? -12.604 -0.435  10.842  1.00 0.00 ? 32 LEU A HD13 1 
ATOM 473  H HD21 . LEU A 1 32 ? -10.447 0.692   7.641   1.00 0.00 ? 32 LEU A HD21 1 
ATOM 474  H HD22 . LEU A 1 32 ? -11.758 1.365   8.565   1.00 0.00 ? 32 LEU A HD22 1 
ATOM 475  H HD23 . LEU A 1 32 ? -10.135 1.349   9.239   1.00 0.00 ? 32 LEU A HD23 1 
ATOM 476  N N    . GLN A 1 33 ? -7.712  -1.710  11.375  1.00 0.00 ? 33 GLN A N    1 
ATOM 477  C CA   . GLN A 1 33 ? -7.376  -1.700  12.820  1.00 0.00 ? 33 GLN A CA   1 
ATOM 478  C C    . GLN A 1 33 ? -6.102  -0.871  13.028  1.00 0.00 ? 33 GLN A C    1 
ATOM 479  O O    . GLN A 1 33 ? -5.969  -0.145  13.994  1.00 0.00 ? 33 GLN A O    1 
ATOM 480  C CB   . GLN A 1 33 ? -7.223  -3.210  13.245  1.00 0.00 ? 33 GLN A CB   1 
ATOM 481  C CG   . GLN A 1 33 ? -5.821  -3.548  13.794  1.00 0.00 ? 33 GLN A CG   1 
ATOM 482  C CD   . GLN A 1 33 ? -5.722  -5.061  14.032  1.00 0.00 ? 33 GLN A CD   1 
ATOM 483  O OE1  . GLN A 1 33 ? -6.321  -5.602  14.939  1.00 0.00 ? 33 GLN A OE1  1 
ATOM 484  N NE2  . GLN A 1 33 ? -4.974  -5.776  13.236  1.00 0.00 ? 33 GLN A NE2  1 
ATOM 485  H H    . GLN A 1 33 ? -7.455  -2.504  10.865  1.00 0.00 ? 33 GLN A H    1 
ATOM 486  H HA   . GLN A 1 33 ? -8.179  -1.178  13.308  1.00 0.00 ? 33 GLN A HA   1 
ATOM 487  H HB2  . GLN A 1 33 ? -7.967  -3.450  13.989  1.00 0.00 ? 33 GLN A HB2  1 
ATOM 488  H HB3  . GLN A 1 33 ? -7.368  -3.858  12.387  1.00 0.00 ? 33 GLN A HB3  1 
ATOM 489  H HG2  . GLN A 1 33 ? -5.064  -3.268  13.077  1.00 0.00 ? 33 GLN A HG2  1 
ATOM 490  H HG3  . GLN A 1 33 ? -5.649  -3.028  14.722  1.00 0.00 ? 33 GLN A HG3  1 
ATOM 491  H HE21 . GLN A 1 33 ? -4.633  -5.386  12.405  1.00 0.00 ? 33 GLN A HE21 1 
ATOM 492  H HE22 . GLN A 1 33 ? -4.753  -6.702  13.469  1.00 0.00 ? 33 GLN A HE22 1 
ATOM 493  N N    . GLN A 1 34 ? -5.219  -1.044  12.084  1.00 0.00 ? 34 GLN A N    1 
ATOM 494  C CA   . GLN A 1 34 ? -3.901  -0.354  12.040  1.00 0.00 ? 34 GLN A CA   1 
ATOM 495  C C    . GLN A 1 34 ? -4.060  1.176   11.948  1.00 0.00 ? 34 GLN A C    1 
ATOM 496  O O    . GLN A 1 34 ? -5.006  1.750   12.450  1.00 0.00 ? 34 GLN A O    1 
ATOM 497  C CB   . GLN A 1 34 ? -3.150  -0.938  10.846  1.00 0.00 ? 34 GLN A CB   1 
ATOM 498  C CG   . GLN A 1 34 ? -1.616  -0.940  11.076  1.00 0.00 ? 34 GLN A CG   1 
ATOM 499  C CD   . GLN A 1 34 ? -1.126  -2.392  11.207  1.00 0.00 ? 34 GLN A CD   1 
ATOM 500  O OE1  . GLN A 1 34 ? -0.220  -2.823  10.523  1.00 0.00 ? 34 GLN A OE1  1 
ATOM 501  N NE2  . GLN A 1 34 ? -1.698  -3.182  12.075  1.00 0.00 ? 34 GLN A NE2  1 
ATOM 502  H H    . GLN A 1 34 ? -5.443  -1.674  11.369  1.00 0.00 ? 34 GLN A H    1 
ATOM 503  H HA   . GLN A 1 34 ? -3.287  -0.565  12.870  1.00 0.00 ? 34 GLN A HA   1 
ATOM 504  H HB2  . GLN A 1 34 ? -3.513  -1.924  10.605  1.00 0.00 ? 34 GLN A HB2  1 
ATOM 505  H HB3  . GLN A 1 34 ? -3.368  -0.281  10.042  1.00 0.00 ? 34 GLN A HB3  1 
ATOM 506  H HG2  . GLN A 1 34 ? -1.117  -0.477  10.239  1.00 0.00 ? 34 GLN A HG2  1 
ATOM 507  H HG3  . GLN A 1 34 ? -1.345  -0.406  11.974  1.00 0.00 ? 34 GLN A HG3  1 
ATOM 508  H HE21 . GLN A 1 34 ? -2.540  -2.918  12.501  1.00 0.00 ? 34 GLN A HE21 1 
ATOM 509  H HE22 . GLN A 1 34 ? -1.280  -4.040  12.300  1.00 0.00 ? 34 GLN A HE22 1 
ATOM 510  N N    . THR A 1 35 ? -3.114  1.784   11.295  1.00 0.00 ? 35 THR A N    1 
ATOM 511  C CA   . THR A 1 35 ? -3.114  3.272   11.123  1.00 0.00 ? 35 THR A CA   1 
ATOM 512  C C    . THR A 1 35 ? -3.458  3.739   9.713   1.00 0.00 ? 35 THR A C    1 
ATOM 513  O O    . THR A 1 35 ? -3.801  4.893   9.548   1.00 0.00 ? 35 THR A O    1 
ATOM 514  C CB   . THR A 1 35 ? -1.714  3.802   11.518  1.00 0.00 ? 35 THR A CB   1 
ATOM 515  O OG1  . THR A 1 35 ? -1.547  3.373   12.861  1.00 0.00 ? 35 THR A OG1  1 
ATOM 516  C CG2  . THR A 1 35 ? -1.665  5.346   11.605  1.00 0.00 ? 35 THR A CG2  1 
ATOM 517  H H    . THR A 1 35 ? -2.408  1.218   10.920  1.00 0.00 ? 35 THR A H    1 
ATOM 518  H HA   . THR A 1 35 ? -3.854  3.701   11.785  1.00 0.00 ? 35 THR A HA   1 
ATOM 519  H HB   . THR A 1 35 ? -0.924  3.396   10.900  1.00 0.00 ? 35 THR A HB   1 
ATOM 520  H HG1  . THR A 1 35 ? -1.477  2.415   12.859  1.00 0.00 ? 35 THR A HG1  1 
ATOM 521  H HG21 . THR A 1 35 ? -2.589  5.738   12.004  1.00 0.00 ? 35 THR A HG21 1 
ATOM 522  H HG22 . THR A 1 35 ? -0.851  5.658   12.244  1.00 0.00 ? 35 THR A HG22 1 
ATOM 523  H HG23 . THR A 1 35 ? -1.505  5.763   10.622  1.00 0.00 ? 35 THR A HG23 1 
ATOM 524  N N    . TYR A 1 36 ? -3.370  2.868   8.738   1.00 0.00 ? 36 TYR A N    1 
ATOM 525  C CA   . TYR A 1 36 ? -3.694  3.308   7.352   1.00 0.00 ? 36 TYR A CA   1 
ATOM 526  C C    . TYR A 1 36 ? -4.652  2.439   6.520   1.00 0.00 ? 36 TYR A C    1 
ATOM 527  O O    . TYR A 1 36 ? -4.299  1.457   5.908   1.00 0.00 ? 36 TYR A O    1 
ATOM 528  C CB   . TYR A 1 36 ? -2.409  3.449   6.655   1.00 0.00 ? 36 TYR A CB   1 
ATOM 529  C CG   . TYR A 1 36 ? -1.664  4.750   7.045   1.00 0.00 ? 36 TYR A CG   1 
ATOM 530  C CD1  . TYR A 1 36 ? -2.255  5.995   6.907   1.00 0.00 ? 36 TYR A CD1  1 
ATOM 531  C CD2  . TYR A 1 36 ? -0.379  4.688   7.548   1.00 0.00 ? 36 TYR A CD2  1 
ATOM 532  C CE1  . TYR A 1 36 ? -1.574  7.142   7.263   1.00 0.00 ? 36 TYR A CE1  1 
ATOM 533  C CE2  . TYR A 1 36 ? 0.299   5.836   7.901   1.00 0.00 ? 36 TYR A CE2  1 
ATOM 534  C CZ   . TYR A 1 36 ? -0.292  7.071   7.762   1.00 0.00 ? 36 TYR A CZ   1 
ATOM 535  O OH   . TYR A 1 36 ? 0.392   8.217   8.115   1.00 0.00 ? 36 TYR A OH   1 
ATOM 536  H H    . TYR A 1 36 ? -3.094  1.944   8.900   1.00 0.00 ? 36 TYR A H    1 
ATOM 537  H HA   . TYR A 1 36 ? -4.079  4.295   7.371   1.00 0.00 ? 36 TYR A HA   1 
ATOM 538  H HB2  . TYR A 1 36 ? -1.836  2.605   6.937   1.00 0.00 ? 36 TYR A HB2  1 
ATOM 539  H HB3  . TYR A 1 36 ? -2.631  3.418   5.616   1.00 0.00 ? 36 TYR A HB3  1 
ATOM 540  H HD1  . TYR A 1 36 ? -3.257  6.079   6.516   1.00 0.00 ? 36 TYR A HD1  1 
ATOM 541  H HD2  . TYR A 1 36 ? 0.109   3.735   7.667   1.00 0.00 ? 36 TYR A HD2  1 
ATOM 542  H HE1  . TYR A 1 36 ? -2.051  8.104   7.148   1.00 0.00 ? 36 TYR A HE1  1 
ATOM 543  H HE2  . TYR A 1 36 ? 1.303   5.766   8.291   1.00 0.00 ? 36 TYR A HE2  1 
ATOM 544  H HH   . TYR A 1 36 ? 1.199   8.252   7.595   1.00 0.00 ? 36 TYR A HH   1 
ATOM 545  N N    . HIS A 1 37 ? -5.858  2.910   6.583   1.00 0.00 ? 37 HIS A N    1 
ATOM 546  C CA   . HIS A 1 37 ? -7.094  2.377   5.926   1.00 0.00 ? 37 HIS A CA   1 
ATOM 547  C C    . HIS A 1 37 ? -8.064  3.445   5.392   1.00 0.00 ? 37 HIS A C    1 
ATOM 548  O O    . HIS A 1 37 ? -7.909  4.642   5.513   1.00 0.00 ? 37 HIS A O    1 
ATOM 549  C CB   . HIS A 1 37 ? -7.813  1.538   6.949   1.00 0.00 ? 37 HIS A CB   1 
ATOM 550  C CG   . HIS A 1 37 ? -7.679  2.305   8.272   1.00 0.00 ? 37 HIS A CG   1 
ATOM 551  N ND1  . HIS A 1 37 ? -8.076  3.506   8.537   1.00 0.00 ? 37 HIS A ND1  1 
ATOM 552  C CD2  . HIS A 1 37 ? -7.095  1.880   9.423   1.00 0.00 ? 37 HIS A CD2  1 
ATOM 553  C CE1  . HIS A 1 37 ? -7.760  3.799   9.761   1.00 0.00 ? 37 HIS A CE1  1 
ATOM 554  N NE2  . HIS A 1 37 ? -7.143  2.808   10.355  1.00 0.00 ? 37 HIS A NE2  1 
ATOM 555  H H    . HIS A 1 37 ? -5.941  3.683   7.144   1.00 0.00 ? 37 HIS A H    1 
ATOM 556  H HA   . HIS A 1 37 ? -6.862  1.767   5.072   1.00 0.00 ? 37 HIS A HA   1 
ATOM 557  H HB2  . HIS A 1 37 ? -8.854  1.399   6.711   1.00 0.00 ? 37 HIS A HB2  1 
ATOM 558  H HB3  . HIS A 1 37 ? -7.331  0.576   7.048   1.00 0.00 ? 37 HIS A HB3  1 
ATOM 559  H HD1  . HIS A 1 37 ? -8.543  4.098   7.911   1.00 0.00 ? 37 HIS A HD1  1 
ATOM 560  H HD2  . HIS A 1 37 ? -6.671  0.902   9.496   1.00 0.00 ? 37 HIS A HD2  1 
ATOM 561  H HE1  . HIS A 1 37 ? -7.972  4.742   10.240  1.00 0.00 ? 37 HIS A HE1  1 
ATOM 562  N N    . ALA A 1 38 ? -9.055  2.830   4.815   1.00 0.00 ? 39 ALA A N    1 
ATOM 563  C CA   . ALA A 1 38 ? -10.261 3.401   4.147   1.00 0.00 ? 39 ALA A CA   1 
ATOM 564  C C    . ALA A 1 38 ? -11.133 4.244   5.057   1.00 0.00 ? 39 ALA A C    1 
ATOM 565  O O    . ALA A 1 38 ? -12.016 4.970   4.643   1.00 0.00 ? 39 ALA A O    1 
ATOM 566  C CB   . ALA A 1 38 ? -11.112 2.269   3.705   1.00 0.00 ? 39 ALA A CB   1 
ATOM 567  H H    . ALA A 1 38 ? -9.002  1.851   4.821   1.00 0.00 ? 39 ALA A H    1 
ATOM 568  H HA   . ALA A 1 38 ? -9.930  4.020   3.325   1.00 0.00 ? 39 ALA A HA   1 
ATOM 569  H HB1  . ALA A 1 38 ? -11.286 1.669   4.601   1.00 0.00 ? 39 ALA A HB1  1 
ATOM 570  H HB2  . ALA A 1 38 ? -12.084 2.604   3.377   1.00 0.00 ? 39 ALA A HB2  1 
ATOM 571  H HB3  . ALA A 1 38 ? -10.625 1.641   2.986   1.00 0.00 ? 39 ALA A HB3  1 
ATOM 572  N N    . HIS A 1 39 ? -10.817 4.082   6.292   1.00 0.00 ? 40 HIS A N    1 
ATOM 573  C CA   . HIS A 1 39 ? -11.526 4.736   7.370   1.00 0.00 ? 40 HIS A CA   1 
ATOM 574  C C    . HIS A 1 39 ? -11.354 6.247   7.405   1.00 0.00 ? 40 HIS A C    1 
ATOM 575  O O    . HIS A 1 39 ? -12.323 6.983   7.441   1.00 0.00 ? 40 HIS A O    1 
ATOM 576  C CB   . HIS A 1 39 ? -10.971 3.983   8.464   1.00 0.00 ? 40 HIS A CB   1 
ATOM 577  C CG   . HIS A 1 39 ? -11.971 3.760   9.493   1.00 0.00 ? 40 HIS A CG   1 
ATOM 578  N ND1  . HIS A 1 39 ? -11.817 4.000   10.719  1.00 0.00 ? 40 HIS A ND1  1 
ATOM 579  C CD2  . HIS A 1 39 ? -13.219 3.224   9.318   1.00 0.00 ? 40 HIS A CD2  1 
ATOM 580  C CE1  . HIS A 1 39 ? -12.900 3.640   11.326  1.00 0.00 ? 40 HIS A CE1  1 
ATOM 581  N NE2  . HIS A 1 39 ? -13.806 3.152   10.498  1.00 0.00 ? 40 HIS A NE2  1 
ATOM 582  H H    . HIS A 1 39 ? -10.069 3.510   6.564   1.00 0.00 ? 40 HIS A H    1 
ATOM 583  H HA   . HIS A 1 39 ? -12.564 4.516   7.291   1.00 0.00 ? 40 HIS A HA   1 
ATOM 584  H HB2  . HIS A 1 39 ? -10.503 3.053   8.214   1.00 0.00 ? 40 HIS A HB2  1 
ATOM 585  H HB3  . HIS A 1 39 ? -10.242 4.637   8.881   1.00 0.00 ? 40 HIS A HB3  1 
ATOM 586  H HD1  . HIS A 1 39 ? -10.979 4.392   11.037  1.00 0.00 ? 40 HIS A HD1  1 
ATOM 587  H HD2  . HIS A 1 39 ? -13.584 2.919   8.327   1.00 0.00 ? 40 HIS A HD2  1 
ATOM 588  H HE1  . HIS A 1 39 ? -13.032 3.717   12.383  1.00 0.00 ? 40 HIS A HE1  1 
ATOM 589  N N    . ARG A 1 40 ? -10.115 6.654   7.391   1.00 0.00 ? 41 ARG A N    1 
ATOM 590  C CA   . ARG A 1 40 ? -9.816  8.106   7.419   1.00 0.00 ? 41 ARG A CA   1 
ATOM 591  C C    . ARG A 1 40 ? -10.053 8.569   5.967   1.00 0.00 ? 41 ARG A C    1 
ATOM 592  O O    . ARG A 1 40 ? -9.343  8.195   5.055   1.00 0.00 ? 41 ARG A O    1 
ATOM 593  C CB   . ARG A 1 40 ? -8.347  8.237   7.940   1.00 0.00 ? 41 ARG A CB   1 
ATOM 594  C CG   . ARG A 1 40 ? -7.316  7.691   6.933   1.00 0.00 ? 41 ARG A CG   1 
ATOM 595  C CD   . ARG A 1 40 ? -6.091  7.067   7.628   1.00 0.00 ? 41 ARG A CD   1 
ATOM 596  N NE   . ARG A 1 40 ? -5.536  8.054   8.602   1.00 0.00 ? 41 ARG A NE   1 
ATOM 597  C CZ   . ARG A 1 40 ? -4.781  7.638   9.579   1.00 0.00 ? 41 ARG A CZ   1 
ATOM 598  N NH1  . ARG A 1 40 ? -5.340  7.058   10.604  1.00 0.00 ? 41 ARG A NH1  1 
ATOM 599  N NH2  . ARG A 1 40 ? -3.492  7.816   9.501   1.00 0.00 ? 41 ARG A NH2  1 
ATOM 600  H H    . ARG A 1 40 ? -9.386  5.999   7.354   1.00 0.00 ? 41 ARG A H    1 
ATOM 601  H HA   . ARG A 1 40 ? -10.503 8.611   8.086   1.00 0.00 ? 41 ARG A HA   1 
ATOM 602  H HB2  . ARG A 1 40 ? -8.140  9.268   8.181   1.00 0.00 ? 41 ARG A HB2  1 
ATOM 603  H HB3  . ARG A 1 40 ? -8.282  7.665   8.857   1.00 0.00 ? 41 ARG A HB3  1 
ATOM 604  H HG2  . ARG A 1 40 ? -7.779  6.921   6.339   1.00 0.00 ? 41 ARG A HG2  1 
ATOM 605  H HG3  . ARG A 1 40 ? -6.992  8.491   6.287   1.00 0.00 ? 41 ARG A HG3  1 
ATOM 606  H HD2  . ARG A 1 40 ? -6.367  6.155   8.137   1.00 0.00 ? 41 ARG A HD2  1 
ATOM 607  H HD3  . ARG A 1 40 ? -5.329  6.836   6.896   1.00 0.00 ? 41 ARG A HD3  1 
ATOM 608  H HE   . ARG A 1 40 ? -5.740  9.008   8.504   1.00 0.00 ? 41 ARG A HE   1 
ATOM 609  H HH11 . ARG A 1 40 ? -6.308  7.215   10.797  1.00 0.00 ? 41 ARG A HH11 1 
ATOM 610  H HH12 . ARG A 1 40 ? -4.802  6.457   11.193  1.00 0.00 ? 41 ARG A HH12 1 
ATOM 611  H HH21 . ARG A 1 40 ? -3.124  8.572   8.961   1.00 0.00 ? 41 ARG A HH21 1 
ATOM 612  H HH22 . ARG A 1 40 ? -2.870  7.196   9.980   1.00 0.00 ? 41 ARG A HH22 1 
ATOM 613  N N    . SER A 1 41 ? -11.077 9.369   5.811   1.00 0.00 ? 42 SER A N    1 
ATOM 614  C CA   . SER A 1 41 ? -11.480 9.925   4.474   1.00 0.00 ? 42 SER A CA   1 
ATOM 615  C C    . SER A 1 41 ? -10.308 10.376  3.600   1.00 0.00 ? 42 SER A C    1 
ATOM 616  O O    . SER A 1 41 ? -10.333 10.229  2.392   1.00 0.00 ? 42 SER A O    1 
ATOM 617  C CB   . SER A 1 41 ? -12.423 11.116  4.699   1.00 0.00 ? 42 SER A CB   1 
ATOM 618  O OG   . SER A 1 41 ? -13.521 10.560  5.409   1.00 0.00 ? 42 SER A OG   1 
ATOM 619  H H    . SER A 1 41 ? -11.598 9.616   6.603   1.00 0.00 ? 42 SER A H    1 
ATOM 620  H HA   . SER A 1 41 ? -12.021 9.154   3.943   1.00 0.00 ? 42 SER A HA   1 
ATOM 621  H HB2  . SER A 1 41 ? -11.964 11.893  5.294   1.00 0.00 ? 42 SER A HB2  1 
ATOM 622  H HB3  . SER A 1 41 ? -12.772 11.523  3.759   1.00 0.00 ? 42 SER A HB3  1 
ATOM 623  H HG   . SER A 1 41 ? -14.313 10.699  4.886   1.00 0.00 ? 42 SER A HG   1 
ATOM 624  N N    . ASP A 1 42 ? -9.315  10.909  4.257   1.00 0.00 ? 43 ASP A N    1 
ATOM 625  C CA   . ASP A 1 42 ? -8.103  11.401  3.545   1.00 0.00 ? 43 ASP A CA   1 
ATOM 626  C C    . ASP A 1 42 ? -7.206  10.299  2.992   1.00 0.00 ? 43 ASP A C    1 
ATOM 627  O O    . ASP A 1 42 ? -6.627  10.489  1.945   1.00 0.00 ? 43 ASP A O    1 
ATOM 628  C CB   . ASP A 1 42 ? -7.257  12.233  4.473   1.00 0.00 ? 43 ASP A CB   1 
ATOM 629  C CG   . ASP A 1 42 ? -6.857  11.408  5.719   1.00 0.00 ? 43 ASP A CG   1 
ATOM 630  O OD1  . ASP A 1 42 ? -7.689  11.327  6.609   1.00 0.00 ? 43 ASP A OD1  1 
ATOM 631  O OD2  . ASP A 1 42 ? -5.745  10.900  5.714   1.00 0.00 ? 43 ASP A OD2  1 
ATOM 632  H H    . ASP A 1 42 ? -9.368  10.984  5.232   1.00 0.00 ? 43 ASP A H    1 
ATOM 633  H HA   . ASP A 1 42 ? -8.425  12.024  2.724   1.00 0.00 ? 43 ASP A HA   1 
ATOM 634  H HB2  . ASP A 1 42 ? -6.387  12.470  3.881   1.00 0.00 ? 43 ASP A HB2  1 
ATOM 635  H HB3  . ASP A 1 42 ? -7.763  13.140  4.773   1.00 0.00 ? 43 ASP A HB3  1 
ATOM 636  N N    . ALA A 1 43 ? -7.108  9.201   3.701   1.00 0.00 ? 44 ALA A N    1 
ATOM 637  C CA   . ALA A 1 43 ? -6.249  8.054   3.246   1.00 0.00 ? 44 ALA A CA   1 
ATOM 638  C C    . ALA A 1 43 ? -6.546  7.752   1.796   1.00 0.00 ? 44 ALA A C    1 
ATOM 639  O O    . ALA A 1 43 ? -5.667  7.620   0.968   1.00 0.00 ? 44 ALA A O    1 
ATOM 640  C CB   . ALA A 1 43 ? -6.557  6.801   4.033   1.00 0.00 ? 44 ALA A CB   1 
ATOM 641  H H    . ALA A 1 43 ? -7.609  9.135   4.539   1.00 0.00 ? 44 ALA A H    1 
ATOM 642  H HA   . ALA A 1 43 ? -5.209  8.328   3.346   1.00 0.00 ? 44 ALA A HA   1 
ATOM 643  H HB1  . ALA A 1 43 ? -7.616  6.763   4.238   1.00 0.00 ? 44 ALA A HB1  1 
ATOM 644  H HB2  . ALA A 1 43 ? -6.299  5.924   3.460   1.00 0.00 ? 44 ALA A HB2  1 
ATOM 645  H HB3  . ALA A 1 43 ? -6.002  6.790   4.950   1.00 0.00 ? 44 ALA A HB3  1 
ATOM 646  N N    . LEU A 1 44 A -7.829  7.663   1.583   1.00 0.00 ? 44 LEU A N    1 
ATOM 647  C CA   . LEU A 1 44 A -8.348  7.373   0.233   1.00 0.00 ? 44 LEU A CA   1 
ATOM 648  C C    . LEU A 1 44 A -8.000  8.519   -0.708  1.00 0.00 ? 44 LEU A C    1 
ATOM 649  O O    . LEU A 1 44 A -7.591  8.273   -1.826  1.00 0.00 ? 44 LEU A O    1 
ATOM 650  C CB   . LEU A 1 44 A -9.877  7.210   0.275   1.00 0.00 ? 44 LEU A CB   1 
ATOM 651  C CG   . LEU A 1 44 A -10.321 6.218   1.397   1.00 0.00 ? 44 LEU A CG   1 
ATOM 652  C CD1  . LEU A 1 44 A -11.396 6.898   2.280   1.00 0.00 ? 44 LEU A CD1  1 
ATOM 653  C CD2  . LEU A 1 44 A -10.911 4.939   0.762   1.00 0.00 ? 44 LEU A CD2  1 
ATOM 654  H H    . LEU A 1 44 A -8.449  7.795   2.330   1.00 0.00 ? 44 LEU A H    1 
ATOM 655  H HA   . LEU A 1 44 A -7.878  6.470   -0.110  1.00 0.00 ? 44 LEU A HA   1 
ATOM 656  H HB2  . LEU A 1 44 A -10.319 8.183   0.436   1.00 0.00 ? 44 LEU A HB2  1 
ATOM 657  H HB3  . LEU A 1 44 A -10.210 6.855   -0.690  1.00 0.00 ? 44 LEU A HB3  1 
ATOM 658  H HG   . LEU A 1 44 A -9.482  5.935   2.017   1.00 0.00 ? 44 LEU A HG   1 
ATOM 659  H HD11 . LEU A 1 44 A -11.918 7.672   1.735   1.00 0.00 ? 44 LEU A HD11 1 
ATOM 660  H HD12 . LEU A 1 44 A -12.127 6.180   2.618   1.00 0.00 ? 44 LEU A HD12 1 
ATOM 661  H HD13 . LEU A 1 44 A -10.923 7.344   3.143   1.00 0.00 ? 44 LEU A HD13 1 
ATOM 662  H HD21 . LEU A 1 44 A -11.682 5.185   0.046   1.00 0.00 ? 44 LEU A HD21 1 
ATOM 663  H HD22 . LEU A 1 44 A -10.129 4.390   0.260   1.00 0.00 ? 44 LEU A HD22 1 
ATOM 664  H HD23 . LEU A 1 44 A -11.339 4.306   1.526   1.00 0.00 ? 44 LEU A HD23 1 
ATOM 665  N N    . GLN A 1 45 B -8.158  9.722   -0.198  1.00 0.00 ? 44 GLN A N    1 
ATOM 666  C CA   . GLN A 1 45 B -7.872  10.955  -1.005  1.00 0.00 ? 44 GLN A CA   1 
ATOM 667  C C    . GLN A 1 45 B -6.368  11.148  -1.217  1.00 0.00 ? 44 GLN A C    1 
ATOM 668  O O    . GLN A 1 45 B -5.937  11.950  -2.023  1.00 0.00 ? 44 GLN A O    1 
ATOM 669  C CB   . GLN A 1 45 B -8.476  12.160  -0.255  1.00 0.00 ? 44 GLN A CB   1 
ATOM 670  C CG   . GLN A 1 45 B -8.791  13.307  -1.236  1.00 0.00 ? 44 GLN A CG   1 
ATOM 671  C CD   . GLN A 1 45 B -9.490  14.435  -0.469  1.00 0.00 ? 44 GLN A CD   1 
ATOM 672  O OE1  . GLN A 1 45 B -8.884  15.150  0.304   1.00 0.00 ? 44 GLN A OE1  1 
ATOM 673  N NE2  . GLN A 1 45 B -10.767 14.631  -0.653  1.00 0.00 ? 44 GLN A NE2  1 
ATOM 674  H H    . GLN A 1 45 B -8.448  9.826   0.742   1.00 0.00 ? 44 GLN A H    1 
ATOM 675  H HA   . GLN A 1 45 B -8.343  10.846  -1.971  1.00 0.00 ? 44 GLN A HA   1 
ATOM 676  H HB2  . GLN A 1 45 B -9.386  11.857  0.243   1.00 0.00 ? 44 GLN A HB2  1 
ATOM 677  H HB3  . GLN A 1 45 B -7.781  12.512  0.495   1.00 0.00 ? 44 GLN A HB3  1 
ATOM 678  H HG2  . GLN A 1 45 B -7.883  13.698  -1.671  1.00 0.00 ? 44 GLN A HG2  1 
ATOM 679  H HG3  . GLN A 1 45 B -9.441  12.965  -2.028  1.00 0.00 ? 44 GLN A HG3  1 
ATOM 680  H HE21 . GLN A 1 45 B -11.290 13.992  -1.182  1.00 0.00 ? 44 GLN A HE21 1 
ATOM 681  H HE22 . GLN A 1 45 B -11.202 15.417  -0.262  1.00 0.00 ? 44 GLN A HE22 1 
ATOM 682  N N    . LEU A 1 46 C -5.632  10.381  -0.463  1.00 0.00 ? 44 LEU A N    1 
ATOM 683  C CA   . LEU A 1 46 C -4.151  10.401  -0.500  1.00 0.00 ? 44 LEU A CA   1 
ATOM 684  C C    . LEU A 1 46 C -3.682  9.248   -1.405  1.00 0.00 ? 44 LEU A C    1 
ATOM 685  O O    . LEU A 1 46 C -2.584  9.294   -1.928  1.00 0.00 ? 44 LEU A O    1 
ATOM 686  C CB   . LEU A 1 46 C -3.692  10.279  0.983   1.00 0.00 ? 44 LEU A CB   1 
ATOM 687  C CG   . LEU A 1 46 C -2.292  9.673   1.122   1.00 0.00 ? 44 LEU A CG   1 
ATOM 688  C CD1  . LEU A 1 46 C -1.229  10.605  0.486   1.00 0.00 ? 44 LEU A CD1  1 
ATOM 689  C CD2  . LEU A 1 46 C -1.980  9.473   2.618   1.00 0.00 ? 44 LEU A CD2  1 
ATOM 690  H H    . LEU A 1 46 C -6.069  9.761   0.155   1.00 0.00 ? 44 LEU A H    1 
ATOM 691  H HA   . LEU A 1 46 C -3.811  11.337  -0.921  1.00 0.00 ? 44 LEU A HA   1 
ATOM 692  H HB2  . LEU A 1 46 C -3.710  11.258  1.440   1.00 0.00 ? 44 LEU A HB2  1 
ATOM 693  H HB3  . LEU A 1 46 C -4.381  9.650   1.522   1.00 0.00 ? 44 LEU A HB3  1 
ATOM 694  H HG   . LEU A 1 46 C -2.310  8.711   0.637   1.00 0.00 ? 44 LEU A HG   1 
ATOM 695  H HD11 . LEU A 1 46 C -1.686  11.368  -0.127  1.00 0.00 ? 44 LEU A HD11 1 
ATOM 696  H HD12 . LEU A 1 46 C -0.635  11.096  1.245   1.00 0.00 ? 44 LEU A HD12 1 
ATOM 697  H HD13 . LEU A 1 46 C -0.575  10.017  -0.137  1.00 0.00 ? 44 LEU A HD13 1 
ATOM 698  H HD21 . LEU A 1 46 C -2.151  10.387  3.169   1.00 0.00 ? 44 LEU A HD21 1 
ATOM 699  H HD22 . LEU A 1 46 C -2.615  8.699   3.024   1.00 0.00 ? 44 LEU A HD22 1 
ATOM 700  H HD23 . LEU A 1 46 C -0.949  9.178   2.747   1.00 0.00 ? 44 LEU A HD23 1 
ATOM 701  N N    . GLY A 1 47 ? -4.523  8.251   -1.567  1.00 0.00 ? 45 GLY A N    1 
ATOM 702  C CA   . GLY A 1 47 ? -4.140  7.098   -2.434  1.00 0.00 ? 45 GLY A CA   1 
ATOM 703  C C    . GLY A 1 47 ? -4.880  5.776   -2.198  1.00 0.00 ? 45 GLY A C    1 
ATOM 704  O O    . GLY A 1 47 ? -4.626  4.856   -2.952  1.00 0.00 ? 45 GLY A O    1 
ATOM 705  H H    . GLY A 1 47 ? -5.395  8.262   -1.122  1.00 0.00 ? 45 GLY A H    1 
ATOM 706  H HA2  . GLY A 1 47 ? -4.307  7.390   -3.461  1.00 0.00 ? 45 GLY A HA2  1 
ATOM 707  H HA3  . GLY A 1 47 ? -3.086  6.903   -2.310  1.00 0.00 ? 45 GLY A HA3  1 
ATOM 708  N N    . LEU A 1 48 ? -5.753  5.657   -1.220  1.00 0.00 ? 46 LEU A N    1 
ATOM 709  C CA   . LEU A 1 48 ? -6.436  4.345   -1.039  1.00 0.00 ? 46 LEU A CA   1 
ATOM 710  C C    . LEU A 1 48 ? -7.830  4.290   -1.587  1.00 0.00 ? 46 LEU A C    1 
ATOM 711  O O    . LEU A 1 48 ? -8.425  5.285   -1.950  1.00 0.00 ? 46 LEU A O    1 
ATOM 712  C CB   . LEU A 1 48 ? -6.429  3.972   0.450   1.00 0.00 ? 46 LEU A CB   1 
ATOM 713  C CG   . LEU A 1 48 ? -5.012  4.169   1.026   1.00 0.00 ? 46 LEU A CG   1 
ATOM 714  C CD1  . LEU A 1 48 ? -4.965  3.695   2.512   1.00 0.00 ? 46 LEU A CD1  1 
ATOM 715  C CD2  . LEU A 1 48 ? -4.022  3.376   0.113   1.00 0.00 ? 46 LEU A CD2  1 
ATOM 716  H H    . LEU A 1 48 ? -5.980  6.383   -0.608  1.00 0.00 ? 46 LEU A H    1 
ATOM 717  H HA   . LEU A 1 48 ? -5.898  3.575   -1.491  1.00 0.00 ? 46 LEU A HA   1 
ATOM 718  H HB2  . LEU A 1 48 ? -7.154  4.551   0.946   1.00 0.00 ? 46 LEU A HB2  1 
ATOM 719  H HB3  . LEU A 1 48 ? -6.682  2.927   0.571   1.00 0.00 ? 46 LEU A HB3  1 
ATOM 720  H HG   . LEU A 1 48 ? -4.753  5.218   0.995   1.00 0.00 ? 46 LEU A HG   1 
ATOM 721  H HD11 . LEU A 1 48 ? -5.940  3.405   2.876   1.00 0.00 ? 46 LEU A HD11 1 
ATOM 722  H HD12 . LEU A 1 48 ? -4.300  2.859   2.647   1.00 0.00 ? 46 LEU A HD12 1 
ATOM 723  H HD13 . LEU A 1 48 ? -4.612  4.506   3.131   1.00 0.00 ? 46 LEU A HD13 1 
ATOM 724  H HD21 . LEU A 1 48 ? -4.536  2.689   -0.544  1.00 0.00 ? 46 LEU A HD21 1 
ATOM 725  H HD22 . LEU A 1 48 ? -3.492  4.081   -0.513  1.00 0.00 ? 46 LEU A HD22 1 
ATOM 726  H HD23 . LEU A 1 48 ? -3.320  2.786   0.661   1.00 0.00 ? 46 LEU A HD23 1 
ATOM 727  N N    . GLY A 1 49 ? -8.301  3.077   -1.635  1.00 0.00 ? 47 GLY A N    1 
ATOM 728  C CA   . GLY A 1 49 ? -9.695  2.904   -2.180  1.00 0.00 ? 47 GLY A CA   1 
ATOM 729  C C    . GLY A 1 49 ? -10.312 1.576   -1.804  1.00 0.00 ? 47 GLY A C    1 
ATOM 730  O O    . GLY A 1 49 ? -10.881 0.886   -2.629  1.00 0.00 ? 47 GLY A O    1 
ATOM 731  H H    . GLY A 1 49 ? -7.711  2.327   -1.310  1.00 0.00 ? 47 GLY A H    1 
ATOM 732  H HA2  . GLY A 1 49 ? -10.332 3.692   -1.808  1.00 0.00 ? 47 GLY A HA2  1 
ATOM 733  H HA3  . GLY A 1 49 ? -9.655  2.975   -3.258  1.00 0.00 ? 47 GLY A HA3  1 
ATOM 734  N N    . LYS A 1 50 ? -10.169 1.284   -0.543  1.00 0.00 ? 48 LYS A N    1 
ATOM 735  C CA   . LYS A 1 50 ? -10.693 0.025   0.053   1.00 0.00 ? 48 LYS A CA   1 
ATOM 736  C C    . LYS A 1 50 ? -10.337 -1.215  -0.769  1.00 0.00 ? 48 LYS A C    1 
ATOM 737  O O    . LYS A 1 50 ? -11.021 -2.220  -0.765  1.00 0.00 ? 48 LYS A O    1 
ATOM 738  C CB   . LYS A 1 50 ? -12.242 0.123   0.203   1.00 0.00 ? 48 LYS A CB   1 
ATOM 739  C CG   . LYS A 1 50 ? -12.706 1.557   0.574   1.00 0.00 ? 48 LYS A CG   1 
ATOM 740  C CD   . LYS A 1 50 ? -14.020 1.499   1.396   1.00 0.00 ? 48 LYS A CD   1 
ATOM 741  C CE   . LYS A 1 50 ? -15.167 0.887   0.552   1.00 0.00 ? 48 LYS A CE   1 
ATOM 742  N NZ   . LYS A 1 50 ? -16.345 1.798   0.543   1.00 0.00 ? 48 LYS A NZ   1 
ATOM 743  H H    . LYS A 1 50 ? -9.699  1.916   0.038   1.00 0.00 ? 48 LYS A H    1 
ATOM 744  H HA   . LYS A 1 50 ? -10.167 -0.085  0.978   1.00 0.00 ? 48 LYS A HA   1 
ATOM 745  H HB2  . LYS A 1 50 ? -12.707 -0.163  -0.730  1.00 0.00 ? 48 LYS A HB2  1 
ATOM 746  H HB3  . LYS A 1 50 ? -12.553 -0.573  0.968   1.00 0.00 ? 48 LYS A HB3  1 
ATOM 747  H HG2  . LYS A 1 50 ? -11.944 2.055   1.153   1.00 0.00 ? 48 LYS A HG2  1 
ATOM 748  H HG3  . LYS A 1 50 ? -12.873 2.128   -0.330  1.00 0.00 ? 48 LYS A HG3  1 
ATOM 749  H HD2  . LYS A 1 50 ? -13.865 0.905   2.286   1.00 0.00 ? 48 LYS A HD2  1 
ATOM 750  H HD3  . LYS A 1 50 ? -14.285 2.500   1.703   1.00 0.00 ? 48 LYS A HD3  1 
ATOM 751  H HE2  . LYS A 1 50 ? -14.860 0.723   -0.471  1.00 0.00 ? 48 LYS A HE2  1 
ATOM 752  H HE3  . LYS A 1 50 ? -15.470 -0.060  0.976   1.00 0.00 ? 48 LYS A HE3  1 
ATOM 753  H HZ1  . LYS A 1 50 ? -16.060 2.730   0.181   1.00 0.00 ? 48 LYS A HZ1  1 
ATOM 754  H HZ2  . LYS A 1 50 ? -17.083 1.400   -0.070  1.00 0.00 ? 48 LYS A HZ2  1 
ATOM 755  H HZ3  . LYS A 1 50 ? -16.715 1.900   1.511   1.00 0.00 ? 48 LYS A HZ3  1 
ATOM 756  N N    . HIS A 1 51 A -9.235  -1.066  -1.452  1.00 0.00 ? 48 HIS A N    1 
ATOM 757  C CA   . HIS A 1 51 A -8.693  -2.155  -2.322  1.00 0.00 ? 48 HIS A CA   1 
ATOM 758  C C    . HIS A 1 51 A -8.001  -3.094  -1.384  1.00 0.00 ? 48 HIS A C    1 
ATOM 759  O O    . HIS A 1 51 A -8.174  -3.001  -0.190  1.00 0.00 ? 48 HIS A O    1 
ATOM 760  C CB   . HIS A 1 51 A -7.652  -1.626  -3.317  1.00 0.00 ? 48 HIS A CB   1 
ATOM 761  C CG   . HIS A 1 51 A -6.805  -0.576  -2.693  1.00 0.00 ? 48 HIS A CG   1 
ATOM 762  N ND1  . HIS A 1 51 A -5.639  -0.765  -2.192  1.00 0.00 ? 48 HIS A ND1  1 
ATOM 763  C CD2  . HIS A 1 51 A -7.045  0.728   -2.503  1.00 0.00 ? 48 HIS A CD2  1 
ATOM 764  C CE1  . HIS A 1 51 A -5.226  0.362   -1.733  1.00 0.00 ? 48 HIS A CE1  1 
ATOM 765  N NE2  . HIS A 1 51 A -6.062  1.331   -1.903  1.00 0.00 ? 48 HIS A NE2  1 
ATOM 766  H H    . HIS A 1 51 A -8.763  -0.212  -1.374  1.00 0.00 ? 48 HIS A H    1 
ATOM 767  H HA   . HIS A 1 51 A -9.476  -2.688  -2.828  1.00 0.00 ? 48 HIS A HA   1 
ATOM 768  H HB2  . HIS A 1 51 A -6.896  -2.293  -3.565  1.00 0.00 ? 48 HIS A HB2  1 
ATOM 769  H HB3  . HIS A 1 51 A -8.078  -1.396  -4.257  1.00 0.00 ? 48 HIS A HB3  1 
ATOM 770  H HD1  . HIS A 1 51 A -5.152  -1.615  -2.165  1.00 0.00 ? 48 HIS A HD1  1 
ATOM 771  H HD2  . HIS A 1 51 A -7.932  1.177   -2.804  1.00 0.00 ? 48 HIS A HD2  1 
ATOM 772  H HE1  . HIS A 1 51 A -4.310  0.509   -1.248  1.00 0.00 ? 48 HIS A HE1  1 
ATOM 773  N N    . ASN A 1 52 ? -7.264  -3.959  -2.007  1.00 0.00 ? 49 ASN A N    1 
ATOM 774  C CA   . ASN A 1 52 ? -6.457  -5.004  -1.295  1.00 0.00 ? 49 ASN A CA   1 
ATOM 775  C C    . ASN A 1 52 ? -5.114  -4.981  -2.000  1.00 0.00 ? 49 ASN A C    1 
ATOM 776  O O    . ASN A 1 52 ? -4.580  -5.996  -2.408  1.00 0.00 ? 49 ASN A O    1 
ATOM 777  C CB   . ASN A 1 52 ? -7.079  -6.312  -1.487  1.00 0.00 ? 49 ASN A CB   1 
ATOM 778  C CG   . ASN A 1 52 ? -8.581  -6.452  -1.213  1.00 0.00 ? 49 ASN A CG   1 
ATOM 779  O OD1  . ASN A 1 52 ? -9.277  -5.552  -0.791  1.00 0.00 ? 49 ASN A OD1  1 
ATOM 780  N ND2  . ASN A 1 52 ? -9.122  -7.614  -1.457  1.00 0.00 ? 49 ASN A ND2  1 
ATOM 781  H H    . ASN A 1 52 ? -7.274  -3.876  -2.992  1.00 0.00 ? 49 ASN A H    1 
ATOM 782  H HA   . ASN A 1 52 ? -6.296  -4.717  -0.313  1.00 0.00 ? 49 ASN A HA   1 
ATOM 783  H HB2  . ASN A 1 52 ? -6.918  -6.293  -2.536  1.00 0.00 ? 49 ASN A HB2  1 
ATOM 784  H HB3  . ASN A 1 52 ? -6.524  -7.101  -1.010  1.00 0.00 ? 49 ASN A HB3  1 
ATOM 785  H HD21 . ASN A 1 52 ? -8.564  -8.350  -1.787  1.00 0.00 ? 49 ASN A HD21 1 
ATOM 786  H HD22 . ASN A 1 52 ? -10.081 -7.755  -1.313  1.00 0.00 ? 49 ASN A HD22 1 
ATOM 787  N N    . TYR A 1 53 ? -4.615  -3.788  -2.057  1.00 0.00 ? 50 TYR A N    1 
ATOM 788  C CA   . TYR A 1 53 ? -3.335  -3.509  -2.748  1.00 0.00 ? 50 TYR A CA   1 
ATOM 789  C C    . TYR A 1 53 ? -2.385  -2.390  -2.308  1.00 0.00 ? 50 TYR A C    1 
ATOM 790  O O    . TYR A 1 53 ? -2.752  -1.427  -1.670  1.00 0.00 ? 50 TYR A O    1 
ATOM 791  C CB   . TYR A 1 53 ? -3.702  -3.251  -4.166  1.00 0.00 ? 50 TYR A CB   1 
ATOM 792  C CG   . TYR A 1 53 ? -4.522  -4.392  -4.773  1.00 0.00 ? 50 TYR A CG   1 
ATOM 793  C CD1  . TYR A 1 53 ? -3.977  -5.639  -4.898  1.00 0.00 ? 50 TYR A CD1  1 
ATOM 794  C CD2  . TYR A 1 53 ? -5.819  -4.209  -5.170  1.00 0.00 ? 50 TYR A CD2  1 
ATOM 795  C CE1  . TYR A 1 53 ? -4.688  -6.693  -5.400  1.00 0.00 ? 50 TYR A CE1  1 
ATOM 796  C CE2  . TYR A 1 53 ? -6.546  -5.257  -5.671  1.00 0.00 ? 50 TYR A CE2  1 
ATOM 797  C CZ   . TYR A 1 53 ? -5.993  -6.514  -5.796  1.00 0.00 ? 50 TYR A CZ   1 
ATOM 798  O OH   . TYR A 1 53 ? -6.732  -7.560  -6.309  1.00 0.00 ? 50 TYR A OH   1 
ATOM 799  H H    . TYR A 1 53 ? -5.107  -3.106  -1.594  1.00 0.00 ? 50 TYR A H    1 
ATOM 800  H HA   . TYR A 1 53 ? -2.762  -4.423  -2.735  1.00 0.00 ? 50 TYR A HA   1 
ATOM 801  H HB2  . TYR A 1 53 ? -4.248  -2.323  -4.238  1.00 0.00 ? 50 TYR A HB2  1 
ATOM 802  H HB3  . TYR A 1 53 ? -2.783  -3.140  -4.646  1.00 0.00 ? 50 TYR A HB3  1 
ATOM 803  H HD1  . TYR A 1 53 ? -2.971  -5.787  -4.581  1.00 0.00 ? 50 TYR A HD1  1 
ATOM 804  H HD2  . TYR A 1 53 ? -6.273  -3.238  -5.100  1.00 0.00 ? 50 TYR A HD2  1 
ATOM 805  H HE1  . TYR A 1 53 ? -4.202  -7.654  -5.463  1.00 0.00 ? 50 TYR A HE1  1 
ATOM 806  H HE2  . TYR A 1 53 ? -7.565  -5.080  -5.952  1.00 0.00 ? 50 TYR A HE2  1 
ATOM 807  H HH   . TYR A 1 53 ? -7.248  -7.933  -5.591  1.00 0.00 ? 50 TYR A HH   1 
ATOM 808  N N    . CYS A 1 54 ? -1.151  -2.567  -2.709  1.00 0.00 ? 51 CYS A N    1 
ATOM 809  C CA   . CYS A 1 54 ? -0.121  -1.546  -2.357  1.00 0.00 ? 51 CYS A CA   1 
ATOM 810  C C    . CYS A 1 54 ? -0.442  -0.195  -2.975  1.00 0.00 ? 51 CYS A C    1 
ATOM 811  O O    . CYS A 1 54 ? -0.449  -0.035  -4.181  1.00 0.00 ? 51 CYS A O    1 
ATOM 812  C CB   . CYS A 1 54 ? 1.291   -1.935  -2.857  1.00 0.00 ? 51 CYS A CB   1 
ATOM 813  S SG   . CYS A 1 54 ? 1.396   -2.945  -4.353  1.00 0.00 ? 51 CYS A SG   1 
ATOM 814  H H    . CYS A 1 54 ? -0.928  -3.372  -3.229  1.00 0.00 ? 51 CYS A H    1 
ATOM 815  H HA   . CYS A 1 54 ? -0.141  -1.435  -1.290  1.00 0.00 ? 51 CYS A HA   1 
ATOM 816  H HB2  . CYS A 1 54 ? 1.806   -1.019  -3.105  1.00 0.00 ? 51 CYS A HB2  1 
ATOM 817  H HB3  . CYS A 1 54 ? 1.867   -2.362  -2.053  1.00 0.00 ? 51 CYS A HB3  1 
ATOM 818  N N    . ARG A 1 55 ? -0.704  0.727   -2.093  1.00 0.00 ? 52 ARG A N    1 
ATOM 819  C CA   . ARG A 1 55 ? -1.028  2.103   -2.522  1.00 0.00 ? 52 ARG A CA   1 
ATOM 820  C C    . ARG A 1 55 ? -0.227  3.089   -1.673  1.00 0.00 ? 52 ARG A C    1 
ATOM 821  O O    . ARG A 1 55 ? 0.791   2.749   -1.108  1.00 0.00 ? 52 ARG A O    1 
ATOM 822  C CB   . ARG A 1 55 ? -2.550  2.291   -2.393  1.00 0.00 ? 52 ARG A CB   1 
ATOM 823  C CG   . ARG A 1 55 ? -3.240  1.870   -3.726  1.00 0.00 ? 52 ARG A CG   1 
ATOM 824  C CD   . ARG A 1 55 ? -2.873  2.861   -4.858  1.00 0.00 ? 52 ARG A CD   1 
ATOM 825  N NE   . ARG A 1 55 ? -3.721  2.557   -6.050  1.00 0.00 ? 52 ARG A NE   1 
ATOM 826  C CZ   . ARG A 1 55 ? -3.553  3.218   -7.167  1.00 0.00 ? 52 ARG A CZ   1 
ATOM 827  N NH1  . ARG A 1 55 ? -2.364  3.650   -7.486  1.00 0.00 ? 52 ARG A NH1  1 
ATOM 828  N NH2  . ARG A 1 55 ? -4.586  3.424   -7.933  1.00 0.00 ? 52 ARG A NH2  1 
ATOM 829  H H    . ARG A 1 55 ? -0.690  0.508   -1.139  1.00 0.00 ? 52 ARG A H    1 
ATOM 830  H HA   . ARG A 1 55 ? -0.758  2.251   -3.539  1.00 0.00 ? 52 ARG A HA   1 
ATOM 831  H HB2  . ARG A 1 55 ? -2.890  1.705   -1.561  1.00 0.00 ? 52 ARG A HB2  1 
ATOM 832  H HB3  . ARG A 1 55 ? -2.804  3.319   -2.217  1.00 0.00 ? 52 ARG A HB3  1 
ATOM 833  H HG2  . ARG A 1 55 ? -2.946  0.869   -4.002  1.00 0.00 ? 52 ARG A HG2  1 
ATOM 834  H HG3  . ARG A 1 55 ? -4.309  1.890   -3.597  1.00 0.00 ? 52 ARG A HG3  1 
ATOM 835  H HD2  . ARG A 1 55 ? -3.057  3.879   -4.548  1.00 0.00 ? 52 ARG A HD2  1 
ATOM 836  H HD3  . ARG A 1 55 ? -1.838  2.764   -5.148  1.00 0.00 ? 52 ARG A HD3  1 
ATOM 837  H HE   . ARG A 1 55 ? -4.406  1.858   -5.997  1.00 0.00 ? 52 ARG A HE   1 
ATOM 838  H HH11 . ARG A 1 55 ? -1.596  3.010   -7.513  1.00 0.00 ? 52 ARG A HH11 1 
ATOM 839  H HH12 . ARG A 1 55 ? -2.218  4.614   -7.704  1.00 0.00 ? 52 ARG A HH12 1 
ATOM 840  H HH21 . ARG A 1 55 ? -5.508  3.387   -7.548  1.00 0.00 ? 52 ARG A HH21 1 
ATOM 841  H HH22 . ARG A 1 55 ? -4.455  3.619   -8.905  1.00 0.00 ? 52 ARG A HH22 1 
ATOM 842  N N    . ASN A 1 56 ? -0.721  4.287   -1.613  1.00 0.00 ? 53 ASN A N    1 
ATOM 843  C CA   . ASN A 1 56 ? -0.082  5.406   -0.850  1.00 0.00 ? 53 ASN A CA   1 
ATOM 844  C C    . ASN A 1 56 ? -0.642  5.883   0.518   1.00 0.00 ? 53 ASN A C    1 
ATOM 845  O O    . ASN A 1 56 ? -0.775  7.078   0.703   1.00 0.00 ? 53 ASN A O    1 
ATOM 846  C CB   . ASN A 1 56 ? -0.100  6.504   -1.799  1.00 0.00 ? 53 ASN A CB   1 
ATOM 847  C CG   . ASN A 1 56 ? 1.074   7.467   -1.625  1.00 0.00 ? 53 ASN A CG   1 
ATOM 848  O OD1  . ASN A 1 56 ? 2.176   7.073   -1.306  1.00 0.00 ? 53 ASN A OD1  1 
ATOM 849  N ND2  . ASN A 1 56 ? 0.865   8.737   -1.825  1.00 0.00 ? 53 ASN A ND2  1 
ATOM 850  H H    . ASN A 1 56 ? -1.545  4.457   -2.105  1.00 0.00 ? 53 ASN A H    1 
ATOM 851  H HA   . ASN A 1 56 ? 0.952   5.154   -0.693  1.00 0.00 ? 53 ASN A HA   1 
ATOM 852  H HB2  . ASN A 1 56 ? -0.275  6.117   -2.787  1.00 0.00 ? 53 ASN A HB2  1 
ATOM 853  H HB3  . ASN A 1 56 ? -0.971  7.033   -1.498  1.00 0.00 ? 53 ASN A HB3  1 
ATOM 854  H HD21 . ASN A 1 56 ? 0.021   9.037   -2.222  1.00 0.00 ? 53 ASN A HD21 1 
ATOM 855  H HD22 . ASN A 1 56 ? 1.551   9.392   -1.578  1.00 0.00 ? 53 ASN A HD22 1 
ATOM 856  N N    . PRO A 1 57 ? -0.952  5.028   1.448   1.00 0.00 ? 54 PRO A N    1 
ATOM 857  C CA   . PRO A 1 57 ? -1.489  5.499   2.750   1.00 0.00 ? 54 PRO A CA   1 
ATOM 858  C C    . PRO A 1 57 ? -0.602  6.521   3.493   1.00 0.00 ? 54 PRO A C    1 
ATOM 859  O O    . PRO A 1 57 ? -1.021  7.061   4.496   1.00 0.00 ? 54 PRO A O    1 
ATOM 860  C CB   . PRO A 1 57 ? -1.700  4.248   3.554   1.00 0.00 ? 54 PRO A CB   1 
ATOM 861  C CG   . PRO A 1 57 ? -1.402  3.048   2.627   1.00 0.00 ? 54 PRO A CG   1 
ATOM 862  C CD   . PRO A 1 57 ? -0.815  3.563   1.329   1.00 0.00 ? 54 PRO A CD   1 
ATOM 863  H HA   . PRO A 1 57 ? -2.448  5.963   2.568   1.00 0.00 ? 54 PRO A HA   1 
ATOM 864  H HB2  . PRO A 1 57 ? -1.059  4.230   4.422   1.00 0.00 ? 54 PRO A HB2  1 
ATOM 865  H HB3  . PRO A 1 57 ? -2.728  4.217   3.870   1.00 0.00 ? 54 PRO A HB3  1 
ATOM 866  H HG2  . PRO A 1 57 ? -0.737  2.344   3.097   1.00 0.00 ? 54 PRO A HG2  1 
ATOM 867  H HG3  . PRO A 1 57 ? -2.326  2.556   2.397   1.00 0.00 ? 54 PRO A HG3  1 
ATOM 868  H HD2  . PRO A 1 57 ? 0.221   3.297   1.213   1.00 0.00 ? 54 PRO A HD2  1 
ATOM 869  H HD3  . PRO A 1 57 ? -1.386  3.208   0.491   1.00 0.00 ? 54 PRO A HD3  1 
ATOM 870  N N    . ASP A 1 58 ? 0.585   6.756   2.986   1.00 0.00 ? 55 ASP A N    1 
ATOM 871  C CA   . ASP A 1 58 ? 1.521   7.724   3.628   1.00 0.00 ? 55 ASP A CA   1 
ATOM 872  C C    . ASP A 1 58 ? 2.048   8.767   2.622   1.00 0.00 ? 55 ASP A C    1 
ATOM 873  O O    . ASP A 1 58 ? 1.604   9.899   2.648   1.00 0.00 ? 55 ASP A O    1 
ATOM 874  C CB   . ASP A 1 58 ? 2.679   6.900   4.247   1.00 0.00 ? 55 ASP A CB   1 
ATOM 875  C CG   . ASP A 1 58 ? 3.584   7.817   5.084   1.00 0.00 ? 55 ASP A CG   1 
ATOM 876  O OD1  . ASP A 1 58 ? 3.149   8.158   6.173   1.00 0.00 ? 55 ASP A OD1  1 
ATOM 877  O OD2  . ASP A 1 58 ? 4.655   8.121   4.582   1.00 0.00 ? 55 ASP A OD2  1 
ATOM 878  H H    . ASP A 1 58 ? 0.863   6.289   2.171   1.00 0.00 ? 55 ASP A H    1 
ATOM 879  H HA   . ASP A 1 58 ? 1.004   8.252   4.417   1.00 0.00 ? 55 ASP A HA   1 
ATOM 880  H HB2  . ASP A 1 58 ? 2.274   6.137   4.896   1.00 0.00 ? 55 ASP A HB2  1 
ATOM 881  H HB3  . ASP A 1 58 ? 3.264   6.414   3.479   1.00 0.00 ? 55 ASP A HB3  1 
ATOM 882  N N    . ASN A 1 59 ? 2.961   8.342   1.777   1.00 0.00 ? 56 ASN A N    1 
ATOM 883  C CA   . ASN A 1 59 ? 3.625   9.170   0.717   1.00 0.00 ? 56 ASN A CA   1 
ATOM 884  C C    . ASN A 1 59 ? 5.009   8.521   0.550   1.00 0.00 ? 56 ASN A C    1 
ATOM 885  O O    . ASN A 1 59 ? 6.032   9.179   0.536   1.00 0.00 ? 56 ASN A O    1 
ATOM 886  C CB   . ASN A 1 59 ? 3.805   10.680  1.159   1.00 0.00 ? 56 ASN A CB   1 
ATOM 887  C CG   . ASN A 1 59 ? 2.744   11.577  0.498   1.00 0.00 ? 56 ASN A CG   1 
ATOM 888  O OD1  . ASN A 1 59 ? 2.897   12.779  0.427   1.00 0.00 ? 56 ASN A OD1  1 
ATOM 889  N ND2  . ASN A 1 59 ? 1.661   11.048  0.002   1.00 0.00 ? 56 ASN A ND2  1 
ATOM 890  H H    . ASN A 1 59 ? 3.239   7.406   1.820   1.00 0.00 ? 56 ASN A H    1 
ATOM 891  H HA   . ASN A 1 59 ? 3.080   9.074   -0.210  1.00 0.00 ? 56 ASN A HA   1 
ATOM 892  H HB2  . ASN A 1 59 ? 3.737   10.790  2.230   1.00 0.00 ? 56 ASN A HB2  1 
ATOM 893  H HB3  . ASN A 1 59 ? 4.767   11.059  0.852   1.00 0.00 ? 56 ASN A HB3  1 
ATOM 894  H HD21 . ASN A 1 59 ? 1.368   10.163  0.303   1.00 0.00 ? 56 ASN A HD21 1 
ATOM 895  H HD22 . ASN A 1 59 ? 1.142   11.535  -0.670  1.00 0.00 ? 56 ASN A HD22 1 
ATOM 896  N N    . ARG A 1 60 ? 4.998   7.215   0.427   1.00 0.00 ? 57 ARG A N    1 
ATOM 897  C CA   . ARG A 1 60 ? 6.266   6.467   0.261   1.00 0.00 ? 57 ARG A CA   1 
ATOM 898  C C    . ARG A 1 60 ? 6.769   6.725   -1.156  1.00 0.00 ? 57 ARG A C    1 
ATOM 899  O O    . ARG A 1 60 ? 5.979   6.926   -2.056  1.00 0.00 ? 57 ARG A O    1 
ATOM 900  C CB   . ARG A 1 60 ? 5.991   4.991   0.505   1.00 0.00 ? 57 ARG A CB   1 
ATOM 901  C CG   . ARG A 1 60 ? 7.259   4.306   1.092   1.00 0.00 ? 57 ARG A CG   1 
ATOM 902  C CD   . ARG A 1 60 ? 6.900   3.531   2.380   1.00 0.00 ? 57 ARG A CD   1 
ATOM 903  N NE   . ARG A 1 60 ? 6.544   4.508   3.459   1.00 0.00 ? 57 ARG A NE   1 
ATOM 904  C CZ   . ARG A 1 60 ? 7.467   5.128   4.150   1.00 0.00 ? 57 ARG A CZ   1 
ATOM 905  N NH1  . ARG A 1 60 ? 8.564   4.505   4.488   1.00 0.00 ? 57 ARG A NH1  1 
ATOM 906  N NH2  . ARG A 1 60 ? 7.257   6.369   4.485   1.00 0.00 ? 57 ARG A NH2  1 
ATOM 907  H H    . ARG A 1 60 ? 4.165   6.713   0.437   1.00 0.00 ? 57 ARG A H    1 
ATOM 908  H HA   . ARG A 1 60 ? 6.962   6.782   0.998   1.00 0.00 ? 57 ARG A HA   1 
ATOM 909  H HB2  . ARG A 1 60 ? 5.177   4.915   1.207   1.00 0.00 ? 57 ARG A HB2  1 
ATOM 910  H HB3  . ARG A 1 60 ? 5.708   4.521   -0.417  1.00 0.00 ? 57 ARG A HB3  1 
ATOM 911  H HG2  . ARG A 1 60 ? 7.657   3.628   0.356   1.00 0.00 ? 57 ARG A HG2  1 
ATOM 912  H HG3  . ARG A 1 60 ? 8.031   5.026   1.325   1.00 0.00 ? 57 ARG A HG3  1 
ATOM 913  H HD2  . ARG A 1 60 ? 6.055   2.880   2.209   1.00 0.00 ? 57 ARG A HD2  1 
ATOM 914  H HD3  . ARG A 1 60 ? 7.736   2.929   2.702   1.00 0.00 ? 57 ARG A HD3  1 
ATOM 915  H HE   . ARG A 1 60 ? 5.600   4.690   3.654   1.00 0.00 ? 57 ARG A HE   1 
ATOM 916  H HH11 . ARG A 1 60 ? 8.781   3.616   4.085   1.00 0.00 ? 57 ARG A HH11 1 
ATOM 917  H HH12 . ARG A 1 60 ? 9.187   4.919   5.150   1.00 0.00 ? 57 ARG A HH12 1 
ATOM 918  H HH21 . ARG A 1 60 ? 6.326   6.733   4.493   1.00 0.00 ? 57 ARG A HH21 1 
ATOM 919  H HH22 . ARG A 1 60 ? 8.026   6.957   4.733   1.00 0.00 ? 57 ARG A HH22 1 
ATOM 920  N N    . ARG A 1 61 ? 8.062   6.714   -1.320  1.00 0.00 ? 58 ARG A N    1 
ATOM 921  C CA   . ARG A 1 61 ? 8.671   6.960   -2.674  1.00 0.00 ? 58 ARG A CA   1 
ATOM 922  C C    . ARG A 1 61 ? 8.062   6.069   -3.779  1.00 0.00 ? 58 ARG A C    1 
ATOM 923  O O    . ARG A 1 61 ? 8.268   6.304   -4.953  1.00 0.00 ? 58 ARG A O    1 
ATOM 924  C CB   . ARG A 1 61 ? 10.206  6.719   -2.581  1.00 0.00 ? 58 ARG A CB   1 
ATOM 925  C CG   . ARG A 1 61 ? 10.963  8.055   -2.803  1.00 0.00 ? 58 ARG A CG   1 
ATOM 926  C CD   . ARG A 1 61 ? 11.197  8.778   -1.450  1.00 0.00 ? 58 ARG A CD   1 
ATOM 927  N NE   . ARG A 1 61 ? 11.043  10.258  -1.636  1.00 0.00 ? 58 ARG A NE   1 
ATOM 928  C CZ   . ARG A 1 61 ? 11.758  10.915  -2.514  1.00 0.00 ? 58 ARG A CZ   1 
ATOM 929  N NH1  . ARG A 1 61 ? 13.019  10.619  -2.678  1.00 0.00 ? 58 ARG A NH1  1 
ATOM 930  N NH2  . ARG A 1 61 ? 11.177  11.855  -3.206  1.00 0.00 ? 58 ARG A NH2  1 
ATOM 931  H H    . ARG A 1 61 ? 8.616   6.542   -0.534  1.00 0.00 ? 58 ARG A H    1 
ATOM 932  H HA   . ARG A 1 61 ? 8.463   7.988   -2.940  1.00 0.00 ? 58 ARG A HA   1 
ATOM 933  H HB2  . ARG A 1 61 ? 10.462  6.296   -1.619  1.00 0.00 ? 58 ARG A HB2  1 
ATOM 934  H HB3  . ARG A 1 61 ? 10.524  6.025   -3.346  1.00 0.00 ? 58 ARG A HB3  1 
ATOM 935  H HG2  . ARG A 1 61 ? 11.921  7.845   -3.256  1.00 0.00 ? 58 ARG A HG2  1 
ATOM 936  H HG3  . ARG A 1 61 ? 10.410  8.691   -3.477  1.00 0.00 ? 58 ARG A HG3  1 
ATOM 937  H HD2  . ARG A 1 61 ? 10.483  8.455   -0.707  1.00 0.00 ? 58 ARG A HD2  1 
ATOM 938  H HD3  . ARG A 1 61 ? 12.193  8.575   -1.083  1.00 0.00 ? 58 ARG A HD3  1 
ATOM 939  H HE   . ARG A 1 61 ? 10.394  10.746  -1.088  1.00 0.00 ? 58 ARG A HE   1 
ATOM 940  H HH11 . ARG A 1 61 ? 13.403  9.807   -2.239  1.00 0.00 ? 58 ARG A HH11 1 
ATOM 941  H HH12 . ARG A 1 61 ? 13.599  11.205  -3.242  1.00 0.00 ? 58 ARG A HH12 1 
ATOM 942  H HH21 . ARG A 1 61 ? 10.274  12.187  -2.936  1.00 0.00 ? 58 ARG A HH21 1 
ATOM 943  H HH22 . ARG A 1 61 ? 11.637  12.245  -4.004  1.00 0.00 ? 58 ARG A HH22 1 
ATOM 944  N N    . ARG A 1 62 ? 7.331   5.072   -3.350  1.00 0.00 ? 60 ARG A N    1 
ATOM 945  C CA   . ARG A 1 62 ? 6.659   4.112   -4.272  1.00 0.00 ? 60 ARG A CA   1 
ATOM 946  C C    . ARG A 1 62 ? 5.500   3.485   -3.478  1.00 0.00 ? 60 ARG A C    1 
ATOM 947  O O    . ARG A 1 62 ? 5.646   3.288   -2.288  1.00 0.00 ? 60 ARG A O    1 
ATOM 948  C CB   . ARG A 1 62 ? 7.658   3.025   -4.714  1.00 0.00 ? 60 ARG A CB   1 
ATOM 949  C CG   . ARG A 1 62 ? 8.514   2.490   -3.525  1.00 0.00 ? 60 ARG A CG   1 
ATOM 950  C CD   . ARG A 1 62 ? 9.787   3.354   -3.342  1.00 0.00 ? 60 ARG A CD   1 
ATOM 951  N NE   . ARG A 1 62 ? 10.970  2.447   -3.245  1.00 0.00 ? 60 ARG A NE   1 
ATOM 952  C CZ   . ARG A 1 62 ? 12.171  2.927   -3.414  1.00 0.00 ? 60 ARG A CZ   1 
ATOM 953  N NH1  . ARG A 1 62 ? 12.522  3.355   -4.596  1.00 0.00 ? 60 ARG A NH1  1 
ATOM 954  N NH2  . ARG A 1 62 ? 12.983  2.964   -2.395  1.00 0.00 ? 60 ARG A NH2  1 
ATOM 955  H H    . ARG A 1 62 ? 7.217   4.946   -2.383  1.00 0.00 ? 60 ARG A H    1 
ATOM 956  H HA   . ARG A 1 62 ? 6.275   4.658   -5.121  1.00 0.00 ? 60 ARG A HA   1 
ATOM 957  H HB2  . ARG A 1 62 ? 7.121   2.204   -5.164  1.00 0.00 ? 60 ARG A HB2  1 
ATOM 958  H HB3  . ARG A 1 62 ? 8.291   3.462   -5.471  1.00 0.00 ? 60 ARG A HB3  1 
ATOM 959  H HG2  . ARG A 1 62 ? 7.941   2.503   -2.610  1.00 0.00 ? 60 ARG A HG2  1 
ATOM 960  H HG3  . ARG A 1 62 ? 8.793   1.466   -3.727  1.00 0.00 ? 60 ARG A HG3  1 
ATOM 961  H HD2  . ARG A 1 62 ? 9.932   4.027   -4.173  1.00 0.00 ? 60 ARG A HD2  1 
ATOM 962  H HD3  . ARG A 1 62 ? 9.718   3.930   -2.431  1.00 0.00 ? 60 ARG A HD3  1 
ATOM 963  H HE   . ARG A 1 62 ? 10.845  1.493   -3.054  1.00 0.00 ? 60 ARG A HE   1 
ATOM 964  H HH11 . ARG A 1 62 ? 11.914  3.212   -5.377  1.00 0.00 ? 60 ARG A HH11 1 
ATOM 965  H HH12 . ARG A 1 62 ? 13.395  3.824   -4.720  1.00 0.00 ? 60 ARG A HH12 1 
ATOM 966  H HH21 . ARG A 1 62 ? 12.671  2.658   -1.496  1.00 0.00 ? 60 ARG A HH21 1 
ATOM 967  H HH22 . ARG A 1 62 ? 13.918  3.297   -2.515  1.00 0.00 ? 60 ARG A HH22 1 
ATOM 968  N N    . PRO A 1 63 ? 4.391   3.181   -4.120  1.00 0.00 ? 61 PRO A N    1 
ATOM 969  C CA   . PRO A 1 63 ? 3.227   2.579   -3.437  1.00 0.00 ? 61 PRO A CA   1 
ATOM 970  C C    . PRO A 1 63 ? 3.663   1.390   -2.562  1.00 0.00 ? 61 PRO A C    1 
ATOM 971  O O    . PRO A 1 63 ? 4.424   0.558   -3.015  1.00 0.00 ? 61 PRO A O    1 
ATOM 972  C CB   . PRO A 1 63 ? 2.249   2.157   -4.539  1.00 0.00 ? 61 PRO A CB   1 
ATOM 973  C CG   . PRO A 1 63 ? 2.773   2.783   -5.853  1.00 0.00 ? 61 PRO A CG   1 
ATOM 974  C CD   . PRO A 1 63 ? 4.168   3.389   -5.562  1.00 0.00 ? 61 PRO A CD   1 
ATOM 975  H HA   . PRO A 1 63 ? 2.784   3.372   -2.860  1.00 0.00 ? 61 PRO A HA   1 
ATOM 976  H HB2  . PRO A 1 63 ? 2.194   1.081   -4.631  1.00 0.00 ? 61 PRO A HB2  1 
ATOM 977  H HB3  . PRO A 1 63 ? 1.262   2.537   -4.323  1.00 0.00 ? 61 PRO A HB3  1 
ATOM 978  H HG2  . PRO A 1 63 ? 2.839   2.025   -6.618  1.00 0.00 ? 61 PRO A HG2  1 
ATOM 979  H HG3  . PRO A 1 63 ? 2.096   3.558   -6.182  1.00 0.00 ? 61 PRO A HG3  1 
ATOM 980  H HD2  . PRO A 1 63 ? 4.949   2.877   -6.095  1.00 0.00 ? 61 PRO A HD2  1 
ATOM 981  H HD3  . PRO A 1 63 ? 4.191   4.444   -5.777  1.00 0.00 ? 61 PRO A HD3  1 
ATOM 982  N N    . TRP A 1 64 ? 3.177   1.353   -1.348  1.00 0.00 ? 62 TRP A N    1 
ATOM 983  C CA   . TRP A 1 64 ? 3.500   0.278   -0.383  1.00 0.00 ? 62 TRP A CA   1 
ATOM 984  C C    . TRP A 1 64 ? 2.218   -0.353  0.157   1.00 0.00 ? 62 TRP A C    1 
ATOM 985  O O    . TRP A 1 64 ? 1.122   0.032   -0.199  1.00 0.00 ? 62 TRP A O    1 
ATOM 986  C CB   . TRP A 1 64 ? 4.247   0.777   0.833   1.00 0.00 ? 62 TRP A CB   1 
ATOM 987  C CG   . TRP A 1 64 ? 3.533   1.965   1.381   1.00 0.00 ? 62 TRP A CG   1 
ATOM 988  C CD1  . TRP A 1 64 ? 3.548   3.138   0.762   1.00 0.00 ? 62 TRP A CD1  1 
ATOM 989  C CD2  . TRP A 1 64 ? 2.791   2.012   2.487   1.00 0.00 ? 62 TRP A CD2  1 
ATOM 990  N NE1  . TRP A 1 64 ? 2.788   3.890   1.530   1.00 0.00 ? 62 TRP A NE1  1 
ATOM 991  C CE2  . TRP A 1 64 ? 2.281   3.296   2.601   1.00 0.00 ? 62 TRP A CE2  1 
ATOM 992  C CE3  . TRP A 1 64 ? 2.492   1.029   3.433   1.00 0.00 ? 62 TRP A CE3  1 
ATOM 993  C CZ2  . TRP A 1 64 ? 1.457   3.621   3.656   1.00 0.00 ? 62 TRP A CZ2  1 
ATOM 994  C CZ3  . TRP A 1 64 ? 1.657   1.363   4.504   1.00 0.00 ? 62 TRP A CZ3  1 
ATOM 995  C CH2  . TRP A 1 64 ? 1.138   2.658   4.616   1.00 0.00 ? 62 TRP A CH2  1 
ATOM 996  H H    . TRP A 1 64 ? 2.580   2.043   -1.037  1.00 0.00 ? 62 TRP A H    1 
ATOM 997  H HA   . TRP A 1 64 ? 4.140   -0.405  -0.873  1.00 0.00 ? 62 TRP A HA   1 
ATOM 998  H HB2  . TRP A 1 64 ? 4.222   0.047   1.582   1.00 0.00 ? 62 TRP A HB2  1 
ATOM 999  H HB3  . TRP A 1 64 ? 5.270   0.957   0.670   1.00 0.00 ? 62 TRP A HB3  1 
ATOM 1000 H HD1  . TRP A 1 64 ? 4.088   3.318   -0.148  1.00 0.00 ? 62 TRP A HD1  1 
ATOM 1001 H HE1  . TRP A 1 64 ? 2.606   4.830   1.324   1.00 0.00 ? 62 TRP A HE1  1 
ATOM 1002 H HE3  . TRP A 1 64 ? 2.917   0.027   3.331   1.00 0.00 ? 62 TRP A HE3  1 
ATOM 1003 H HZ2  . TRP A 1 64 ? 1.065   4.625   3.706   1.00 0.00 ? 62 TRP A HZ2  1 
ATOM 1004 H HZ3  . TRP A 1 64 ? 1.409   0.624   5.247   1.00 0.00 ? 62 TRP A HZ3  1 
ATOM 1005 H HH2  . TRP A 1 64 ? 0.483   2.918   5.434   1.00 0.00 ? 62 TRP A HH2  1 
ATOM 1006 N N    . CYS A 1 65 ? 2.433   -1.298  1.028   1.00 0.00 ? 63 CYS A N    1 
ATOM 1007 C CA   . CYS A 1 65 ? 1.294   -2.039  1.676   1.00 0.00 ? 63 CYS A CA   1 
ATOM 1008 C C    . CYS A 1 65 ? 1.767   -2.843  2.863   1.00 0.00 ? 63 CYS A C    1 
ATOM 1009 O O    . CYS A 1 65 ? 2.949   -3.072  2.997   1.00 0.00 ? 63 CYS A O    1 
ATOM 1010 C CB   . CYS A 1 65 ? 0.674   -3.048  0.743   1.00 0.00 ? 63 CYS A CB   1 
ATOM 1011 S SG   . CYS A 1 65 ? -1.060  -3.521  0.934   1.00 0.00 ? 63 CYS A SG   1 
ATOM 1012 H H    . CYS A 1 65 ? 3.381   -1.486  1.233   1.00 0.00 ? 63 CYS A H    1 
ATOM 1013 H HA   . CYS A 1 65 ? 0.553   -1.330  2.012   1.00 0.00 ? 63 CYS A HA   1 
ATOM 1014 H HB2  . CYS A 1 65 ? 0.836   -2.739  -0.267  1.00 0.00 ? 63 CYS A HB2  1 
ATOM 1015 H HB3  . CYS A 1 65 ? 1.223   -3.962  0.889   1.00 0.00 ? 63 CYS A HB3  1 
ATOM 1016 N N    . TYR A 1 66 ? 0.810   -3.248  3.661   1.00 0.00 ? 64 TYR A N    1 
ATOM 1017 C CA   . TYR A 1 66 ? 1.101   -4.057  4.869   1.00 0.00 ? 64 TYR A CA   1 
ATOM 1018 C C    . TYR A 1 66 ? 0.836   -5.469  4.366   1.00 0.00 ? 64 TYR A C    1 
ATOM 1019 O O    . TYR A 1 66 ? 0.008   -5.658  3.492   1.00 0.00 ? 64 TYR A O    1 
ATOM 1020 C CB   . TYR A 1 66 ? 0.148   -3.843  5.973   1.00 0.00 ? 64 TYR A CB   1 
ATOM 1021 C CG   . TYR A 1 66 ? 0.053   -2.430  6.553   1.00 0.00 ? 64 TYR A CG   1 
ATOM 1022 C CD1  . TYR A 1 66 ? -0.690  -1.444  5.936   1.00 0.00 ? 64 TYR A CD1  1 
ATOM 1023 C CD2  . TYR A 1 66 ? 0.706   -2.138  7.732   1.00 0.00 ? 64 TYR A CD2  1 
ATOM 1024 C CE1  . TYR A 1 66 ? -0.775  -0.187  6.498   1.00 0.00 ? 64 TYR A CE1  1 
ATOM 1025 C CE2  . TYR A 1 66 ? 0.619   -0.883  8.288   1.00 0.00 ? 64 TYR A CE2  1 
ATOM 1026 C CZ   . TYR A 1 66 ? -0.122  0.101   7.676   1.00 0.00 ? 64 TYR A CZ   1 
ATOM 1027 O OH   . TYR A 1 66 ? -0.210  1.356   8.242   1.00 0.00 ? 64 TYR A OH   1 
ATOM 1028 H H    . TYR A 1 66 ? -0.126  -3.040  3.468   1.00 0.00 ? 64 TYR A H    1 
ATOM 1029 H HA   . TYR A 1 66 ? 2.101   -3.940  5.193   1.00 0.00 ? 64 TYR A HA   1 
ATOM 1030 H HB2  . TYR A 1 66 ? -0.760  -4.110  5.513   1.00 0.00 ? 64 TYR A HB2  1 
ATOM 1031 H HB3  . TYR A 1 66 ? 0.345   -4.542  6.763   1.00 0.00 ? 64 TYR A HB3  1 
ATOM 1032 H HD1  . TYR A 1 66 ? -1.207  -1.652  5.012   1.00 0.00 ? 64 TYR A HD1  1 
ATOM 1033 H HD2  . TYR A 1 66 ? 1.293   -2.899  8.225   1.00 0.00 ? 64 TYR A HD2  1 
ATOM 1034 H HE1  . TYR A 1 66 ? -1.356  0.580   6.015   1.00 0.00 ? 64 TYR A HE1  1 
ATOM 1035 H HE2  . TYR A 1 66 ? 1.136   -0.671  9.212   1.00 0.00 ? 64 TYR A HE2  1 
ATOM 1036 H HH   . TYR A 1 66 ? 0.499   1.889   7.875   1.00 0.00 ? 64 TYR A HH   1 
ATOM 1037 N N    . VAL A 1 67 ? 1.524   -6.420  4.923   1.00 0.00 ? 65 VAL A N    1 
ATOM 1038 C CA   . VAL A 1 67 ? 1.340   -7.805  4.501   1.00 0.00 ? 65 VAL A CA   1 
ATOM 1039 C C    . VAL A 1 67 ? 1.170   -8.746  5.692   1.00 0.00 ? 65 VAL A C    1 
ATOM 1040 O O    . VAL A 1 67 ? 2.124   -9.078  6.369   1.00 0.00 ? 65 VAL A O    1 
ATOM 1041 C CB   . VAL A 1 67 ? 2.563   -8.123  3.666   1.00 0.00 ? 65 VAL A CB   1 
ATOM 1042 C CG1  . VAL A 1 67 ? 2.561   -9.596  3.371   1.00 0.00 ? 65 VAL A CG1  1 
ATOM 1043 C CG2  . VAL A 1 67 ? 2.528   -7.275  2.374   1.00 0.00 ? 65 VAL A CG2  1 
ATOM 1044 H H    . VAL A 1 67 ? 2.179   -6.263  5.618   1.00 0.00 ? 65 VAL A H    1 
ATOM 1045 H HA   . VAL A 1 67 ? 0.455   -7.881  3.883   1.00 0.00 ? 65 VAL A HA   1 
ATOM 1046 H HB   . VAL A 1 67 ? 3.456   -7.873  4.222   1.00 0.00 ? 65 VAL A HB   1 
ATOM 1047 H HG11 . VAL A 1 67 ? 1.591   -10.018 3.585   1.00 0.00 ? 65 VAL A HG11 1 
ATOM 1048 H HG12 . VAL A 1 67 ? 2.807   -9.769  2.344   1.00 0.00 ? 65 VAL A HG12 1 
ATOM 1049 H HG13 . VAL A 1 67 ? 3.296   -10.038 4.021   1.00 0.00 ? 65 VAL A HG13 1 
ATOM 1050 H HG21 . VAL A 1 67 ? 1.542   -6.899  2.190   1.00 0.00 ? 65 VAL A HG21 1 
ATOM 1051 H HG22 . VAL A 1 67 ? 3.184   -6.425  2.482   1.00 0.00 ? 65 VAL A HG22 1 
ATOM 1052 H HG23 . VAL A 1 67 ? 2.827   -7.847  1.512   1.00 0.00 ? 65 VAL A HG23 1 
ATOM 1053 N N    . GLN A 1 68 ? -0.061  -9.133  5.903   1.00 0.00 ? 66 GLN A N    1 
ATOM 1054 C CA   . GLN A 1 68 ? -0.377  -10.065 7.022   1.00 0.00 ? 66 GLN A CA   1 
ATOM 1055 C C    . GLN A 1 68 ? 0.404   -11.353 6.811   1.00 0.00 ? 66 GLN A C    1 
ATOM 1056 O O    . GLN A 1 68 ? 0.201   -12.060 5.841   1.00 0.00 ? 66 GLN A O    1 
ATOM 1057 C CB   . GLN A 1 68 ? -1.875  -10.378 7.031   1.00 0.00 ? 66 GLN A CB   1 
ATOM 1058 C CG   . GLN A 1 68 ? -2.543  -9.430  8.013   1.00 0.00 ? 66 GLN A CG   1 
ATOM 1059 C CD   . GLN A 1 68 ? -2.679  -10.132 9.368   1.00 0.00 ? 66 GLN A CD   1 
ATOM 1060 O OE1  . GLN A 1 68 ? -3.747  -10.549 9.769   1.00 0.00 ? 66 GLN A OE1  1 
ATOM 1061 N NE2  . GLN A 1 68 ? -1.612  -10.279 10.098  1.00 0.00 ? 66 GLN A NE2  1 
ATOM 1062 H H    . GLN A 1 68 ? -0.780  -8.794  5.330   1.00 0.00 ? 66 GLN A H    1 
ATOM 1063 H HA   . GLN A 1 68 ? -0.052  -9.619  7.950   1.00 0.00 ? 66 GLN A HA   1 
ATOM 1064 H HB2  . GLN A 1 68 ? -2.288  -10.243 6.043   1.00 0.00 ? 66 GLN A HB2  1 
ATOM 1065 H HB3  . GLN A 1 68 ? -2.047  -11.404 7.328   1.00 0.00 ? 66 GLN A HB3  1 
ATOM 1066 H HG2  . GLN A 1 68 ? -1.940  -8.539  8.133   1.00 0.00 ? 66 GLN A HG2  1 
ATOM 1067 H HG3  . GLN A 1 68 ? -3.516  -9.149  7.655   1.00 0.00 ? 66 GLN A HG3  1 
ATOM 1068 H HE21 . GLN A 1 68 ? -0.733  -10.369 9.675   1.00 0.00 ? 66 GLN A HE21 1 
ATOM 1069 H HE22 . GLN A 1 68 ? -1.689  -10.299 11.074  1.00 0.00 ? 66 GLN A HE22 1 
ATOM 1070 N N    . VAL A 1 69 A 1.276   -11.594 7.748   1.00 0.00 ? 66 VAL A N    1 
ATOM 1071 C CA   . VAL A 1 69 A 2.129   -12.817 7.695   1.00 0.00 ? 66 VAL A CA   1 
ATOM 1072 C C    . VAL A 1 69 A 2.023   -13.493 9.063   1.00 0.00 ? 66 VAL A C    1 
ATOM 1073 O O    . VAL A 1 69 A 2.679   -13.087 10.004  1.00 0.00 ? 66 VAL A O    1 
ATOM 1074 C CB   . VAL A 1 69 A 3.602   -12.399 7.384   1.00 0.00 ? 66 VAL A CB   1 
ATOM 1075 C CG1  . VAL A 1 69 A 4.528   -13.638 7.446   1.00 0.00 ? 66 VAL A CG1  1 
ATOM 1076 C CG2  . VAL A 1 69 A 3.701   -11.777 5.968   1.00 0.00 ? 66 VAL A CG2  1 
ATOM 1077 H H    . VAL A 1 69 A 1.353   -10.955 8.488   1.00 0.00 ? 66 VAL A H    1 
ATOM 1078 H HA   . VAL A 1 69 A 1.738   -13.476 6.932   1.00 0.00 ? 66 VAL A HA   1 
ATOM 1079 H HB   . VAL A 1 69 A 3.931   -11.671 8.114   1.00 0.00 ? 66 VAL A HB   1 
ATOM 1080 H HG11 . VAL A 1 69 A 4.183   -14.399 6.760   1.00 0.00 ? 66 VAL A HG11 1 
ATOM 1081 H HG12 . VAL A 1 69 A 5.536   -13.359 7.176   1.00 0.00 ? 66 VAL A HG12 1 
ATOM 1082 H HG13 . VAL A 1 69 A 4.543   -14.050 8.444   1.00 0.00 ? 66 VAL A HG13 1 
ATOM 1083 H HG21 . VAL A 1 69 A 2.753   -11.818 5.452   1.00 0.00 ? 66 VAL A HG21 1 
ATOM 1084 H HG22 . VAL A 1 69 A 4.004   -10.744 6.053   1.00 0.00 ? 66 VAL A HG22 1 
ATOM 1085 H HG23 . VAL A 1 69 A 4.433   -12.294 5.365   1.00 0.00 ? 66 VAL A HG23 1 
ATOM 1086 N N    . GLY A 1 70 ? 1.195   -14.506 9.134   1.00 0.00 ? 67 GLY A N    1 
ATOM 1087 C CA   . GLY A 1 70 ? 1.003   -15.248 10.418  1.00 0.00 ? 67 GLY A CA   1 
ATOM 1088 C C    . GLY A 1 70 ? 0.547   -14.273 11.508  1.00 0.00 ? 67 GLY A C    1 
ATOM 1089 O O    . GLY A 1 70 ? 1.183   -14.147 12.536  1.00 0.00 ? 67 GLY A O    1 
ATOM 1090 H H    . GLY A 1 70 ? 0.697   -14.779 8.335   1.00 0.00 ? 67 GLY A H    1 
ATOM 1091 H HA2  . GLY A 1 70 ? 0.250   -16.011 10.281  1.00 0.00 ? 67 GLY A HA2  1 
ATOM 1092 H HA3  . GLY A 1 70 ? 1.936   -15.707 10.710  1.00 0.00 ? 67 GLY A HA3  1 
ATOM 1093 N N    . LEU A 1 71 ? -0.551  -13.612 11.229  1.00 0.00 ? 68 LEU A N    1 
ATOM 1094 C CA   . LEU A 1 71 ? -1.139  -12.615 12.179  1.00 0.00 ? 68 LEU A CA   1 
ATOM 1095 C C    . LEU A 1 71 ? -0.157  -11.449 12.426  1.00 0.00 ? 68 LEU A C    1 
ATOM 1096 O O    . LEU A 1 71 ? -0.104  -10.899 13.510  1.00 0.00 ? 68 LEU A O    1 
ATOM 1097 C CB   . LEU A 1 71 ? -1.481  -13.346 13.517  1.00 0.00 ? 68 LEU A CB   1 
ATOM 1098 C CG   . LEU A 1 71 ? -2.651  -12.614 14.248  1.00 0.00 ? 68 LEU A CG   1 
ATOM 1099 C CD1  . LEU A 1 71 ? -3.939  -13.460 14.146  1.00 0.00 ? 68 LEU A CD1  1 
ATOM 1100 C CD2  . LEU A 1 71 ? -2.292  -12.411 15.736  1.00 0.00 ? 68 LEU A CD2  1 
ATOM 1101 H H    . LEU A 1 71 ? -0.998  -13.776 10.374  1.00 0.00 ? 68 LEU A H    1 
ATOM 1102 H HA   . LEU A 1 71 ? -2.038  -12.217 11.731  1.00 0.00 ? 68 LEU A HA   1 
ATOM 1103 H HB2  . LEU A 1 71 ? -1.756  -14.368 13.303  1.00 0.00 ? 68 LEU A HB2  1 
ATOM 1104 H HB3  . LEU A 1 71 ? -0.604  -13.369 14.147  1.00 0.00 ? 68 LEU A HB3  1 
ATOM 1105 H HG   . LEU A 1 71 ? -2.832  -11.647 13.802  1.00 0.00 ? 68 LEU A HG   1 
ATOM 1106 H HD11 . LEU A 1 71 ? -3.782  -14.444 14.565  1.00 0.00 ? 68 LEU A HD11 1 
ATOM 1107 H HD12 . LEU A 1 71 ? -4.743  -12.978 14.684  1.00 0.00 ? 68 LEU A HD12 1 
ATOM 1108 H HD13 . LEU A 1 71 ? -4.232  -13.565 13.111  1.00 0.00 ? 68 LEU A HD13 1 
ATOM 1109 H HD21 . LEU A 1 71 ? -1.959  -13.339 16.180  1.00 0.00 ? 68 LEU A HD21 1 
ATOM 1110 H HD22 . LEU A 1 71 ? -1.500  -11.681 15.825  1.00 0.00 ? 68 LEU A HD22 1 
ATOM 1111 H HD23 . LEU A 1 71 ? -3.152  -12.053 16.283  1.00 0.00 ? 68 LEU A HD23 1 
ATOM 1112 N N    . LYS A 1 72 ? 0.591   -11.108 11.402  1.00 0.00 ? 69 LYS A N    1 
ATOM 1113 C CA   . LYS A 1 72 ? 1.586   -9.992  11.515  1.00 0.00 ? 69 LYS A CA   1 
ATOM 1114 C C    . LYS A 1 72 ? 1.633   -9.103  10.241  1.00 0.00 ? 69 LYS A C    1 
ATOM 1115 O O    . LYS A 1 72 ? 2.425   -9.353  9.353   1.00 0.00 ? 69 LYS A O    1 
ATOM 1116 C CB   . LYS A 1 72 ? 2.978   -10.636 11.804  1.00 0.00 ? 69 LYS A CB   1 
ATOM 1117 C CG   . LYS A 1 72 ? 3.614   -10.006 13.061  1.00 0.00 ? 69 LYS A CG   1 
ATOM 1118 C CD   . LYS A 1 72 ? 4.994   -10.662 13.307  1.00 0.00 ? 69 LYS A CD   1 
ATOM 1119 C CE   . LYS A 1 72 ? 5.383   -10.523 14.787  1.00 0.00 ? 69 LYS A CE   1 
ATOM 1120 N NZ   . LYS A 1 72 ? 6.751   -11.073 15.004  1.00 0.00 ? 69 LYS A NZ   1 
ATOM 1121 H H    . LYS A 1 72 ? 0.500   -11.589 10.554  1.00 0.00 ? 69 LYS A H    1 
ATOM 1122 H HA   . LYS A 1 72 ? 1.313   -9.364  12.350  1.00 0.00 ? 69 LYS A HA   1 
ATOM 1123 H HB2  . LYS A 1 72 ? 2.851   -11.692 11.988  1.00 0.00 ? 69 LYS A HB2  1 
ATOM 1124 H HB3  . LYS A 1 72 ? 3.653   -10.518 10.969  1.00 0.00 ? 69 LYS A HB3  1 
ATOM 1125 H HG2  . LYS A 1 72 ? 3.739   -8.943  12.916  1.00 0.00 ? 69 LYS A HG2  1 
ATOM 1126 H HG3  . LYS A 1 72 ? 2.965   -10.166 13.912  1.00 0.00 ? 69 LYS A HG3  1 
ATOM 1127 H HD2  . LYS A 1 72 ? 4.964   -11.711 13.047  1.00 0.00 ? 69 LYS A HD2  1 
ATOM 1128 H HD3  . LYS A 1 72 ? 5.738   -10.178 12.691  1.00 0.00 ? 69 LYS A HD3  1 
ATOM 1129 H HE2  . LYS A 1 72 ? 5.378   -9.484  15.085  1.00 0.00 ? 69 LYS A HE2  1 
ATOM 1130 H HE3  . LYS A 1 72 ? 4.691   -11.071 15.410  1.00 0.00 ? 69 LYS A HE3  1 
ATOM 1131 H HZ1  . LYS A 1 72 ? 6.821   -12.013 14.566  1.00 0.00 ? 69 LYS A HZ1  1 
ATOM 1132 H HZ2  . LYS A 1 72 ? 7.453   -10.437 14.574  1.00 0.00 ? 69 LYS A HZ2  1 
ATOM 1133 H HZ3  . LYS A 1 72 ? 6.935   -11.152 16.025  1.00 0.00 ? 69 LYS A HZ3  1 
ATOM 1134 N N    . PRO A 1 73 ? 0.786   -8.092  10.169  1.00 0.00 ? 70 PRO A N    1 
ATOM 1135 C CA   . PRO A 1 73 ? 0.740   -7.163  9.002   1.00 0.00 ? 70 PRO A CA   1 
ATOM 1136 C C    . PRO A 1 73 ? 2.049   -6.372  9.024   1.00 0.00 ? 70 PRO A C    1 
ATOM 1137 O O    . PRO A 1 73 ? 2.311   -5.642  9.961   1.00 0.00 ? 70 PRO A O    1 
ATOM 1138 C CB   . PRO A 1 73 ? -0.494  -6.288  9.206   1.00 0.00 ? 70 PRO A CB   1 
ATOM 1139 C CG   . PRO A 1 73 ? -1.252  -6.947  10.375  1.00 0.00 ? 70 PRO A CG   1 
ATOM 1140 C CD   . PRO A 1 73 ? -0.226  -7.737  11.196  1.00 0.00 ? 70 PRO A CD   1 
ATOM 1141 H HA   . PRO A 1 73 ? 0.643   -7.720  8.087   1.00 0.00 ? 70 PRO A HA   1 
ATOM 1142 H HB2  . PRO A 1 73 ? -0.225  -5.272  9.453   1.00 0.00 ? 70 PRO A HB2  1 
ATOM 1143 H HB3  . PRO A 1 73 ? -1.102  -6.284  8.313   1.00 0.00 ? 70 PRO A HB3  1 
ATOM 1144 H HG2  . PRO A 1 73 ? -1.774  -6.212  10.958  1.00 0.00 ? 70 PRO A HG2  1 
ATOM 1145 H HG3  . PRO A 1 73 ? -1.954  -7.648  9.958   1.00 0.00 ? 70 PRO A HG3  1 
ATOM 1146 H HD2  . PRO A 1 73 ? 0.231   -7.123  11.959  1.00 0.00 ? 70 PRO A HD2  1 
ATOM 1147 H HD3  . PRO A 1 73 ? -0.659  -8.623  11.633  1.00 0.00 ? 70 PRO A HD3  1 
ATOM 1148 N N    . LEU A 1 74 ? 2.821   -6.551  7.987   1.00 0.00 ? 71 LEU A N    1 
ATOM 1149 C CA   . LEU A 1 74 ? 4.141   -5.839  7.889   1.00 0.00 ? 71 LEU A CA   1 
ATOM 1150 C C    . LEU A 1 74 ? 4.329   -5.086  6.570   1.00 0.00 ? 71 LEU A C    1 
ATOM 1151 O O    . LEU A 1 74 ? 4.160   -5.655  5.507   1.00 0.00 ? 71 LEU A O    1 
ATOM 1152 C CB   . LEU A 1 74 ? 5.262   -6.897  8.067   1.00 0.00 ? 71 LEU A CB   1 
ATOM 1153 C CG   . LEU A 1 74 ? 5.796   -6.861  9.528   1.00 0.00 ? 71 LEU A CG   1 
ATOM 1154 C CD1  . LEU A 1 74 ? 6.400   -8.234  9.895   1.00 0.00 ? 71 LEU A CD1  1 
ATOM 1155 C CD2  . LEU A 1 74 ? 6.888   -5.772  9.642   1.00 0.00 ? 71 LEU A CD2  1 
ATOM 1156 H H    . LEU A 1 74 ? 2.512   -7.159  7.279   1.00 0.00 ? 71 LEU A H    1 
ATOM 1157 H HA   . LEU A 1 74 ? 4.203   -5.112  8.685   1.00 0.00 ? 71 LEU A HA   1 
ATOM 1158 H HB2  . LEU A 1 74 ? 4.860   -7.878  7.852   1.00 0.00 ? 71 LEU A HB2  1 
ATOM 1159 H HB3  . LEU A 1 74 ? 6.072   -6.712  7.375   1.00 0.00 ? 71 LEU A HB3  1 
ATOM 1160 H HG   . LEU A 1 74 ? 4.993   -6.639  10.217  1.00 0.00 ? 71 LEU A HG   1 
ATOM 1161 H HD11 . LEU A 1 74 ? 7.158   -8.519  9.178   1.00 0.00 ? 71 LEU A HD11 1 
ATOM 1162 H HD12 . LEU A 1 74 ? 6.849   -8.193  10.877  1.00 0.00 ? 71 LEU A HD12 1 
ATOM 1163 H HD13 . LEU A 1 74 ? 5.627   -8.989  9.901   1.00 0.00 ? 71 LEU A HD13 1 
ATOM 1164 H HD21 . LEU A 1 74 ? 6.518   -4.832  9.261   1.00 0.00 ? 71 LEU A HD21 1 
ATOM 1165 H HD22 . LEU A 1 74 ? 7.171   -5.637  10.676  1.00 0.00 ? 71 LEU A HD22 1 
ATOM 1166 H HD23 . LEU A 1 74 ? 7.764   -6.053  9.075   1.00 0.00 ? 71 LEU A HD23 1 
ATOM 1167 N N    . VAL A 1 75 ? 4.680   -3.824  6.676   1.00 0.00 ? 72 VAL A N    1 
ATOM 1168 C CA   . VAL A 1 75 ? 4.886   -3.021  5.436   1.00 0.00 ? 72 VAL A CA   1 
ATOM 1169 C C    . VAL A 1 75 ? 6.225   -3.262  4.781   1.00 0.00 ? 72 VAL A C    1 
ATOM 1170 O O    . VAL A 1 75 ? 7.279   -3.280  5.387   1.00 0.00 ? 72 VAL A O    1 
ATOM 1171 C CB   . VAL A 1 75 ? 4.794   -1.497  5.689   1.00 0.00 ? 72 VAL A CB   1 
ATOM 1172 C CG1  . VAL A 1 75 ? 5.254   -0.730  4.380   1.00 0.00 ? 72 VAL A CG1  1 
ATOM 1173 C CG2  . VAL A 1 75 ? 3.313   -1.207  5.898   1.00 0.00 ? 72 VAL A CG2  1 
ATOM 1174 H H    . VAL A 1 75 ? 4.805   -3.415  7.557   1.00 0.00 ? 72 VAL A H    1 
ATOM 1175 H HA   . VAL A 1 75 ? 4.093   -3.213  4.740   1.00 0.00 ? 72 VAL A HA   1 
ATOM 1176 H HB   . VAL A 1 75 ? 5.380   -1.200  6.547   1.00 0.00 ? 72 VAL A HB   1 
ATOM 1177 H HG11 . VAL A 1 75 ? 4.815   -1.185  3.499   1.00 0.00 ? 72 VAL A HG11 1 
ATOM 1178 H HG12 . VAL A 1 75 ? 4.967   0.308   4.399   1.00 0.00 ? 72 VAL A HG12 1 
ATOM 1179 H HG13 . VAL A 1 75 ? 6.328   -0.784  4.263   1.00 0.00 ? 72 VAL A HG13 1 
ATOM 1180 H HG21 . VAL A 1 75 ? 2.934   -1.869  6.658   1.00 0.00 ? 72 VAL A HG21 1 
ATOM 1181 H HG22 . VAL A 1 75 ? 3.175   -0.183  6.195   1.00 0.00 ? 72 VAL A HG22 1 
ATOM 1182 H HG23 . VAL A 1 75 ? 2.766   -1.394  4.983   1.00 0.00 ? 72 VAL A HG23 1 
ATOM 1183 N N    . GLN A 1 76 ? 6.049   -3.437  3.509   1.00 0.00 ? 73 GLN A N    1 
ATOM 1184 C CA   . GLN A 1 76 ? 7.154   -3.685  2.556   1.00 0.00 ? 73 GLN A CA   1 
ATOM 1185 C C    . GLN A 1 76 ? 6.641   -2.931  1.330   1.00 0.00 ? 73 GLN A C    1 
ATOM 1186 O O    . GLN A 1 76 ? 5.515   -3.137  0.913   1.00 0.00 ? 73 GLN A O    1 
ATOM 1187 C CB   . GLN A 1 76 ? 7.281   -5.193  2.280   1.00 0.00 ? 73 GLN A CB   1 
ATOM 1188 C CG   . GLN A 1 76 ? 8.548   -5.779  2.938   1.00 0.00 ? 73 GLN A CG   1 
ATOM 1189 C CD   . GLN A 1 76 ? 8.407   -5.790  4.467   1.00 0.00 ? 73 GLN A CD   1 
ATOM 1190 O OE1  . GLN A 1 76 ? 7.432   -6.263  5.016   1.00 0.00 ? 73 GLN A OE1  1 
ATOM 1191 N NE2  . GLN A 1 76 ? 9.364   -5.278  5.192   1.00 0.00 ? 73 GLN A NE2  1 
ATOM 1192 H H    . GLN A 1 76 ? 5.120   -3.404  3.185   1.00 0.00 ? 73 GLN A H    1 
ATOM 1193 H HA   . GLN A 1 76 ? 8.067   -3.230  2.916   1.00 0.00 ? 73 GLN A HA   1 
ATOM 1194 H HB2  . GLN A 1 76 ? 6.411   -5.705  2.659   1.00 0.00 ? 73 GLN A HB2  1 
ATOM 1195 H HB3  . GLN A 1 76 ? 7.349   -5.354  1.215   1.00 0.00 ? 73 GLN A HB3  1 
ATOM 1196 H HG2  . GLN A 1 76 ? 8.692   -6.795  2.602   1.00 0.00 ? 73 GLN A HG2  1 
ATOM 1197 H HG3  . GLN A 1 76 ? 9.416   -5.196  2.665   1.00 0.00 ? 73 GLN A HG3  1 
ATOM 1198 H HE21 . GLN A 1 76 ? 10.141  -4.865  4.761   1.00 0.00 ? 73 GLN A HE21 1 
ATOM 1199 H HE22 . GLN A 1 76 ? 9.306   -5.306  6.169   1.00 0.00 ? 73 GLN A HE22 1 
ATOM 1200 N N    . GLU A 1 77 ? 7.466   -2.072  0.788   1.00 0.00 ? 74 GLU A N    1 
ATOM 1201 C CA   . GLU A 1 77 ? 7.039   -1.295  -0.416  1.00 0.00 ? 74 GLU A CA   1 
ATOM 1202 C C    . GLU A 1 77 ? 6.787   -2.275  -1.562  1.00 0.00 ? 74 GLU A C    1 
ATOM 1203 O O    . GLU A 1 77 ? 7.239   -3.399  -1.496  1.00 0.00 ? 74 GLU A O    1 
ATOM 1204 C CB   . GLU A 1 77 ? 8.153   -0.304  -0.788  1.00 0.00 ? 74 GLU A CB   1 
ATOM 1205 C CG   . GLU A 1 77 ? 7.974   0.984   0.044   1.00 0.00 ? 74 GLU A CG   1 
ATOM 1206 C CD   . GLU A 1 77 ? 9.341   1.626   0.342   1.00 0.00 ? 74 GLU A CD   1 
ATOM 1207 O OE1  . GLU A 1 77 ? 9.953   2.082   -0.609  1.00 0.00 ? 74 GLU A OE1  1 
ATOM 1208 O OE2  . GLU A 1 77 ? 9.698   1.629   1.508   1.00 0.00 ? 74 GLU A OE2  1 
ATOM 1209 H H    . GLU A 1 77 ? 8.360   -1.937  1.167   1.00 0.00 ? 74 GLU A H    1 
ATOM 1210 H HA   . GLU A 1 77 ? 6.115   -0.786  -0.185  1.00 0.00 ? 74 GLU A HA   1 
ATOM 1211 H HB2  . GLU A 1 77 ? 9.118   -0.753  -0.597  1.00 0.00 ? 74 GLU A HB2  1 
ATOM 1212 H HB3  . GLU A 1 77 ? 8.094   -0.056  -1.839  1.00 0.00 ? 74 GLU A HB3  1 
ATOM 1213 H HG2  . GLU A 1 77 ? 7.366   1.685   -0.507  1.00 0.00 ? 74 GLU A HG2  1 
ATOM 1214 H HG3  . GLU A 1 77 ? 7.479   0.766   0.981   1.00 0.00 ? 74 GLU A HG3  1 
ATOM 1215 N N    . CYS A 1 78 ? 6.078   -1.843  -2.570  1.00 0.00 ? 75 CYS A N    1 
ATOM 1216 C CA   . CYS A 1 78 ? 5.804   -2.761  -3.718  1.00 0.00 ? 75 CYS A CA   1 
ATOM 1217 C C    . CYS A 1 78 ? 6.895   -2.670  -4.793  1.00 0.00 ? 75 CYS A C    1 
ATOM 1218 O O    . CYS A 1 78 ? 7.551   -1.656  -4.941  1.00 0.00 ? 75 CYS A O    1 
ATOM 1219 C CB   . CYS A 1 78 ? 4.418   -2.410  -4.307  1.00 0.00 ? 75 CYS A CB   1 
ATOM 1220 S SG   . CYS A 1 78 ? 3.235   -3.780  -4.330  1.00 0.00 ? 75 CYS A SG   1 
ATOM 1221 H H    . CYS A 1 78 ? 5.733   -0.926  -2.564  1.00 0.00 ? 75 CYS A H    1 
ATOM 1222 H HA   . CYS A 1 78 ? 5.782   -3.773  -3.354  1.00 0.00 ? 75 CYS A HA   1 
ATOM 1223 H HB2  . CYS A 1 78 ? 3.973   -1.621  -3.723  1.00 0.00 ? 75 CYS A HB2  1 
ATOM 1224 H HB3  . CYS A 1 78 ? 4.524   -2.049  -5.318  1.00 0.00 ? 75 CYS A HB3  1 
ATOM 1225 N N    . MET A 1 79 ? 7.038   -3.764  -5.500  1.00 0.00 ? 76 MET A N    1 
ATOM 1226 C CA   . MET A 1 79 ? 8.050   -3.900  -6.602  1.00 0.00 ? 76 MET A CA   1 
ATOM 1227 C C    . MET A 1 79 ? 7.610   -3.209  -7.914  1.00 0.00 ? 76 MET A C    1 
ATOM 1228 O O    . MET A 1 79 ? 7.899   -3.668  -9.002  1.00 0.00 ? 76 MET A O    1 
ATOM 1229 C CB   . MET A 1 79 ? 8.278   -5.422  -6.816  1.00 0.00 ? 76 MET A CB   1 
ATOM 1230 C CG   . MET A 1 79 ? 9.736   -5.715  -7.226  1.00 0.00 ? 76 MET A CG   1 
ATOM 1231 S SD   . MET A 1 79 ? 10.406  -7.344  -6.807  1.00 0.00 ? 76 MET A SD   1 
ATOM 1232 C CE   . MET A 1 79 ? 9.680   -8.304  -8.162  1.00 0.00 ? 76 MET A CE   1 
ATOM 1233 H H    . MET A 1 79 ? 6.457   -4.527  -5.298  1.00 0.00 ? 76 MET A H    1 
ATOM 1234 H HA   . MET A 1 79 ? 8.969   -3.433  -6.273  1.00 0.00 ? 76 MET A HA   1 
ATOM 1235 H HB2  . MET A 1 79 ? 8.052   -5.953  -5.903  1.00 0.00 ? 76 MET A HB2  1 
ATOM 1236 H HB3  . MET A 1 79 ? 7.611   -5.787  -7.583  1.00 0.00 ? 76 MET A HB3  1 
ATOM 1237 H HG2  . MET A 1 79 ? 9.817   -5.590  -8.297  1.00 0.00 ? 76 MET A HG2  1 
ATOM 1238 H HG3  . MET A 1 79 ? 10.388  -4.985  -6.767  1.00 0.00 ? 76 MET A HG3  1 
ATOM 1239 H HE1  . MET A 1 79 ? 8.605   -8.202  -8.145  1.00 0.00 ? 76 MET A HE1  1 
ATOM 1240 H HE2  . MET A 1 79 ? 10.062  -7.946  -9.107  1.00 0.00 ? 76 MET A HE2  1 
ATOM 1241 H HE3  . MET A 1 79 ? 9.943   -9.344  -8.041  1.00 0.00 ? 76 MET A HE3  1 
ATOM 1242 N N    . VAL A 1 80 ? 6.921   -2.111  -7.754  1.00 0.00 ? 77 VAL A N    1 
ATOM 1243 C CA   . VAL A 1 80 ? 6.403   -1.296  -8.902  1.00 0.00 ? 77 VAL A CA   1 
ATOM 1244 C C    . VAL A 1 80 ? 7.508   -0.411  -9.508  1.00 0.00 ? 77 VAL A C    1 
ATOM 1245 O O    . VAL A 1 80 ? 8.678   -0.703  -9.357  1.00 0.00 ? 77 VAL A O    1 
ATOM 1246 C CB   . VAL A 1 80 ? 5.207   -0.453  -8.354  1.00 0.00 ? 77 VAL A CB   1 
ATOM 1247 C CG1  . VAL A 1 80 ? 4.017   -1.378  -8.026  1.00 0.00 ? 77 VAL A CG1  1 
ATOM 1248 C CG2  . VAL A 1 80 ? 5.617   0.323   -7.078  1.00 0.00 ? 77 VAL A CG2  1 
ATOM 1249 H H    . VAL A 1 80 ? 6.734   -1.807  -6.845  1.00 0.00 ? 77 VAL A H    1 
ATOM 1250 H HA   . VAL A 1 80 ? 6.044   -1.936  -9.690  1.00 0.00 ? 77 VAL A HA   1 
ATOM 1251 H HB   . VAL A 1 80 ? 4.860   0.237   -9.105  1.00 0.00 ? 77 VAL A HB   1 
ATOM 1252 H HG11 . VAL A 1 80 ? 4.355   -2.299  -7.573  1.00 0.00 ? 77 VAL A HG11 1 
ATOM 1253 H HG12 . VAL A 1 80 ? 3.335   -0.885  -7.350  1.00 0.00 ? 77 VAL A HG12 1 
ATOM 1254 H HG13 . VAL A 1 80 ? 3.486   -1.613  -8.937  1.00 0.00 ? 77 VAL A HG13 1 
ATOM 1255 H HG21 . VAL A 1 80 ? 6.478   0.946   -7.272  1.00 0.00 ? 77 VAL A HG21 1 
ATOM 1256 H HG22 . VAL A 1 80 ? 4.794   0.950   -6.772  1.00 0.00 ? 77 VAL A HG22 1 
ATOM 1257 H HG23 . VAL A 1 80 ? 5.844   -0.347  -6.264  1.00 0.00 ? 77 VAL A HG23 1 
ATOM 1258 N N    . HIS A 1 81 ? 7.084   0.631   -10.184 1.00 0.00 ? 78 HIS A N    1 
ATOM 1259 C CA   . HIS A 1 81 ? 8.009   1.610   -10.844 1.00 0.00 ? 78 HIS A CA   1 
ATOM 1260 C C    . HIS A 1 81 ? 8.632   2.580   -9.841  1.00 0.00 ? 78 HIS A C    1 
ATOM 1261 O O    . HIS A 1 81 ? 8.541   3.783   -9.967  1.00 0.00 ? 78 HIS A O    1 
ATOM 1262 C CB   . HIS A 1 81 ? 7.190   2.359   -11.935 1.00 0.00 ? 78 HIS A CB   1 
ATOM 1263 C CG   . HIS A 1 81 ? 7.407   1.644   -13.271 1.00 0.00 ? 78 HIS A CG   1 
ATOM 1264 N ND1  . HIS A 1 81 ? 8.548   1.527   -13.868 1.00 0.00 ? 78 HIS A ND1  1 
ATOM 1265 C CD2  . HIS A 1 81 ? 6.516   0.994   -14.107 1.00 0.00 ? 78 HIS A CD2  1 
ATOM 1266 C CE1  . HIS A 1 81 ? 8.396   0.868   -14.973 1.00 0.00 ? 78 HIS A CE1  1 
ATOM 1267 N NE2  . HIS A 1 81 ? 7.148   0.517   -15.162 1.00 0.00 ? 78 HIS A NE2  1 
ATOM 1268 H H    . HIS A 1 81 ? 6.118   0.756   -10.258 1.00 0.00 ? 78 HIS A H    1 
ATOM 1269 H HA   . HIS A 1 81 ? 8.823   1.083   -11.282 1.00 0.00 ? 78 HIS A HA   1 
ATOM 1270 H HB2  . HIS A 1 81 ? 6.135   2.346   -11.699 1.00 0.00 ? 78 HIS A HB2  1 
ATOM 1271 H HB3  . HIS A 1 81 ? 7.507   3.386   -12.049 1.00 0.00 ? 78 HIS A HB3  1 
ATOM 1272 H HD1  . HIS A 1 81 ? 9.397   1.883   -13.534 1.00 0.00 ? 78 HIS A HD1  1 
ATOM 1273 H HD2  . HIS A 1 81 ? 5.457   0.892   -13.922 1.00 0.00 ? 78 HIS A HD2  1 
ATOM 1274 H HE1  . HIS A 1 81 ? 9.200   0.636   -15.654 1.00 0.00 ? 78 HIS A HE1  1 
ATOM 1275 N N    . ASP A 1 82 ? 9.261   1.992   -8.862  1.00 0.00 ? 79 ASP A N    1 
ATOM 1276 C CA   . ASP A 1 82 ? 9.937   2.740   -7.769  1.00 0.00 ? 79 ASP A CA   1 
ATOM 1277 C C    . ASP A 1 82 ? 11.361  3.203   -8.117  1.00 0.00 ? 79 ASP A C    1 
ATOM 1278 O O    . ASP A 1 82 ? 11.903  4.062   -7.448  1.00 0.00 ? 79 ASP A O    1 
ATOM 1279 C CB   . ASP A 1 82 ? 9.951   1.818   -6.557  1.00 0.00 ? 79 ASP A CB   1 
ATOM 1280 C CG   . ASP A 1 82 ? 11.041  0.742   -6.716  1.00 0.00 ? 79 ASP A CG   1 
ATOM 1281 O OD1  . ASP A 1 82 ? 10.754  -0.228  -7.398  1.00 0.00 ? 79 ASP A OD1  1 
ATOM 1282 O OD2  . ASP A 1 82 ? 12.098  0.957   -6.144  1.00 0.00 ? 79 ASP A OD2  1 
ATOM 1283 H H    . ASP A 1 82 ? 9.298   1.017   -8.838  1.00 0.00 ? 79 ASP A H    1 
ATOM 1284 H HA   . ASP A 1 82 ? 9.343   3.605   -7.524  1.00 0.00 ? 79 ASP A HA   1 
ATOM 1285 H HB2  . ASP A 1 82 ? 10.146  2.402   -5.677  1.00 0.00 ? 79 ASP A HB2  1 
ATOM 1286 H HB3  . ASP A 1 82 ? 8.985   1.341   -6.459  1.00 0.00 ? 79 ASP A HB3  1 
ATOM 1287 N N    . CYS A 1 83 ? 11.913  2.613   -9.150  1.00 0.00 ? 80 CYS A N    1 
ATOM 1288 C CA   . CYS A 1 83 ? 13.297  2.949   -9.615  1.00 0.00 ? 80 CYS A CA   1 
ATOM 1289 C C    . CYS A 1 83 ? 14.297  2.598   -8.495  1.00 0.00 ? 80 CYS A C    1 
ATOM 1290 O O    . CYS A 1 83 ? 14.810  3.448   -7.793  1.00 0.00 ? 80 CYS A O    1 
ATOM 1291 C CB   . CYS A 1 83 ? 13.360  4.475   -9.990  1.00 0.00 ? 80 CYS A CB   1 
ATOM 1292 S SG   . CYS A 1 83 ? 13.618  4.847   -11.742 1.00 0.00 ? 80 CYS A SG   1 
ATOM 1293 H H    . CYS A 1 83 ? 11.403  1.931   -9.634  1.00 0.00 ? 80 CYS A H    1 
ATOM 1294 H HA   . CYS A 1 83 ? 13.524  2.347   -10.483 1.00 0.00 ? 80 CYS A HA   1 
ATOM 1295 H HB2  . CYS A 1 83 ? 12.440  4.959   -9.700  1.00 0.00 ? 80 CYS A HB2  1 
ATOM 1296 H HB3  . CYS A 1 83 ? 14.153  4.966   -9.447  1.00 0.00 ? 80 CYS A HB3  1 
ATOM 1297 N N    . ALA A 1 84 ? 14.523  1.313   -8.375  1.00 0.00 ? 81 ALA A N    1 
ATOM 1298 C CA   . ALA A 1 84 ? 15.464  0.768   -7.345  1.00 0.00 ? 81 ALA A CA   1 
ATOM 1299 C C    . ALA A 1 84 ? 16.893  0.753   -7.924  1.00 0.00 ? 81 ALA A C    1 
ATOM 1300 O O    . ALA A 1 84 ? 17.555  -0.266  -7.968  1.00 0.00 ? 81 ALA A O    1 
ATOM 1301 C CB   . ALA A 1 84 ? 14.998  -0.655  -6.977  1.00 0.00 ? 81 ALA A CB   1 
ATOM 1302 H H    . ALA A 1 84 ? 14.064  0.690   -8.976  1.00 0.00 ? 81 ALA A H    1 
ATOM 1303 H HA   . ALA A 1 84 ? 15.445  1.399   -6.468  1.00 0.00 ? 81 ALA A HA   1 
ATOM 1304 H HB1  . ALA A 1 84 ? 13.982  -0.636  -6.614  1.00 0.00 ? 81 ALA A HB1  1 
ATOM 1305 H HB2  . ALA A 1 84 ? 15.042  -1.298  -7.844  1.00 0.00 ? 81 ALA A HB2  1 
ATOM 1306 H HB3  . ALA A 1 84 ? 15.633  -1.065  -6.206  1.00 0.00 ? 81 ALA A HB3  1 
ATOM 1307 N N    . ASP A 1 85 ? 17.318  1.912   -8.357  1.00 0.00 ? 82 ASP A N    1 
ATOM 1308 C CA   . ASP A 1 85 ? 18.683  2.069   -8.951  1.00 0.00 ? 82 ASP A CA   1 
ATOM 1309 C C    . ASP A 1 85 ? 19.796  1.902   -7.899  1.00 0.00 ? 82 ASP A C    1 
ATOM 1310 O O    . ASP A 1 85 ? 20.851  1.440   -8.301  1.00 0.00 ? 82 ASP A O    1 
ATOM 1311 C CB   . ASP A 1 85 ? 18.775  3.466   -9.600  1.00 0.00 ? 82 ASP A CB   1 
ATOM 1312 C CG   . ASP A 1 85 ? 17.532  3.710   -10.477 1.00 0.00 ? 82 ASP A CG   1 
ATOM 1313 O OD1  . ASP A 1 85 ? 17.565  3.258   -11.611 1.00 0.00 ? 82 ASP A OD1  1 
ATOM 1314 O OD2  . ASP A 1 85 ? 16.617  4.333   -9.964  1.00 0.00 ? 82 ASP A OD2  1 
ATOM 1315 O OXT  . ASP A 1 85 ? 19.534  2.245   -6.756  1.00 0.00 ? 82 ASP A OXT  1 
ATOM 1316 H H    . ASP A 1 85 ? 16.733  2.694   -8.289  1.00 0.00 ? 82 ASP A H    1 
ATOM 1317 H HA   . ASP A 1 85 ? 18.808  1.316   -9.717  1.00 0.00 ? 82 ASP A HA   1 
ATOM 1318 H HB2  . ASP A 1 85 ? 18.831  4.232   -8.839  1.00 0.00 ? 82 ASP A HB2  1 
ATOM 1319 H HB3  . ASP A 1 85 ? 19.659  3.527   -10.217 1.00 0.00 ? 82 ASP A HB3  1 
# 
